data_4XTO
#
_entry.id   4XTO
#
_cell.length_a   127.100
_cell.length_b   238.980
_cell.length_c   132.480
_cell.angle_alpha   90.00
_cell.angle_beta   90.00
_cell.angle_gamma   90.00
#
_symmetry.space_group_name_H-M   'C 2 2 21'
#
loop_
_entity.id
_entity.type
_entity.pdbx_description
1 polymer 'Sodium pumping rhodopsin'
2 non-polymer 'SODIUM ION'
3 non-polymer EICOSANE
4 water water
#
_entity_poly.entity_id   1
_entity_poly.type   'polypeptide(L)'
_entity_poly.pdbx_seq_one_letter_code
;MTQELGNANFENFIGATEGFSEIAYQFTSHILTLGYAVMLAGLLYFILTIKNVDKKFQMSNILSAVVMVSAFLLLYAQAQ
NWTSSFTFNEEVGRYFLDPSGDLFNNGYRYLNWLIDVPMLLFQILFVVSLTTSKFSSVRNQFWFSGAMMIITGYIGQFYE
VSNLTAFLVWGAISSAFFFHILWVMKKVINEGKEGISPAGQKILSNIWILFLISWTLYPGAYLMPYLTGVDGFLYSEDGV
MARQLVYTIADVSS(LYR)VIYGVLLGNLAITLSKNKELVEANSLEHHHHHH
;
_entity_poly.pdbx_strand_id   A,B,C,D,E
#
loop_
_chem_comp.id
_chem_comp.type
_chem_comp.name
_chem_comp.formula
LFA non-polymer EICOSANE 'C20 H42'
NA non-polymer 'SODIUM ION' 'Na 1'
#
# COMPACT_ATOMS: atom_id res chain seq x y z
N GLU A 4 31.62 17.25 10.14
CA GLU A 4 30.80 18.24 10.88
C GLU A 4 29.33 17.80 10.92
N LEU A 5 29.04 16.81 11.76
CA LEU A 5 27.69 16.24 11.85
C LEU A 5 26.74 17.14 12.63
N GLY A 6 27.20 17.64 13.77
CA GLY A 6 26.39 18.51 14.62
C GLY A 6 25.62 17.72 15.66
N ASN A 7 24.38 18.13 15.92
CA ASN A 7 23.53 17.45 16.88
C ASN A 7 22.86 16.24 16.25
N ALA A 8 23.65 15.20 15.95
CA ALA A 8 23.14 14.01 15.30
C ALA A 8 23.30 12.79 16.19
N ASN A 9 22.53 11.74 15.90
CA ASN A 9 22.59 10.50 16.67
C ASN A 9 23.96 9.82 16.51
N PHE A 10 24.36 9.08 17.53
CA PHE A 10 25.71 8.51 17.56
C PHE A 10 25.91 7.43 16.50
N GLU A 11 24.81 6.89 15.99
CA GLU A 11 24.89 5.93 14.89
C GLU A 11 25.68 6.54 13.73
N ASN A 12 25.46 7.83 13.49
CA ASN A 12 26.12 8.54 12.40
C ASN A 12 27.62 8.67 12.65
N PHE A 13 28.00 9.05 13.86
CA PHE A 13 29.40 9.19 14.23
C PHE A 13 30.12 7.85 14.07
N ILE A 14 29.43 6.77 14.42
CA ILE A 14 29.98 5.44 14.20
C ILE A 14 30.11 5.19 12.70
N GLY A 15 29.06 5.54 11.96
CA GLY A 15 29.04 5.31 10.52
C GLY A 15 30.02 6.21 9.78
N ALA A 16 30.27 7.38 10.34
CA ALA A 16 31.12 8.38 9.70
C ALA A 16 32.61 8.10 9.92
N THR A 17 32.91 7.20 10.85
CA THR A 17 34.30 6.93 11.20
C THR A 17 34.66 5.45 11.04
N GLU A 18 34.35 4.65 12.05
CA GLU A 18 34.65 3.21 11.99
C GLU A 18 33.87 2.56 10.86
N GLY A 19 32.63 2.99 10.69
CA GLY A 19 31.71 2.34 9.78
C GLY A 19 31.05 1.15 10.45
N PHE A 20 30.15 0.50 9.73
CA PHE A 20 29.49 -0.70 10.25
C PHE A 20 29.96 -1.91 9.46
N SER A 21 30.07 -3.04 10.14
CA SER A 21 30.40 -4.30 9.48
C SER A 21 29.12 -4.83 8.84
N GLU A 22 29.28 -5.80 7.95
CA GLU A 22 28.12 -6.45 7.34
C GLU A 22 27.12 -6.83 8.42
N ILE A 23 27.58 -7.61 9.40
CA ILE A 23 26.71 -8.09 10.48
C ILE A 23 26.03 -6.94 11.21
N ALA A 24 26.78 -5.91 11.54
CA ALA A 24 26.23 -4.77 12.28
C ALA A 24 25.12 -4.10 11.48
N TYR A 25 25.43 -3.79 10.21
CA TYR A 25 24.46 -3.13 9.34
C TYR A 25 23.27 -4.03 9.05
N GLN A 26 23.54 -5.23 8.54
CA GLN A 26 22.47 -6.16 8.18
C GLN A 26 21.50 -6.40 9.33
N PHE A 27 22.02 -6.81 10.49
CA PHE A 27 21.17 -7.11 11.64
C PHE A 27 20.28 -5.91 11.98
N THR A 28 20.89 -4.74 12.11
CA THR A 28 20.14 -3.54 12.45
C THR A 28 19.07 -3.30 11.38
N SER A 29 19.39 -3.65 10.15
CA SER A 29 18.47 -3.51 9.04
C SER A 29 17.29 -4.47 9.17
N HIS A 30 17.60 -5.74 9.47
CA HIS A 30 16.57 -6.77 9.62
C HIS A 30 15.71 -6.52 10.85
N ILE A 31 16.36 -6.28 11.98
CA ILE A 31 15.65 -6.06 13.23
C ILE A 31 14.71 -4.87 13.10
N LEU A 32 15.10 -3.87 12.31
CA LEU A 32 14.26 -2.69 12.10
C LEU A 32 13.07 -3.00 11.19
N THR A 33 13.27 -3.92 10.26
CA THR A 33 12.20 -4.37 9.37
C THR A 33 11.19 -5.21 10.14
N LEU A 34 11.72 -6.19 10.89
CA LEU A 34 10.89 -7.02 11.77
C LEU A 34 9.97 -6.14 12.60
N GLY A 35 10.53 -5.03 13.10
CA GLY A 35 9.78 -4.10 13.92
C GLY A 35 8.46 -3.72 13.30
N TYR A 36 8.49 -3.21 12.07
CA TYR A 36 7.26 -2.73 11.43
C TYR A 36 6.42 -3.86 10.84
N ALA A 37 7.07 -4.97 10.48
CA ALA A 37 6.35 -6.14 9.99
C ALA A 37 5.47 -6.70 11.10
N VAL A 38 5.98 -6.65 12.33
CA VAL A 38 5.23 -7.08 13.50
C VAL A 38 4.03 -6.19 13.73
N MET A 39 4.22 -4.88 13.56
CA MET A 39 3.15 -3.92 13.80
C MET A 39 1.96 -4.16 12.88
N LEU A 40 2.23 -4.46 11.62
CA LEU A 40 1.16 -4.65 10.66
C LEU A 40 0.44 -5.97 10.92
N ALA A 41 1.21 -6.97 11.33
CA ALA A 41 0.61 -8.25 11.69
C ALA A 41 -0.30 -8.05 12.89
N GLY A 42 0.17 -7.28 13.87
CA GLY A 42 -0.59 -7.01 15.07
C GLY A 42 -1.92 -6.36 14.74
N LEU A 43 -1.89 -5.44 13.78
CA LEU A 43 -3.09 -4.75 13.34
C LEU A 43 -4.15 -5.75 12.93
N LEU A 44 -3.78 -6.62 12.01
CA LEU A 44 -4.72 -7.61 11.48
C LEU A 44 -5.34 -8.41 12.63
N TYR A 45 -4.52 -8.74 13.61
CA TYR A 45 -4.97 -9.53 14.75
C TYR A 45 -6.06 -8.80 15.54
N PHE A 46 -5.79 -7.55 15.92
CA PHE A 46 -6.73 -6.79 16.73
C PHE A 46 -8.07 -6.63 16.01
N ILE A 47 -8.02 -6.27 14.74
CA ILE A 47 -9.23 -6.09 13.95
C ILE A 47 -10.04 -7.38 13.88
N LEU A 48 -9.38 -8.48 13.55
CA LEU A 48 -10.04 -9.75 13.39
C LEU A 48 -10.61 -10.32 14.70
N THR A 49 -10.18 -9.78 15.83
CA THR A 49 -10.67 -10.27 17.12
C THR A 49 -11.55 -9.25 17.84
N ILE A 50 -12.07 -8.28 17.10
CA ILE A 50 -12.96 -7.26 17.68
C ILE A 50 -14.26 -7.87 18.19
N LYS A 51 -14.70 -8.96 17.56
CA LYS A 51 -15.98 -9.58 17.89
C LYS A 51 -15.83 -10.71 18.91
N ASN A 52 -14.67 -10.79 19.55
CA ASN A 52 -14.43 -11.80 20.58
C ASN A 52 -14.70 -11.23 21.96
N VAL A 53 -15.04 -9.94 22.01
CA VAL A 53 -15.33 -9.28 23.28
C VAL A 53 -16.61 -8.46 23.19
N ASP A 54 -17.19 -8.15 24.34
CA ASP A 54 -18.41 -7.36 24.41
C ASP A 54 -18.22 -5.99 23.78
N LYS A 55 -19.31 -5.24 23.67
CA LYS A 55 -19.31 -3.94 23.00
C LYS A 55 -18.51 -2.90 23.79
N LYS A 56 -18.56 -2.98 25.11
CA LYS A 56 -17.96 -1.94 25.96
C LYS A 56 -16.44 -2.09 26.11
N PHE A 57 -15.90 -3.22 25.69
CA PHE A 57 -14.45 -3.43 25.76
C PHE A 57 -13.78 -3.27 24.41
N GLN A 58 -14.58 -3.02 23.37
CA GLN A 58 -14.08 -2.98 22.00
C GLN A 58 -13.20 -1.76 21.74
N MET A 59 -13.46 -0.67 22.45
CA MET A 59 -12.64 0.53 22.30
C MET A 59 -11.18 0.23 22.65
N SER A 60 -10.96 -0.88 23.34
CA SER A 60 -9.60 -1.34 23.61
C SER A 60 -8.97 -1.82 22.31
N ASN A 61 -9.53 -2.88 21.73
CA ASN A 61 -9.02 -3.44 20.48
C ASN A 61 -8.85 -2.38 19.39
N ILE A 62 -9.80 -1.45 19.32
CA ILE A 62 -9.73 -0.38 18.34
C ILE A 62 -8.46 0.44 18.52
N LEU A 63 -8.23 0.91 19.74
CA LEU A 63 -7.06 1.72 20.05
C LEU A 63 -5.75 0.97 19.77
N SER A 64 -5.72 -0.31 20.12
CA SER A 64 -4.58 -1.15 19.78
C SER A 64 -4.35 -1.10 18.28
N ALA A 65 -5.42 -1.29 17.52
CA ALA A 65 -5.36 -1.26 16.06
C ALA A 65 -4.82 0.08 15.56
N VAL A 66 -5.37 1.16 16.10
CA VAL A 66 -4.90 2.50 15.75
C VAL A 66 -3.40 2.62 15.98
N VAL A 67 -2.94 2.14 17.14
CA VAL A 67 -1.53 2.19 17.48
C VAL A 67 -0.71 1.39 16.46
N MET A 68 -1.18 0.18 16.14
CA MET A 68 -0.46 -0.68 15.21
C MET A 68 -0.20 0.05 13.89
N VAL A 69 -1.21 0.76 13.41
CA VAL A 69 -1.09 1.51 12.16
C VAL A 69 -0.02 2.58 12.31
N SER A 70 -0.22 3.47 13.26
CA SER A 70 0.75 4.51 13.58
C SER A 70 2.16 3.93 13.62
N ALA A 71 2.33 2.90 14.45
CA ALA A 71 3.64 2.25 14.61
C ALA A 71 4.20 1.80 13.27
N PHE A 72 3.42 1.01 12.54
CA PHE A 72 3.86 0.45 11.25
C PHE A 72 4.47 1.51 10.33
N LEU A 73 3.80 2.65 10.21
CA LEU A 73 4.22 3.70 9.30
C LEU A 73 5.55 4.33 9.72
N LEU A 74 5.68 4.60 11.02
CA LEU A 74 6.87 5.26 11.53
C LEU A 74 8.05 4.29 11.65
N LEU A 75 7.79 3.06 12.10
CA LEU A 75 8.83 2.05 12.14
C LEU A 75 9.29 1.71 10.73
N TYR A 76 8.40 1.87 9.76
CA TYR A 76 8.77 1.66 8.37
C TYR A 76 9.69 2.78 7.91
N ALA A 77 9.28 4.02 8.17
CA ALA A 77 10.11 5.17 7.86
C ALA A 77 11.48 5.03 8.51
N GLN A 78 11.48 4.60 9.77
CA GLN A 78 12.72 4.46 10.53
C GLN A 78 13.66 3.44 9.89
N ALA A 79 13.10 2.31 9.43
CA ALA A 79 13.91 1.28 8.81
C ALA A 79 14.51 1.77 7.50
N GLN A 80 13.71 2.52 6.73
CA GLN A 80 14.19 3.07 5.47
C GLN A 80 15.24 4.15 5.73
N ASN A 81 15.13 4.81 6.87
CA ASN A 81 16.12 5.81 7.25
C ASN A 81 17.47 5.14 7.53
N TRP A 82 17.44 3.97 8.12
CA TRP A 82 18.66 3.23 8.38
C TRP A 82 19.34 2.85 7.07
N THR A 83 18.62 2.15 6.21
CA THR A 83 19.19 1.65 4.96
C THR A 83 19.63 2.78 4.03
N SER A 84 18.92 3.90 4.08
CA SER A 84 19.24 5.05 3.26
C SER A 84 20.54 5.70 3.68
N SER A 85 20.75 5.83 4.99
CA SER A 85 21.82 6.64 5.53
C SER A 85 23.18 5.95 5.57
N PHE A 86 23.24 4.67 5.22
CA PHE A 86 24.51 3.94 5.28
C PHE A 86 24.72 3.04 4.07
N THR A 87 25.81 3.29 3.34
CA THR A 87 26.10 2.55 2.12
C THR A 87 27.35 1.70 2.25
N PHE A 88 27.37 0.60 1.52
CA PHE A 88 28.50 -0.33 1.56
C PHE A 88 29.69 0.23 0.80
N ASN A 89 30.86 0.18 1.42
CA ASN A 89 32.10 0.59 0.78
C ASN A 89 32.84 -0.63 0.28
N GLU A 90 32.84 -0.83 -1.03
CA GLU A 90 33.32 -2.07 -1.63
C GLU A 90 34.82 -2.32 -1.41
N GLU A 91 35.56 -1.27 -1.07
CA GLU A 91 37.02 -1.39 -0.94
C GLU A 91 37.47 -1.61 0.50
N VAL A 92 36.55 -1.52 1.44
CA VAL A 92 36.87 -1.80 2.85
C VAL A 92 35.87 -2.74 3.49
N GLY A 93 34.84 -3.13 2.74
CA GLY A 93 33.83 -4.08 3.23
C GLY A 93 33.09 -3.62 4.47
N ARG A 94 32.75 -2.34 4.52
CA ARG A 94 31.99 -1.79 5.64
C ARG A 94 30.99 -0.75 5.14
N TYR A 95 29.97 -0.50 5.95
CA TYR A 95 28.93 0.46 5.60
C TYR A 95 29.20 1.80 6.26
N PHE A 96 29.34 2.83 5.45
CA PHE A 96 29.65 4.17 5.96
C PHE A 96 28.52 5.15 5.69
N LEU A 97 28.49 6.22 6.47
CA LEU A 97 27.48 7.26 6.33
C LEU A 97 27.37 7.73 4.87
N ASP A 98 26.14 7.86 4.40
CA ASP A 98 25.88 8.32 3.04
C ASP A 98 25.09 9.61 3.10
N PRO A 99 25.80 10.75 3.15
CA PRO A 99 25.24 12.09 3.27
C PRO A 99 23.90 12.26 2.57
N SER A 100 23.81 11.83 1.32
CA SER A 100 22.63 12.05 0.49
C SER A 100 21.36 11.44 1.08
N GLY A 101 21.48 10.23 1.62
CA GLY A 101 20.33 9.54 2.21
C GLY A 101 19.88 10.11 3.55
N ASP A 102 20.33 11.33 3.86
CA ASP A 102 19.99 11.99 5.12
C ASP A 102 20.70 11.35 6.31
N LEU A 103 20.95 12.14 7.35
CA LEU A 103 21.49 11.61 8.59
C LEU A 103 20.47 10.71 9.26
N PHE A 104 20.94 9.64 9.87
CA PHE A 104 20.05 8.77 10.65
C PHE A 104 19.56 9.49 11.89
N ASN A 105 18.32 9.22 12.27
CA ASN A 105 17.76 9.79 13.47
C ASN A 105 16.65 8.91 14.00
N ASN A 106 16.60 8.74 15.32
CA ASN A 106 15.58 7.91 15.96
C ASN A 106 14.34 8.72 16.29
N GLY A 107 14.38 10.01 15.99
CA GLY A 107 13.24 10.90 16.24
C GLY A 107 11.94 10.43 15.60
N TYR A 108 12.05 9.68 14.50
CA TYR A 108 10.88 9.10 13.87
C TYR A 108 10.17 8.23 14.88
N ARG A 109 10.93 7.35 15.52
CA ARG A 109 10.39 6.44 16.52
C ARG A 109 9.85 7.24 17.71
N TYR A 110 10.58 8.25 18.13
CA TYR A 110 10.18 9.06 19.27
C TYR A 110 8.81 9.68 19.04
N LEU A 111 8.64 10.39 17.93
CA LEU A 111 7.35 11.05 17.64
C LEU A 111 6.22 10.04 17.48
N ASN A 112 6.56 8.82 17.07
CA ASN A 112 5.61 7.72 17.12
C ASN A 112 5.07 7.56 18.53
N TRP A 113 5.99 7.46 19.49
CA TRP A 113 5.62 7.35 20.90
C TRP A 113 4.63 8.45 21.30
N LEU A 114 4.83 9.64 20.76
CA LEU A 114 3.99 10.78 21.09
C LEU A 114 2.53 10.48 20.81
N ILE A 115 2.27 9.62 19.83
CA ILE A 115 0.91 9.18 19.53
C ILE A 115 0.52 7.97 20.38
N ASP A 116 1.39 6.97 20.41
CA ASP A 116 1.05 5.67 20.96
C ASP A 116 1.04 5.59 22.48
N VAL A 117 1.95 6.31 23.12
CA VAL A 117 2.00 6.31 24.58
C VAL A 117 0.64 6.70 25.17
N PRO A 118 0.11 7.86 24.76
CA PRO A 118 -1.22 8.27 25.25
C PRO A 118 -2.32 7.26 24.91
N MET A 119 -2.14 6.54 23.80
CA MET A 119 -3.11 5.54 23.37
C MET A 119 -3.04 4.29 24.24
N LEU A 120 -1.81 3.82 24.48
CA LEU A 120 -1.60 2.58 25.22
C LEU A 120 -2.01 2.73 26.68
N LEU A 121 -1.82 3.94 27.23
CA LEU A 121 -2.14 4.20 28.62
C LEU A 121 -3.64 4.42 28.81
N PHE A 122 -4.29 4.91 27.75
CA PHE A 122 -5.70 5.25 27.79
C PHE A 122 -6.56 4.02 27.55
N GLN A 123 -6.09 3.11 26.70
CA GLN A 123 -6.91 1.97 26.29
C GLN A 123 -7.14 0.96 27.40
N ILE A 124 -6.30 1.00 28.43
CA ILE A 124 -6.48 0.10 29.57
C ILE A 124 -7.69 0.55 30.38
N LEU A 125 -7.99 1.85 30.36
CA LEU A 125 -9.12 2.40 31.09
C LEU A 125 -10.46 1.96 30.50
N PHE A 126 -10.43 1.29 29.35
CA PHE A 126 -11.66 0.83 28.71
C PHE A 126 -11.94 -0.64 29.02
N VAL A 127 -11.05 -1.27 29.78
CA VAL A 127 -11.25 -2.66 30.18
C VAL A 127 -11.46 -2.74 31.68
N VAL A 128 -10.64 -2.03 32.45
CA VAL A 128 -10.74 -2.06 33.90
C VAL A 128 -11.56 -0.88 34.41
N SER A 129 -12.13 -1.06 35.60
CA SER A 129 -12.92 -0.03 36.24
C SER A 129 -12.14 0.58 37.40
N LEU A 130 -12.33 1.87 37.63
CA LEU A 130 -11.63 2.58 38.71
C LEU A 130 -12.49 2.66 39.97
N THR A 131 -11.89 2.29 41.10
CA THR A 131 -12.59 2.32 42.38
C THR A 131 -12.51 3.71 43.01
N THR A 132 -11.30 4.11 43.40
CA THR A 132 -11.10 5.38 44.12
C THR A 132 -10.81 6.53 43.16
N SER A 133 -9.89 6.30 42.22
CA SER A 133 -9.45 7.34 41.29
C SER A 133 -10.49 7.62 40.22
N LYS A 134 -10.39 8.79 39.59
CA LYS A 134 -11.39 9.26 38.64
C LYS A 134 -10.92 9.14 37.18
N PHE A 135 -11.73 8.50 36.36
CA PHE A 135 -11.41 8.24 34.95
C PHE A 135 -10.74 9.43 34.26
N SER A 136 -11.44 10.56 34.26
CA SER A 136 -10.95 11.76 33.58
C SER A 136 -9.58 12.17 34.09
N SER A 137 -9.41 12.17 35.42
CA SER A 137 -8.17 12.62 36.04
C SER A 137 -6.98 11.72 35.71
N VAL A 138 -7.16 10.41 35.87
CA VAL A 138 -6.12 9.44 35.55
C VAL A 138 -5.67 9.60 34.10
N ARG A 139 -6.63 9.77 33.20
CA ARG A 139 -6.35 9.98 31.79
C ARG A 139 -5.42 11.18 31.59
N ASN A 140 -5.88 12.35 32.04
CA ASN A 140 -5.11 13.59 31.87
C ASN A 140 -3.67 13.42 32.34
N GLN A 141 -3.50 12.96 33.56
CA GLN A 141 -2.16 12.71 34.08
C GLN A 141 -1.37 11.87 33.08
N PHE A 142 -1.91 10.71 32.73
CA PHE A 142 -1.28 9.86 31.73
C PHE A 142 -0.86 10.66 30.49
N TRP A 143 -1.75 11.52 30.02
CA TRP A 143 -1.50 12.27 28.80
C TRP A 143 -0.50 13.39 28.99
N PHE A 144 -0.64 14.16 30.07
CA PHE A 144 0.30 15.24 30.35
C PHE A 144 1.70 14.68 30.56
N SER A 145 1.81 13.67 31.42
CA SER A 145 3.09 13.05 31.69
C SER A 145 3.64 12.34 30.45
N GLY A 146 2.76 11.64 29.74
CA GLY A 146 3.15 10.93 28.53
C GLY A 146 3.76 11.85 27.49
N ALA A 147 3.04 12.91 27.13
CA ALA A 147 3.52 13.89 26.18
C ALA A 147 4.86 14.48 26.63
N MET A 148 4.86 15.11 27.80
CA MET A 148 6.07 15.75 28.32
C MET A 148 7.25 14.78 28.33
N MET A 149 6.99 13.52 28.68
CA MET A 149 8.03 12.51 28.75
C MET A 149 8.73 12.33 27.42
N ILE A 150 7.95 12.34 26.34
CA ILE A 150 8.49 12.13 25.00
C ILE A 150 9.11 13.40 24.46
N ILE A 151 8.36 14.50 24.51
CA ILE A 151 8.85 15.79 24.03
C ILE A 151 10.24 16.07 24.60
N THR A 152 10.43 15.84 25.89
CA THR A 152 11.72 16.10 26.53
C THR A 152 12.78 15.13 26.04
N GLY A 153 12.48 13.84 26.11
CA GLY A 153 13.42 12.81 25.66
C GLY A 153 13.78 13.00 24.20
N TYR A 154 12.79 13.39 23.42
CA TYR A 154 12.99 13.67 22.01
C TYR A 154 14.04 14.76 21.83
N ILE A 155 13.89 15.83 22.60
CA ILE A 155 14.83 16.94 22.54
C ILE A 155 16.23 16.50 22.96
N GLY A 156 16.31 15.71 24.01
CA GLY A 156 17.60 15.32 24.58
C GLY A 156 18.44 14.46 23.65
N GLN A 157 17.82 13.49 23.00
CA GLN A 157 18.56 12.50 22.22
C GLN A 157 19.31 13.13 21.06
N PHE A 158 18.92 14.35 20.68
CA PHE A 158 19.65 15.09 19.65
C PHE A 158 21.07 15.39 20.11
N TYR A 159 21.24 15.57 21.41
CA TYR A 159 22.54 15.98 21.97
C TYR A 159 23.29 14.81 22.55
N GLU A 160 22.87 13.60 22.23
CA GLU A 160 23.48 12.40 22.81
C GLU A 160 24.98 12.31 22.50
N VAL A 161 25.47 13.15 21.60
CA VAL A 161 26.90 13.20 21.28
C VAL A 161 27.44 14.62 21.36
N SER A 162 26.66 15.57 20.87
CA SER A 162 27.10 16.97 20.83
C SER A 162 27.07 17.64 22.20
N ASN A 163 26.42 17.02 23.18
CA ASN A 163 26.30 17.64 24.50
C ASN A 163 25.69 16.72 25.55
N LEU A 164 26.54 15.99 26.27
CA LEU A 164 26.09 15.06 27.31
C LEU A 164 25.25 15.75 28.38
N THR A 165 25.67 16.94 28.79
CA THR A 165 24.97 17.68 29.83
C THR A 165 23.49 17.83 29.48
N ALA A 166 23.22 18.46 28.35
CA ALA A 166 21.84 18.63 27.89
C ALA A 166 21.19 17.27 27.68
N PHE A 167 21.94 16.34 27.10
CA PHE A 167 21.47 14.98 26.91
C PHE A 167 20.89 14.43 28.20
N LEU A 168 21.70 14.42 29.25
CA LEU A 168 21.32 13.81 30.53
C LEU A 168 20.31 14.64 31.33
N VAL A 169 20.41 15.97 31.26
CA VAL A 169 19.44 16.82 31.92
C VAL A 169 18.04 16.54 31.40
N TRP A 170 17.87 16.64 30.09
CA TRP A 170 16.59 16.33 29.46
C TRP A 170 16.17 14.90 29.78
N GLY A 171 17.12 13.97 29.63
CA GLY A 171 16.85 12.58 29.97
C GLY A 171 16.32 12.44 31.38
N ALA A 172 16.79 13.30 32.27
CA ALA A 172 16.36 13.27 33.67
C ALA A 172 14.95 13.84 33.81
N ILE A 173 14.75 15.05 33.31
CA ILE A 173 13.44 15.67 33.35
C ILE A 173 12.38 14.73 32.75
N SER A 174 12.75 14.04 31.68
CA SER A 174 11.87 13.03 31.09
C SER A 174 11.60 11.93 32.10
N SER A 175 12.67 11.40 32.68
CA SER A 175 12.58 10.33 33.68
C SER A 175 11.58 10.69 34.78
N ALA A 176 11.59 11.96 35.17
CA ALA A 176 10.66 12.43 36.20
C ALA A 176 9.24 12.00 35.84
N PHE A 177 8.75 12.52 34.72
CA PHE A 177 7.41 12.18 34.26
C PHE A 177 7.25 10.67 34.15
N PHE A 178 8.30 9.98 33.72
CA PHE A 178 8.26 8.54 33.55
C PHE A 178 7.74 7.84 34.80
N PHE A 179 8.39 8.08 35.93
CA PHE A 179 8.00 7.45 37.18
C PHE A 179 6.56 7.81 37.54
N HIS A 180 6.16 9.05 37.25
CA HIS A 180 4.80 9.48 37.56
C HIS A 180 3.76 8.67 36.79
N ILE A 181 4.15 8.18 35.62
CA ILE A 181 3.28 7.31 34.85
C ILE A 181 3.25 5.93 35.52
N LEU A 182 4.43 5.40 35.81
CA LEU A 182 4.54 4.12 36.50
C LEU A 182 3.67 4.13 37.75
N TRP A 183 3.82 5.16 38.56
CA TRP A 183 3.05 5.32 39.77
C TRP A 183 1.56 5.17 39.46
N VAL A 184 1.07 6.04 38.59
CA VAL A 184 -0.35 6.06 38.26
C VAL A 184 -0.81 4.74 37.67
N MET A 185 0.05 4.10 36.87
CA MET A 185 -0.31 2.83 36.27
C MET A 185 -0.53 1.78 37.35
N LYS A 186 0.46 1.58 38.20
CA LYS A 186 0.34 0.63 39.32
C LYS A 186 -0.99 0.86 40.01
N LYS A 187 -1.27 2.13 40.32
CA LYS A 187 -2.52 2.54 40.93
C LYS A 187 -3.71 1.95 40.17
N VAL A 188 -3.74 2.19 38.85
CA VAL A 188 -4.83 1.73 38.00
C VAL A 188 -4.94 0.20 38.00
N ILE A 189 -3.80 -0.48 37.80
CA ILE A 189 -3.79 -1.93 37.76
C ILE A 189 -4.51 -2.52 38.97
N ASN A 190 -4.27 -1.92 40.13
CA ASN A 190 -4.88 -2.41 41.36
C ASN A 190 -6.39 -2.21 41.35
N GLU A 191 -6.81 -0.96 41.24
CA GLU A 191 -8.24 -0.63 41.23
C GLU A 191 -8.98 -1.48 40.18
N GLY A 192 -8.25 -1.92 39.16
CA GLY A 192 -8.81 -2.79 38.14
C GLY A 192 -9.01 -4.20 38.63
N LYS A 193 -8.06 -4.68 39.43
CA LYS A 193 -8.14 -6.04 39.98
C LYS A 193 -9.26 -6.16 41.01
N GLU A 194 -9.71 -5.02 41.53
CA GLU A 194 -10.81 -5.00 42.48
C GLU A 194 -12.11 -5.44 41.81
N GLY A 195 -12.59 -6.63 42.19
CA GLY A 195 -13.87 -7.12 41.70
C GLY A 195 -13.80 -7.68 40.29
N ILE A 196 -12.95 -8.68 40.09
CA ILE A 196 -12.88 -9.41 38.83
C ILE A 196 -12.29 -10.81 39.06
N SER A 197 -12.79 -11.79 38.32
CA SER A 197 -12.32 -13.16 38.46
C SER A 197 -10.81 -13.24 38.69
N PRO A 198 -10.36 -14.26 39.43
CA PRO A 198 -8.92 -14.43 39.63
C PRO A 198 -8.18 -14.42 38.30
N ALA A 199 -8.76 -15.06 37.29
CA ALA A 199 -8.16 -15.12 35.97
C ALA A 199 -7.87 -13.72 35.45
N GLY A 200 -8.87 -12.85 35.52
CA GLY A 200 -8.69 -11.47 35.15
C GLY A 200 -7.56 -10.82 35.93
N GLN A 201 -7.54 -11.06 37.23
CA GLN A 201 -6.51 -10.50 38.11
C GLN A 201 -5.13 -10.96 37.68
N LYS A 202 -4.99 -12.25 37.40
CA LYS A 202 -3.71 -12.82 37.00
C LYS A 202 -3.21 -12.15 35.73
N ILE A 203 -4.13 -11.86 34.82
CA ILE A 203 -3.79 -11.23 33.55
C ILE A 203 -3.29 -9.81 33.73
N LEU A 204 -3.99 -9.03 34.56
CA LEU A 204 -3.57 -7.67 34.86
C LEU A 204 -2.19 -7.66 35.51
N SER A 205 -1.92 -8.66 36.33
CA SER A 205 -0.62 -8.77 36.99
C SER A 205 0.47 -8.93 35.94
N ASN A 206 0.28 -9.89 35.04
CA ASN A 206 1.23 -10.12 33.96
C ASN A 206 1.37 -8.89 33.08
N ILE A 207 0.29 -8.14 32.94
CA ILE A 207 0.31 -6.89 32.20
C ILE A 207 1.25 -5.89 32.87
N TRP A 208 1.22 -5.84 34.20
CA TRP A 208 2.07 -4.92 34.95
C TRP A 208 3.55 -5.28 34.79
N ILE A 209 3.88 -6.56 34.99
CA ILE A 209 5.25 -7.02 34.79
C ILE A 209 5.72 -6.59 33.41
N LEU A 210 4.91 -6.90 32.41
CA LEU A 210 5.21 -6.56 31.02
C LEU A 210 5.41 -5.05 30.87
N PHE A 211 4.45 -4.29 31.37
CA PHE A 211 4.51 -2.84 31.29
C PHE A 211 5.77 -2.32 31.98
N LEU A 212 6.12 -2.95 33.09
CA LEU A 212 7.26 -2.51 33.89
C LEU A 212 8.57 -2.77 33.17
N ILE A 213 8.81 -4.02 32.80
CA ILE A 213 10.01 -4.39 32.08
C ILE A 213 10.17 -3.56 30.80
N SER A 214 9.22 -3.74 29.89
CA SER A 214 9.28 -3.10 28.57
C SER A 214 9.57 -1.61 28.65
N TRP A 215 8.71 -0.88 29.37
CA TRP A 215 8.83 0.58 29.45
C TRP A 215 10.15 1.03 30.05
N THR A 216 10.80 0.16 30.82
CA THR A 216 12.09 0.47 31.41
C THR A 216 13.21 0.32 30.37
N LEU A 217 12.97 -0.54 29.38
CA LEU A 217 13.95 -0.78 28.32
C LEU A 217 14.23 0.49 27.52
N TYR A 218 13.24 1.36 27.39
CA TYR A 218 13.37 2.56 26.57
C TYR A 218 14.49 3.47 27.07
N PRO A 219 14.41 3.92 28.33
CA PRO A 219 15.50 4.72 28.87
C PRO A 219 16.84 3.98 28.81
N GLY A 220 16.79 2.65 28.83
CA GLY A 220 18.01 1.85 28.71
C GLY A 220 18.67 2.05 27.36
N ALA A 221 17.85 2.10 26.31
CA ALA A 221 18.32 2.32 24.95
C ALA A 221 18.76 3.77 24.75
N TYR A 222 18.07 4.69 25.44
CA TYR A 222 18.40 6.11 25.39
C TYR A 222 19.83 6.36 25.85
N LEU A 223 20.29 5.56 26.80
CA LEU A 223 21.65 5.67 27.32
C LEU A 223 22.57 4.61 26.70
N MET A 224 21.99 3.70 25.93
CA MET A 224 22.70 2.53 25.40
C MET A 224 24.17 2.78 25.06
N PRO A 225 24.48 3.91 24.41
CA PRO A 225 25.86 4.18 24.02
C PRO A 225 26.85 4.25 25.18
N TYR A 226 26.39 4.71 26.34
CA TYR A 226 27.28 4.98 27.46
C TYR A 226 27.20 3.94 28.59
N LEU A 227 26.39 2.92 28.42
CA LEU A 227 26.18 1.93 29.48
C LEU A 227 27.43 1.12 29.81
N THR A 228 28.56 1.50 29.21
CA THR A 228 29.85 0.90 29.55
C THR A 228 30.96 1.95 29.47
N GLY A 229 30.64 3.17 29.91
CA GLY A 229 31.60 4.27 29.90
C GLY A 229 32.59 4.17 28.76
N ASP A 231 34.39 5.87 26.26
CA ASP A 231 34.59 4.95 25.14
C ASP A 231 34.83 3.53 25.64
N GLY A 232 33.76 2.89 26.10
CA GLY A 232 33.84 1.52 26.61
C GLY A 232 33.56 0.49 25.53
N PHE A 233 32.67 -0.45 25.84
CA PHE A 233 32.33 -1.53 24.92
C PHE A 233 31.11 -1.18 24.05
N LEU A 234 30.17 -0.43 24.61
CA LEU A 234 28.94 -0.10 23.90
C LEU A 234 28.99 1.27 23.23
N TYR A 235 30.20 1.81 23.05
CA TYR A 235 30.37 3.05 22.30
C TYR A 235 30.91 2.70 20.91
N SER A 236 30.32 1.67 20.31
CA SER A 236 30.75 1.17 19.01
C SER A 236 29.53 0.76 18.19
N GLU A 237 29.75 -0.10 17.19
CA GLU A 237 28.65 -0.60 16.38
C GLU A 237 27.83 -1.60 17.19
N ASP A 238 28.46 -2.19 18.19
CA ASP A 238 27.76 -3.09 19.11
C ASP A 238 26.69 -2.33 19.89
N GLY A 239 27.00 -1.08 20.23
CA GLY A 239 26.06 -0.23 20.95
C GLY A 239 24.87 0.13 20.08
N VAL A 240 25.12 0.32 18.79
CA VAL A 240 24.06 0.63 17.85
C VAL A 240 23.13 -0.57 17.73
N MET A 241 23.70 -1.73 17.41
CA MET A 241 22.94 -2.97 17.30
C MET A 241 22.07 -3.17 18.54
N ALA A 242 22.68 -3.00 19.70
CA ALA A 242 21.99 -3.20 20.96
C ALA A 242 20.80 -2.27 21.09
N ARG A 243 21.04 -0.98 20.87
CA ARG A 243 20.01 0.05 21.03
C ARG A 243 18.78 -0.23 20.17
N GLN A 244 18.99 -0.58 18.91
CA GLN A 244 17.88 -0.83 18.00
C GLN A 244 17.17 -2.13 18.33
N LEU A 245 17.92 -3.14 18.77
CA LEU A 245 17.33 -4.40 19.21
C LEU A 245 16.39 -4.14 20.37
N VAL A 246 16.90 -3.47 21.39
CA VAL A 246 16.09 -3.11 22.55
C VAL A 246 14.84 -2.34 22.12
N TYR A 247 15.05 -1.25 21.38
CA TYR A 247 13.94 -0.46 20.87
C TYR A 247 12.87 -1.34 20.23
N THR A 248 13.28 -2.19 19.29
CA THR A 248 12.33 -3.03 18.58
C THR A 248 11.62 -3.98 19.54
N ILE A 249 12.38 -4.66 20.40
CA ILE A 249 11.80 -5.53 21.40
C ILE A 249 10.80 -4.75 22.25
N ALA A 250 11.20 -3.56 22.69
CA ALA A 250 10.36 -2.72 23.54
C ALA A 250 9.02 -2.41 22.88
N ASP A 251 9.05 -2.03 21.61
CA ASP A 251 7.84 -1.68 20.90
C ASP A 251 6.92 -2.90 20.73
N VAL A 252 7.45 -3.97 20.16
CA VAL A 252 6.70 -5.21 20.03
C VAL A 252 5.97 -5.53 21.32
N SER A 253 6.67 -5.35 22.44
CA SER A 253 6.16 -5.71 23.75
C SER A 253 5.12 -4.71 24.25
N SER A 254 5.50 -3.44 24.30
CA SER A 254 4.72 -2.44 25.03
C SER A 254 3.46 -1.98 24.32
N LYR A 255 3.18 -2.52 23.14
CA LYR A 255 2.20 -2.35 22.05
C LYR A 255 1.48 -3.67 21.69
O LYR A 255 0.33 -3.86 22.05
CB LYR A 255 2.86 -1.74 20.80
CG LYR A 255 3.58 -0.44 21.18
CD LYR A 255 3.90 0.41 19.95
CE LYR A 255 5.34 0.94 20.03
NZ LYR A 255 5.37 2.26 20.65
C1 LYR A 255 5.35 2.39 21.97
C2 LYR A 255 6.34 3.11 22.63
C3 LYR A 255 6.37 3.41 23.99
C4 LYR A 255 5.25 2.94 24.91
C5 LYR A 255 7.46 4.16 24.52
C6 LYR A 255 7.63 4.53 25.84
C7 LYR A 255 8.73 5.41 25.96
C80 LYR A 255 9.42 5.69 27.13
C8 LYR A 255 9.01 5.01 28.44
C9 LYR A 255 10.53 6.62 27.11
C10 LYR A 255 11.22 6.90 28.25
C11 LYR A 255 12.33 7.83 28.25
C12 LYR A 255 12.99 8.08 29.41
C13 LYR A 255 12.54 7.37 30.68
C14 LYR A 255 14.18 9.04 29.54
C15 LYR A 255 14.83 9.21 28.18
C16 LYR A 255 13.78 9.63 27.17
C17 LYR A 255 12.74 8.52 26.93
C18 LYR A 255 11.48 9.15 26.32
C19 LYR A 255 13.32 7.46 26.00
N VAL A 256 2.16 -4.56 20.97
CA VAL A 256 1.52 -5.79 20.51
C VAL A 256 1.14 -6.69 21.68
N ILE A 257 2.14 -7.21 22.38
CA ILE A 257 1.91 -8.13 23.51
C ILE A 257 1.00 -7.48 24.55
N TYR A 258 1.33 -6.26 24.93
CA TYR A 258 0.50 -5.45 25.83
C TYR A 258 -0.96 -5.47 25.38
N GLY A 259 -1.18 -5.19 24.10
CA GLY A 259 -2.52 -5.19 23.53
C GLY A 259 -3.17 -6.55 23.54
N VAL A 260 -2.39 -7.58 23.19
CA VAL A 260 -2.91 -8.96 23.23
C VAL A 260 -3.45 -9.26 24.61
N LEU A 261 -2.65 -9.00 25.63
CA LEU A 261 -3.05 -9.26 27.01
C LEU A 261 -4.35 -8.54 27.34
N LEU A 262 -4.45 -7.26 26.99
CA LEU A 262 -5.67 -6.50 27.22
C LEU A 262 -6.85 -7.12 26.47
N GLY A 263 -6.57 -7.74 25.33
CA GLY A 263 -7.61 -8.38 24.54
C GLY A 263 -8.13 -9.62 25.24
N ASN A 264 -7.25 -10.33 25.93
CA ASN A 264 -7.64 -11.49 26.71
C ASN A 264 -8.37 -11.08 27.98
N LEU A 265 -7.91 -10.01 28.62
CA LEU A 265 -8.57 -9.51 29.80
C LEU A 265 -9.99 -9.09 29.46
N ALA A 266 -10.17 -8.61 28.22
CA ALA A 266 -11.48 -8.18 27.75
C ALA A 266 -12.39 -9.38 27.49
N ILE A 267 -11.79 -10.50 27.08
CA ILE A 267 -12.55 -11.73 26.89
C ILE A 267 -12.89 -12.36 28.24
N THR A 268 -11.94 -12.35 29.16
CA THR A 268 -12.17 -12.92 30.49
C THR A 268 -13.36 -12.25 31.16
N LEU A 269 -13.56 -10.96 30.87
CA LEU A 269 -14.72 -10.24 31.40
C LEU A 269 -15.90 -10.37 30.45
N SER A 270 -15.65 -10.93 29.28
CA SER A 270 -16.67 -11.07 28.24
C SER A 270 -16.97 -12.55 27.96
N GLN B 3 37.35 -7.76 -3.53
CA GLN B 3 36.48 -8.80 -2.93
C GLN B 3 36.66 -8.86 -1.41
N GLU B 4 36.48 -7.72 -0.75
CA GLU B 4 36.61 -7.63 0.70
C GLU B 4 35.23 -7.59 1.37
N LEU B 5 34.46 -8.66 1.16
CA LEU B 5 33.06 -8.69 1.57
C LEU B 5 32.87 -8.81 3.08
N GLY B 6 33.52 -9.81 3.67
CA GLY B 6 33.41 -10.06 5.11
C GLY B 6 32.50 -11.23 5.42
N ASN B 7 31.74 -11.09 6.51
CA ASN B 7 30.78 -12.12 6.90
C ASN B 7 29.48 -12.00 6.10
N ALA B 8 29.57 -12.36 4.82
CA ALA B 8 28.45 -12.15 3.90
C ALA B 8 28.02 -13.46 3.25
N ASN B 9 26.76 -13.50 2.81
CA ASN B 9 26.20 -14.69 2.18
C ASN B 9 26.89 -14.99 0.85
N PHE B 10 26.87 -16.26 0.46
CA PHE B 10 27.64 -16.71 -0.69
C PHE B 10 27.07 -16.18 -2.01
N GLU B 11 25.86 -15.64 -1.96
CA GLU B 11 25.27 -15.03 -3.15
C GLU B 11 26.14 -13.86 -3.62
N ASN B 12 26.60 -13.06 -2.66
CA ASN B 12 27.44 -11.92 -2.97
C ASN B 12 28.80 -12.35 -3.54
N PHE B 13 29.34 -13.44 -3.01
CA PHE B 13 30.64 -13.94 -3.45
C PHE B 13 30.56 -14.43 -4.90
N ILE B 14 29.44 -15.04 -5.27
CA ILE B 14 29.21 -15.41 -6.65
C ILE B 14 28.96 -14.15 -7.48
N GLY B 15 28.16 -13.26 -6.93
CA GLY B 15 27.77 -12.05 -7.64
C GLY B 15 28.92 -11.09 -7.91
N ALA B 16 29.96 -11.16 -7.08
CA ALA B 16 31.08 -10.24 -7.20
C ALA B 16 32.23 -10.84 -7.99
N THR B 17 32.08 -12.09 -8.41
CA THR B 17 33.15 -12.78 -9.13
C THR B 17 32.69 -13.26 -10.52
N GLU B 18 31.88 -14.31 -10.56
CA GLU B 18 31.37 -14.86 -11.81
C GLU B 18 30.16 -14.07 -12.31
N GLY B 19 29.39 -13.54 -11.37
CA GLY B 19 28.14 -12.87 -11.69
C GLY B 19 27.06 -13.86 -12.06
N PHE B 20 25.84 -13.39 -12.16
CA PHE B 20 24.72 -14.25 -12.51
C PHE B 20 24.31 -14.03 -13.97
N SER B 21 23.99 -15.14 -14.65
CA SER B 21 23.48 -15.06 -16.00
C SER B 21 22.08 -14.48 -15.98
N GLU B 22 21.51 -14.24 -17.16
CA GLU B 22 20.14 -13.74 -17.24
C GLU B 22 19.19 -14.70 -16.52
N ILE B 23 19.19 -15.95 -16.97
CA ILE B 23 18.31 -16.96 -16.38
C ILE B 23 18.47 -17.02 -14.85
N ALA B 24 19.71 -17.12 -14.39
CA ALA B 24 19.99 -17.26 -12.96
C ALA B 24 19.41 -16.09 -12.17
N TYR B 25 19.71 -14.88 -12.61
CA TYR B 25 19.26 -13.68 -11.91
C TYR B 25 17.75 -13.52 -12.01
N GLN B 26 17.23 -13.67 -13.22
CA GLN B 26 15.80 -13.48 -13.46
C GLN B 26 14.99 -14.48 -12.66
N PHE B 27 15.31 -15.77 -12.80
CA PHE B 27 14.61 -16.80 -12.05
C PHE B 27 14.54 -16.40 -10.57
N THR B 28 15.69 -16.29 -9.95
CA THR B 28 15.78 -15.90 -8.54
C THR B 28 14.86 -14.71 -8.26
N SER B 29 14.96 -13.69 -9.09
CA SER B 29 14.13 -12.50 -8.93
C SER B 29 12.65 -12.86 -8.98
N HIS B 30 12.27 -13.66 -9.98
CA HIS B 30 10.88 -14.09 -10.13
C HIS B 30 10.44 -14.91 -8.92
N ILE B 31 11.18 -15.99 -8.66
CA ILE B 31 10.83 -16.93 -7.60
C ILE B 31 10.67 -16.24 -6.26
N LEU B 32 11.44 -15.18 -6.03
CA LEU B 32 11.32 -14.40 -4.80
C LEU B 32 10.03 -13.59 -4.80
N THR B 33 9.67 -13.06 -5.96
CA THR B 33 8.46 -12.25 -6.07
C THR B 33 7.20 -13.11 -5.92
N LEU B 34 7.18 -14.23 -6.64
CA LEU B 34 6.12 -15.22 -6.47
C LEU B 34 5.95 -15.54 -4.99
N GLY B 35 7.07 -15.68 -4.31
CA GLY B 35 7.09 -15.99 -2.89
C GLY B 35 6.24 -15.05 -2.07
N TYR B 36 6.45 -13.75 -2.22
CA TYR B 36 5.71 -12.78 -1.42
C TYR B 36 4.32 -12.49 -2.00
N ALA B 37 4.11 -12.86 -3.25
CA ALA B 37 2.80 -12.72 -3.88
C ALA B 37 1.83 -13.75 -3.29
N VAL B 38 2.32 -14.98 -3.17
CA VAL B 38 1.54 -16.06 -2.57
C VAL B 38 1.14 -15.71 -1.13
N MET B 39 2.01 -14.99 -0.42
CA MET B 39 1.72 -14.62 0.96
C MET B 39 0.54 -13.67 1.04
N LEU B 40 0.48 -12.72 0.11
CA LEU B 40 -0.63 -11.77 0.11
C LEU B 40 -1.89 -12.42 -0.44
N ALA B 41 -1.72 -13.34 -1.38
CA ALA B 41 -2.85 -14.11 -1.89
C ALA B 41 -3.46 -14.92 -0.75
N GLY B 42 -2.62 -15.69 -0.07
CA GLY B 42 -3.07 -16.52 1.03
C GLY B 42 -3.70 -15.73 2.17
N LEU B 43 -3.16 -14.54 2.43
CA LEU B 43 -3.72 -13.68 3.48
C LEU B 43 -5.20 -13.51 3.24
N LEU B 44 -5.57 -13.14 2.01
CA LEU B 44 -6.96 -12.92 1.65
C LEU B 44 -7.80 -14.17 1.90
N TYR B 45 -7.27 -15.31 1.49
CA TYR B 45 -7.96 -16.58 1.66
C TYR B 45 -8.35 -16.83 3.11
N PHE B 46 -7.42 -16.57 4.03
CA PHE B 46 -7.68 -16.84 5.45
C PHE B 46 -8.70 -15.85 6.00
N ILE B 47 -8.60 -14.59 5.59
CA ILE B 47 -9.50 -13.56 6.07
C ILE B 47 -10.93 -13.75 5.55
N LEU B 48 -11.07 -14.44 4.42
CA LEU B 48 -12.38 -14.64 3.81
C LEU B 48 -13.03 -15.94 4.23
N THR B 49 -12.23 -16.86 4.77
CA THR B 49 -12.75 -18.16 5.20
C THR B 49 -12.82 -18.26 6.72
N ILE B 50 -12.85 -17.11 7.39
CA ILE B 50 -12.87 -17.08 8.85
C ILE B 50 -14.13 -17.73 9.41
N LYS B 51 -15.26 -17.52 8.73
CA LYS B 51 -16.55 -17.98 9.24
C LYS B 51 -16.87 -19.41 8.83
N ASN B 52 -16.10 -19.98 7.92
CA ASN B 52 -16.31 -21.37 7.48
C ASN B 52 -15.91 -22.38 8.54
N VAL B 53 -15.68 -21.91 9.77
CA VAL B 53 -15.34 -22.79 10.88
C VAL B 53 -15.88 -22.23 12.20
N ASP B 54 -16.19 -23.13 13.14
CA ASP B 54 -16.76 -22.75 14.42
C ASP B 54 -15.93 -21.69 15.14
N LYS B 55 -16.52 -21.05 16.15
CA LYS B 55 -15.93 -19.88 16.79
C LYS B 55 -14.69 -20.17 17.65
N LYS B 56 -14.52 -21.40 18.10
CA LYS B 56 -13.38 -21.73 18.96
C LYS B 56 -12.12 -22.09 18.15
N PHE B 57 -12.32 -22.48 16.90
CA PHE B 57 -11.21 -22.86 16.04
C PHE B 57 -10.63 -21.67 15.28
N GLN B 58 -11.41 -20.59 15.18
CA GLN B 58 -11.06 -19.45 14.33
C GLN B 58 -9.70 -18.84 14.64
N MET B 59 -9.25 -18.94 15.88
CA MET B 59 -7.95 -18.40 16.26
C MET B 59 -6.87 -18.92 15.33
N SER B 60 -7.05 -20.14 14.83
CA SER B 60 -6.14 -20.74 13.86
C SER B 60 -6.16 -19.92 12.58
N ASN B 61 -7.34 -19.79 11.97
CA ASN B 61 -7.49 -18.99 10.77
C ASN B 61 -6.84 -17.62 10.93
N ILE B 62 -7.05 -17.00 12.08
CA ILE B 62 -6.54 -15.66 12.34
C ILE B 62 -5.01 -15.63 12.45
N LEU B 63 -4.45 -16.62 13.12
CA LEU B 63 -3.00 -16.72 13.25
C LEU B 63 -2.34 -16.90 11.88
N SER B 64 -2.95 -17.73 11.04
CA SER B 64 -2.44 -17.93 9.69
C SER B 64 -2.39 -16.60 8.95
N ALA B 65 -3.43 -15.80 9.12
CA ALA B 65 -3.51 -14.47 8.51
C ALA B 65 -2.35 -13.60 8.97
N VAL B 66 -2.11 -13.60 10.28
CA VAL B 66 -1.01 -12.85 10.86
C VAL B 66 0.33 -13.28 10.25
N VAL B 67 0.55 -14.59 10.18
CA VAL B 67 1.73 -15.11 9.52
C VAL B 67 1.83 -14.54 8.11
N MET B 68 0.75 -14.68 7.34
CA MET B 68 0.75 -14.22 5.96
C MET B 68 1.26 -12.79 5.82
N VAL B 69 0.80 -11.90 6.70
CA VAL B 69 1.16 -10.49 6.62
C VAL B 69 2.65 -10.28 6.81
N SER B 70 3.20 -10.85 7.88
CA SER B 70 4.62 -10.72 8.16
C SER B 70 5.43 -11.25 6.99
N ALA B 71 5.16 -12.50 6.61
CA ALA B 71 5.87 -13.12 5.50
C ALA B 71 5.83 -12.22 4.27
N PHE B 72 4.66 -11.67 3.97
CA PHE B 72 4.51 -10.78 2.84
C PHE B 72 5.59 -9.71 2.86
N LEU B 73 5.55 -8.87 3.90
CA LEU B 73 6.45 -7.73 4.01
C LEU B 73 7.94 -8.13 3.97
N LEU B 74 8.30 -9.16 4.74
CA LEU B 74 9.69 -9.56 4.84
C LEU B 74 10.17 -10.26 3.58
N LEU B 75 9.30 -11.08 2.99
CA LEU B 75 9.64 -11.71 1.72
C LEU B 75 9.69 -10.66 0.63
N TYR B 76 8.91 -9.60 0.79
CA TYR B 76 8.96 -8.48 -0.14
C TYR B 76 10.32 -7.81 0.00
N ALA B 77 10.66 -7.43 1.23
CA ALA B 77 11.96 -6.84 1.52
C ALA B 77 13.06 -7.71 0.94
N GLN B 78 12.96 -9.02 1.17
CA GLN B 78 13.95 -9.97 0.70
C GLN B 78 14.15 -9.83 -0.81
N ALA B 79 13.05 -9.89 -1.56
CA ALA B 79 13.10 -9.81 -3.01
C ALA B 79 13.75 -8.50 -3.47
N GLN B 80 13.29 -7.38 -2.91
CA GLN B 80 13.88 -6.08 -3.22
C GLN B 80 15.37 -6.06 -2.93
N ASN B 81 15.78 -6.80 -1.90
CA ASN B 81 17.18 -6.93 -1.57
C ASN B 81 17.94 -7.57 -2.73
N TRP B 82 17.38 -8.63 -3.27
CA TRP B 82 18.02 -9.35 -4.37
C TRP B 82 18.18 -8.47 -5.60
N THR B 83 17.11 -7.80 -6.00
CA THR B 83 17.13 -6.99 -7.22
C THR B 83 18.02 -5.75 -7.07
N SER B 84 18.16 -5.26 -5.85
CA SER B 84 18.96 -4.05 -5.60
C SER B 84 20.46 -4.37 -5.49
N SER B 85 20.78 -5.61 -5.17
CA SER B 85 22.16 -5.97 -4.86
C SER B 85 22.94 -6.44 -6.07
N PHE B 86 22.27 -6.58 -7.21
CA PHE B 86 22.95 -7.05 -8.41
C PHE B 86 22.45 -6.31 -9.65
N THR B 87 23.39 -6.00 -10.54
CA THR B 87 23.07 -5.21 -11.73
C THR B 87 23.69 -5.80 -12.99
N PHE B 88 22.96 -5.68 -14.08
CA PHE B 88 23.41 -6.19 -15.38
C PHE B 88 24.66 -5.46 -15.83
N ASN B 89 25.59 -6.21 -16.42
CA ASN B 89 26.79 -5.63 -17.01
C ASN B 89 26.74 -5.76 -18.53
N GLU B 90 26.51 -4.63 -19.21
CA GLU B 90 26.36 -4.63 -20.65
C GLU B 90 27.52 -5.32 -21.37
N GLU B 91 28.74 -5.14 -20.85
CA GLU B 91 29.95 -5.61 -21.52
C GLU B 91 30.03 -7.14 -21.58
N VAL B 92 29.48 -7.81 -20.58
CA VAL B 92 29.55 -9.27 -20.53
C VAL B 92 28.18 -9.90 -20.27
N GLY B 93 27.14 -9.06 -20.25
CA GLY B 93 25.77 -9.53 -20.08
C GLY B 93 25.60 -10.49 -18.91
N ARG B 94 26.07 -10.07 -17.74
CA ARG B 94 25.87 -10.86 -16.51
C ARG B 94 25.67 -9.92 -15.32
N TYR B 95 24.81 -10.34 -14.40
CA TYR B 95 24.49 -9.51 -13.24
C TYR B 95 25.58 -9.64 -12.18
N PHE B 96 26.13 -8.50 -11.77
CA PHE B 96 27.21 -8.49 -10.78
C PHE B 96 26.80 -7.68 -9.55
N LEU B 97 27.52 -7.90 -8.46
CA LEU B 97 27.24 -7.24 -7.19
C LEU B 97 27.27 -5.72 -7.33
N ASP B 98 26.21 -5.07 -6.86
CA ASP B 98 26.14 -3.62 -6.85
C ASP B 98 26.23 -3.12 -5.41
N PRO B 99 27.44 -2.70 -4.99
CA PRO B 99 27.70 -2.28 -3.62
C PRO B 99 26.70 -1.24 -3.09
N SER B 100 26.40 -0.23 -3.90
CA SER B 100 25.50 0.83 -3.48
C SER B 100 24.18 0.27 -2.93
N GLY B 101 23.62 -0.72 -3.62
CA GLY B 101 22.36 -1.33 -3.20
C GLY B 101 22.53 -2.36 -2.08
N ASP B 102 23.49 -2.10 -1.19
CA ASP B 102 23.76 -2.98 -0.05
C ASP B 102 24.02 -4.41 -0.48
N LEU B 103 24.66 -5.18 0.39
CA LEU B 103 24.92 -6.59 0.10
C LEU B 103 23.65 -7.40 0.30
N PHE B 104 23.57 -8.54 -0.36
CA PHE B 104 22.44 -9.42 -0.17
C PHE B 104 22.59 -10.15 1.15
N ASN B 105 21.47 -10.50 1.76
CA ASN B 105 21.49 -11.27 2.99
C ASN B 105 20.12 -11.85 3.25
N ASN B 106 20.06 -13.18 3.37
CA ASN B 106 18.81 -13.88 3.61
C ASN B 106 18.21 -13.49 4.97
N GLY B 107 18.97 -12.73 5.75
CA GLY B 107 18.55 -12.30 7.08
C GLY B 107 17.06 -11.96 7.16
N TYR B 108 16.57 -11.19 6.21
CA TYR B 108 15.17 -10.78 6.21
C TYR B 108 14.26 -11.99 6.40
N ARG B 109 14.58 -13.06 5.69
CA ARG B 109 13.79 -14.29 5.77
C ARG B 109 13.91 -14.96 7.13
N TYR B 110 15.11 -14.96 7.69
CA TYR B 110 15.37 -15.61 8.98
C TYR B 110 14.56 -14.94 10.09
N LEU B 111 14.66 -13.62 10.20
CA LEU B 111 13.90 -12.89 11.22
C LEU B 111 12.40 -12.95 10.95
N ASN B 112 12.04 -13.26 9.71
CA ASN B 112 10.66 -13.59 9.38
C ASN B 112 10.23 -14.78 10.22
N TRP B 113 11.09 -15.79 10.25
CA TRP B 113 10.84 -17.02 10.99
C TRP B 113 10.63 -16.79 12.49
N LEU B 114 11.35 -15.82 13.05
CA LEU B 114 11.17 -15.49 14.47
C LEU B 114 9.70 -15.32 14.80
N ILE B 115 8.97 -14.63 13.92
CA ILE B 115 7.55 -14.46 14.09
C ILE B 115 6.80 -15.73 13.71
N ASP B 116 7.07 -16.22 12.50
CA ASP B 116 6.21 -17.23 11.87
C ASP B 116 6.35 -18.62 12.48
N VAL B 117 7.54 -18.97 12.95
CA VAL B 117 7.77 -20.30 13.50
C VAL B 117 6.95 -20.53 14.78
N PRO B 118 7.02 -19.59 15.73
CA PRO B 118 6.18 -19.67 16.93
C PRO B 118 4.70 -19.71 16.62
N MET B 119 4.26 -18.87 15.69
CA MET B 119 2.84 -18.81 15.30
C MET B 119 2.38 -20.15 14.74
N LEU B 120 3.10 -20.66 13.74
CA LEU B 120 2.72 -21.90 13.07
C LEU B 120 2.64 -23.06 14.05
N LEU B 121 3.49 -23.04 15.07
CA LEU B 121 3.53 -24.11 16.05
C LEU B 121 2.42 -23.92 17.08
N PHE B 122 2.22 -22.68 17.51
CA PHE B 122 1.24 -22.36 18.54
C PHE B 122 -0.19 -22.48 18.03
N GLN B 123 -0.39 -22.36 16.73
CA GLN B 123 -1.74 -22.33 16.18
C GLN B 123 -2.41 -23.70 16.21
N ILE B 124 -1.68 -24.74 15.79
CA ILE B 124 -2.25 -26.08 15.72
C ILE B 124 -2.86 -26.49 17.07
N LEU B 125 -2.41 -25.84 18.14
CA LEU B 125 -2.90 -26.14 19.47
C LEU B 125 -4.30 -25.56 19.72
N PHE B 126 -4.86 -24.89 18.71
CA PHE B 126 -6.22 -24.38 18.80
C PHE B 126 -7.18 -25.26 18.01
N VAL B 127 -6.63 -26.19 17.24
CA VAL B 127 -7.44 -27.09 16.43
C VAL B 127 -7.58 -28.45 17.11
N VAL B 128 -6.53 -28.90 17.77
CA VAL B 128 -6.53 -30.22 18.40
C VAL B 128 -6.62 -30.13 19.92
N SER B 129 -6.95 -31.27 20.54
CA SER B 129 -6.97 -31.38 21.99
C SER B 129 -5.87 -32.34 22.44
N LEU B 130 -5.24 -32.02 23.56
CA LEU B 130 -4.15 -32.82 24.10
C LEU B 130 -4.66 -33.81 25.15
N THR B 131 -3.89 -34.87 25.37
CA THR B 131 -4.28 -35.90 26.33
C THR B 131 -3.38 -35.87 27.57
N THR B 132 -2.12 -36.23 27.39
CA THR B 132 -1.18 -36.34 28.51
C THR B 132 -0.48 -35.00 28.79
N SER B 133 0.27 -34.51 27.82
CA SER B 133 1.02 -33.25 27.99
C SER B 133 0.11 -32.04 27.92
N LYS B 134 0.43 -31.00 28.68
CA LYS B 134 -0.46 -29.85 28.84
C LYS B 134 -0.17 -28.73 27.85
N PHE B 135 -1.20 -27.95 27.55
CA PHE B 135 -1.12 -26.84 26.59
C PHE B 135 0.14 -26.01 26.76
N SER B 136 0.28 -25.36 27.90
CA SER B 136 1.38 -24.43 28.13
C SER B 136 2.75 -25.06 27.92
N SER B 137 2.93 -26.27 28.44
CA SER B 137 4.22 -26.96 28.37
C SER B 137 4.67 -27.19 26.94
N VAL B 138 3.74 -27.59 26.08
CA VAL B 138 4.04 -27.81 24.68
C VAL B 138 4.36 -26.49 23.99
N ARG B 139 3.53 -25.49 24.26
CA ARG B 139 3.71 -24.16 23.70
C ARG B 139 5.11 -23.62 23.95
N ASN B 140 5.49 -23.56 25.23
CA ASN B 140 6.76 -22.94 25.63
C ASN B 140 7.99 -23.66 25.09
N GLN B 141 7.91 -24.98 24.97
CA GLN B 141 9.00 -25.73 24.36
C GLN B 141 9.08 -25.39 22.88
N PHE B 142 7.92 -25.23 22.25
CA PHE B 142 7.87 -24.81 20.86
C PHE B 142 8.50 -23.43 20.70
N TRP B 143 8.10 -22.50 21.55
CA TRP B 143 8.61 -21.13 21.47
C TRP B 143 10.10 -21.07 21.78
N PHE B 144 10.47 -21.46 22.99
CA PHE B 144 11.87 -21.44 23.38
C PHE B 144 12.73 -22.06 22.29
N SER B 145 12.43 -23.32 21.94
CA SER B 145 13.17 -24.03 20.90
C SER B 145 13.13 -23.27 19.58
N GLY B 146 11.93 -22.84 19.19
CA GLY B 146 11.75 -22.10 17.93
C GLY B 146 12.65 -20.88 17.84
N ALA B 147 12.61 -20.05 18.87
CA ALA B 147 13.45 -18.86 18.92
C ALA B 147 14.93 -19.23 18.77
N MET B 148 15.39 -20.15 19.62
CA MET B 148 16.78 -20.57 19.60
C MET B 148 17.19 -21.08 18.23
N MET B 149 16.38 -21.98 17.67
CA MET B 149 16.67 -22.56 16.36
C MET B 149 16.94 -21.45 15.35
N ILE B 150 16.04 -20.47 15.29
CA ILE B 150 16.16 -19.38 14.33
C ILE B 150 17.39 -18.54 14.60
N ILE B 151 17.56 -18.13 15.86
CA ILE B 151 18.65 -17.25 16.24
C ILE B 151 20.02 -17.87 16.00
N THR B 152 20.16 -19.16 16.34
CA THR B 152 21.42 -19.86 16.14
C THR B 152 21.67 -20.11 14.66
N GLY B 153 20.60 -20.29 13.90
CA GLY B 153 20.71 -20.42 12.46
C GLY B 153 21.05 -19.08 11.86
N TYR B 154 20.35 -18.05 12.31
CA TYR B 154 20.57 -16.68 11.84
C TYR B 154 22.04 -16.30 11.98
N ILE B 155 22.62 -16.57 13.13
CA ILE B 155 24.03 -16.28 13.36
C ILE B 155 24.91 -17.08 12.40
N GLY B 156 24.66 -18.39 12.31
CA GLY B 156 25.50 -19.28 11.53
C GLY B 156 25.60 -18.91 10.06
N GLN B 157 24.48 -18.47 9.47
CA GLN B 157 24.44 -18.17 8.04
C GLN B 157 25.30 -16.96 7.66
N PHE B 158 25.69 -16.17 8.66
CA PHE B 158 26.60 -15.07 8.42
C PHE B 158 28.03 -15.56 8.17
N TYR B 159 28.27 -16.85 8.43
CA TYR B 159 29.60 -17.40 8.31
C TYR B 159 29.68 -18.48 7.24
N GLU B 160 28.60 -18.61 6.47
CA GLU B 160 28.52 -19.65 5.44
C GLU B 160 29.66 -19.56 4.45
N VAL B 161 30.52 -18.56 4.61
CA VAL B 161 31.66 -18.39 3.72
C VAL B 161 32.91 -17.95 4.50
N SER B 162 32.76 -16.91 5.31
CA SER B 162 33.90 -16.32 6.01
C SER B 162 34.50 -17.22 7.10
N ASN B 163 33.71 -18.17 7.59
CA ASN B 163 34.14 -19.00 8.70
C ASN B 163 33.41 -20.34 8.74
N LEU B 164 33.80 -21.25 7.86
CA LEU B 164 33.11 -22.52 7.67
C LEU B 164 32.75 -23.19 9.00
N THR B 165 33.68 -23.19 9.95
CA THR B 165 33.48 -23.87 11.22
C THR B 165 32.25 -23.30 11.94
N ALA B 166 32.33 -22.03 12.33
CA ALA B 166 31.24 -21.38 13.05
C ALA B 166 29.91 -21.61 12.35
N PHE B 167 29.96 -21.73 11.03
CA PHE B 167 28.76 -22.01 10.23
C PHE B 167 28.15 -23.35 10.61
N LEU B 168 28.93 -24.41 10.48
CA LEU B 168 28.46 -25.77 10.78
C LEU B 168 28.15 -25.94 12.26
N VAL B 169 28.96 -25.31 13.11
CA VAL B 169 28.74 -25.38 14.55
C VAL B 169 27.32 -24.93 14.88
N TRP B 170 27.07 -23.64 14.73
CA TRP B 170 25.74 -23.09 14.96
C TRP B 170 24.67 -23.90 14.24
N GLY B 171 24.95 -24.24 12.99
CA GLY B 171 24.02 -25.05 12.21
C GLY B 171 23.57 -26.25 13.00
N ALA B 172 24.54 -27.01 13.51
CA ALA B 172 24.25 -28.18 14.33
C ALA B 172 23.44 -27.77 15.56
N ILE B 173 23.93 -26.77 16.29
CA ILE B 173 23.24 -26.27 17.48
C ILE B 173 21.78 -25.96 17.16
N SER B 174 21.55 -25.28 16.05
CA SER B 174 20.19 -25.02 15.57
C SER B 174 19.46 -26.36 15.43
N SER B 175 20.04 -27.27 14.66
CA SER B 175 19.42 -28.57 14.41
C SER B 175 18.95 -29.25 15.69
N ALA B 176 19.74 -29.17 16.75
CA ALA B 176 19.36 -29.75 18.03
C ALA B 176 17.97 -29.26 18.41
N PHE B 177 17.81 -27.94 18.46
CA PHE B 177 16.53 -27.33 18.77
C PHE B 177 15.46 -27.72 17.75
N PHE B 178 15.89 -28.10 16.55
CA PHE B 178 14.97 -28.50 15.49
C PHE B 178 14.38 -29.89 15.76
N PHE B 179 15.25 -30.88 15.93
CA PHE B 179 14.80 -32.24 16.23
C PHE B 179 13.93 -32.23 17.46
N HIS B 180 14.22 -31.30 18.37
CA HIS B 180 13.41 -31.12 19.57
C HIS B 180 11.98 -30.74 19.18
N ILE B 181 11.87 -29.81 18.23
CA ILE B 181 10.56 -29.33 17.76
C ILE B 181 9.82 -30.43 17.00
N LEU B 182 10.56 -31.17 16.18
CA LEU B 182 9.96 -32.30 15.48
C LEU B 182 9.35 -33.27 16.49
N TRP B 183 10.12 -33.65 17.50
CA TRP B 183 9.66 -34.58 18.52
C TRP B 183 8.36 -34.08 19.14
N VAL B 184 8.42 -32.92 19.78
CA VAL B 184 7.26 -32.37 20.48
C VAL B 184 6.06 -32.21 19.55
N MET B 185 6.31 -32.08 18.26
CA MET B 185 5.24 -31.91 17.28
C MET B 185 4.53 -33.24 17.02
N LYS B 186 5.27 -34.26 16.59
CA LYS B 186 4.68 -35.57 16.35
C LYS B 186 3.93 -36.04 17.59
N LYS B 187 4.40 -35.60 18.75
CA LYS B 187 3.73 -35.89 20.01
C LYS B 187 2.37 -35.21 20.05
N VAL B 188 2.30 -34.02 19.45
CA VAL B 188 1.06 -33.26 19.38
C VAL B 188 0.12 -33.83 18.31
N ILE B 189 0.68 -34.12 17.14
CA ILE B 189 -0.10 -34.72 16.06
C ILE B 189 -0.83 -35.97 16.58
N ASN B 190 -0.10 -36.79 17.33
CA ASN B 190 -0.65 -38.03 17.87
C ASN B 190 -1.72 -37.77 18.92
N GLU B 191 -1.37 -37.05 19.97
CA GLU B 191 -2.35 -36.69 21.00
C GLU B 191 -3.56 -36.01 20.39
N GLY B 192 -3.37 -35.41 19.21
CA GLY B 192 -4.47 -34.77 18.49
C GLY B 192 -5.39 -35.78 17.81
N LYS B 193 -4.79 -36.72 17.09
CA LYS B 193 -5.55 -37.78 16.42
C LYS B 193 -6.52 -38.47 17.38
N GLU B 194 -6.17 -38.50 18.65
CA GLU B 194 -6.96 -39.20 19.66
C GLU B 194 -8.28 -38.49 19.95
N GLY B 195 -9.38 -39.14 19.60
CA GLY B 195 -10.71 -38.64 19.92
C GLY B 195 -11.47 -38.09 18.74
N ILE B 196 -10.77 -37.66 17.70
CA ILE B 196 -11.39 -37.00 16.55
C ILE B 196 -11.78 -38.00 15.46
N SER B 197 -12.66 -37.55 14.56
CA SER B 197 -13.16 -38.37 13.47
C SER B 197 -12.03 -38.89 12.58
N PRO B 198 -12.32 -39.93 11.79
CA PRO B 198 -11.33 -40.44 10.83
C PRO B 198 -11.03 -39.42 9.73
N ALA B 199 -11.79 -38.33 9.73
CA ALA B 199 -11.56 -37.24 8.79
C ALA B 199 -10.47 -36.32 9.31
N GLY B 200 -10.65 -35.82 10.53
CA GLY B 200 -9.64 -34.99 11.17
C GLY B 200 -8.34 -35.76 11.31
N GLN B 201 -8.44 -36.99 11.79
CA GLN B 201 -7.26 -37.84 11.95
C GLN B 201 -6.53 -37.99 10.62
N LYS B 202 -7.29 -38.02 9.53
CA LYS B 202 -6.70 -38.15 8.19
C LYS B 202 -5.92 -36.90 7.81
N ILE B 203 -6.41 -35.74 8.22
CA ILE B 203 -5.74 -34.48 7.94
C ILE B 203 -4.42 -34.40 8.70
N LEU B 204 -4.49 -34.56 10.01
CA LEU B 204 -3.30 -34.53 10.84
C LEU B 204 -2.19 -35.38 10.22
N SER B 205 -2.54 -36.59 9.80
CA SER B 205 -1.59 -37.44 9.10
C SER B 205 -0.94 -36.66 7.96
N ASN B 206 -1.78 -36.06 7.11
CA ASN B 206 -1.29 -35.27 5.98
C ASN B 206 -0.47 -34.06 6.46
N ILE B 207 -0.94 -33.39 7.49
CA ILE B 207 -0.21 -32.25 8.04
C ILE B 207 1.20 -32.65 8.45
N TRP B 208 1.32 -33.74 9.19
CA TRP B 208 2.62 -34.20 9.65
C TRP B 208 3.57 -34.41 8.46
N ILE B 209 3.17 -35.24 7.52
CA ILE B 209 3.97 -35.46 6.31
C ILE B 209 4.50 -34.11 5.83
N LEU B 210 3.59 -33.18 5.61
CA LEU B 210 3.94 -31.83 5.18
C LEU B 210 4.97 -31.22 6.12
N PHE B 211 4.55 -30.97 7.35
CA PHE B 211 5.40 -30.36 8.37
C PHE B 211 6.81 -30.93 8.36
N LEU B 212 6.92 -32.24 8.26
CA LEU B 212 8.22 -32.90 8.27
C LEU B 212 9.03 -32.48 7.06
N ILE B 213 8.49 -32.71 5.86
CA ILE B 213 9.18 -32.39 4.62
C ILE B 213 9.53 -30.91 4.54
N SER B 214 8.51 -30.06 4.52
CA SER B 214 8.70 -28.62 4.38
C SER B 214 9.80 -28.09 5.28
N TRP B 215 9.76 -28.46 6.55
CA TRP B 215 10.73 -27.94 7.53
C TRP B 215 12.14 -28.49 7.32
N THR B 216 12.22 -29.71 6.80
CA THR B 216 13.51 -30.33 6.51
C THR B 216 14.19 -29.61 5.35
N LEU B 217 13.40 -28.99 4.50
CA LEU B 217 13.92 -28.27 3.34
C LEU B 217 14.81 -27.10 3.75
N TYR B 218 14.49 -26.46 4.86
CA TYR B 218 15.25 -25.30 5.31
C TYR B 218 16.74 -25.63 5.50
N PRO B 219 17.05 -26.53 6.44
CA PRO B 219 18.43 -26.98 6.56
C PRO B 219 19.04 -27.29 5.20
N GLY B 220 18.27 -27.92 4.32
CA GLY B 220 18.73 -28.23 2.97
C GLY B 220 19.23 -26.97 2.27
N ALA B 221 18.45 -25.89 2.40
CA ALA B 221 18.83 -24.60 1.85
C ALA B 221 20.06 -24.06 2.56
N TYR B 222 20.05 -24.14 3.88
CA TYR B 222 21.19 -23.71 4.70
C TYR B 222 22.50 -24.16 4.07
N LEU B 223 22.59 -25.45 3.75
CA LEU B 223 23.83 -26.05 3.25
C LEU B 223 23.89 -26.11 1.73
N MET B 224 22.86 -25.58 1.07
CA MET B 224 22.73 -25.73 -0.38
C MET B 224 24.07 -25.66 -1.11
N PRO B 225 24.82 -24.57 -0.89
CA PRO B 225 26.11 -24.39 -1.56
C PRO B 225 27.06 -25.58 -1.37
N TYR B 226 27.09 -26.13 -0.15
CA TYR B 226 28.05 -27.18 0.18
C TYR B 226 27.48 -28.58 0.04
N LEU B 227 26.36 -28.72 -0.66
CA LEU B 227 25.74 -30.03 -0.82
C LEU B 227 26.39 -30.85 -1.95
N THR B 228 27.27 -30.21 -2.71
CA THR B 228 28.06 -30.91 -3.71
C THR B 228 29.53 -30.49 -3.63
N GLY B 229 30.04 -30.45 -2.40
CA GLY B 229 31.43 -30.05 -2.18
C GLY B 229 31.67 -28.60 -2.57
N ASP B 231 34.01 -27.10 -3.72
CA ASP B 231 33.82 -26.62 -5.08
C ASP B 231 33.44 -27.76 -6.01
N GLY B 232 32.14 -27.99 -6.15
CA GLY B 232 31.63 -29.03 -7.03
C GLY B 232 30.73 -28.48 -8.12
N PHE B 233 29.41 -28.64 -7.94
CA PHE B 233 28.44 -28.14 -8.92
C PHE B 233 27.51 -27.10 -8.31
N LEU B 234 27.20 -27.25 -7.02
CA LEU B 234 26.28 -26.33 -6.34
C LEU B 234 26.98 -25.11 -5.75
N TYR B 235 28.29 -24.99 -5.96
CA TYR B 235 28.98 -23.76 -5.60
C TYR B 235 29.08 -22.87 -6.83
N SER B 236 27.96 -22.24 -7.17
CA SER B 236 27.86 -21.41 -8.36
C SER B 236 26.54 -20.64 -8.35
N GLU B 237 26.13 -20.14 -9.51
CA GLU B 237 24.86 -19.44 -9.62
C GLU B 237 23.70 -20.41 -9.42
N ASP B 238 23.85 -21.62 -9.95
CA ASP B 238 22.83 -22.66 -9.81
C ASP B 238 22.52 -22.92 -8.34
N GLY B 239 23.57 -22.99 -7.51
CA GLY B 239 23.40 -23.18 -6.09
C GLY B 239 22.52 -22.13 -5.46
N VAL B 240 22.68 -20.88 -5.93
CA VAL B 240 21.86 -19.77 -5.44
C VAL B 240 20.41 -19.95 -5.87
N MET B 241 20.21 -20.29 -7.14
CA MET B 241 18.88 -20.56 -7.65
C MET B 241 18.23 -21.64 -6.80
N ALA B 242 18.91 -22.78 -6.69
CA ALA B 242 18.39 -23.91 -5.94
C ALA B 242 17.96 -23.51 -4.53
N ARG B 243 18.80 -22.73 -3.87
CA ARG B 243 18.53 -22.31 -2.50
C ARG B 243 17.27 -21.46 -2.39
N GLN B 244 17.17 -20.43 -3.24
CA GLN B 244 16.05 -19.51 -3.19
C GLN B 244 14.76 -20.19 -3.62
N LEU B 245 14.86 -21.11 -4.58
CA LEU B 245 13.71 -21.92 -4.99
C LEU B 245 13.21 -22.73 -3.80
N VAL B 246 14.14 -23.41 -3.14
CA VAL B 246 13.78 -24.24 -1.99
C VAL B 246 13.17 -23.39 -0.89
N TYR B 247 13.86 -22.32 -0.50
CA TYR B 247 13.33 -21.43 0.52
C TYR B 247 11.90 -21.03 0.21
N THR B 248 11.61 -20.81 -1.07
CA THR B 248 10.27 -20.42 -1.48
C THR B 248 9.32 -21.61 -1.32
N ILE B 249 9.58 -22.69 -2.03
CA ILE B 249 8.76 -23.89 -1.91
C ILE B 249 8.48 -24.20 -0.43
N ALA B 250 9.51 -24.09 0.40
CA ALA B 250 9.39 -24.39 1.82
C ALA B 250 8.47 -23.41 2.54
N ASP B 251 8.62 -22.13 2.25
CA ASP B 251 7.82 -21.09 2.90
C ASP B 251 6.35 -21.16 2.48
N VAL B 252 6.10 -21.56 1.24
CA VAL B 252 4.74 -21.72 0.74
C VAL B 252 4.06 -22.91 1.42
N SER B 253 4.82 -24.00 1.55
CA SER B 253 4.29 -25.22 2.16
C SER B 253 4.11 -25.09 3.68
N SER B 254 5.15 -24.60 4.35
CA SER B 254 5.13 -24.51 5.81
C SER B 254 4.08 -23.52 6.31
N LYR B 255 3.73 -22.56 5.45
CA LYR B 255 2.79 -21.60 6.05
C LYR B 255 1.41 -21.69 5.38
O LYR B 255 0.40 -21.82 6.07
CB LYR B 255 3.32 -20.17 5.87
CG LYR B 255 4.66 -19.99 6.61
CD LYR B 255 5.35 -18.70 6.15
CE LYR B 255 6.87 -18.91 6.05
NZ LYR B 255 7.46 -19.05 7.39
C1 LYR B 255 7.74 -20.24 7.87
C2 LYR B 255 9.05 -20.55 8.25
C3 LYR B 255 9.47 -21.71 8.90
C4 LYR B 255 8.46 -22.80 9.27
C5 LYR B 255 10.83 -21.88 9.23
C6 LYR B 255 11.40 -22.97 9.88
C7 LYR B 255 12.80 -22.86 9.88
C80 LYR B 255 13.69 -23.88 10.24
C8 LYR B 255 13.15 -25.25 10.68
C9 LYR B 255 15.10 -23.64 10.19
C10 LYR B 255 15.98 -24.62 10.54
C11 LYR B 255 17.42 -24.40 10.49
C12 LYR B 255 18.26 -25.42 10.85
C13 LYR B 255 17.67 -26.76 11.29
C14 LYR B 255 19.77 -25.32 10.84
C15 LYR B 255 20.20 -24.20 9.89
C16 LYR B 255 19.47 -22.92 10.25
C17 LYR B 255 17.95 -23.03 10.05
C18 LYR B 255 17.25 -21.96 10.89
C19 LYR B 255 17.60 -22.86 8.57
N VAL B 256 1.39 -21.60 4.05
CA VAL B 256 0.12 -21.57 3.32
C VAL B 256 -0.57 -22.93 3.30
N ILE B 257 -0.01 -23.88 2.56
CA ILE B 257 -0.58 -25.23 2.49
C ILE B 257 -0.91 -25.73 3.92
N TYR B 258 0.06 -25.55 4.81
CA TYR B 258 -0.09 -25.91 6.21
C TYR B 258 -1.36 -25.30 6.80
N GLY B 259 -1.45 -23.98 6.77
CA GLY B 259 -2.61 -23.27 7.30
C GLY B 259 -3.90 -23.65 6.60
N VAL B 260 -3.80 -23.98 5.33
CA VAL B 260 -4.94 -24.48 4.58
C VAL B 260 -5.43 -25.78 5.21
N LEU B 261 -4.50 -26.71 5.45
CA LEU B 261 -4.84 -28.00 6.06
C LEU B 261 -5.44 -27.83 7.45
N LEU B 262 -4.87 -26.93 8.25
CA LEU B 262 -5.42 -26.63 9.57
C LEU B 262 -6.79 -25.99 9.46
N GLY B 263 -7.11 -25.44 8.28
CA GLY B 263 -8.43 -24.88 8.03
C GLY B 263 -9.44 -25.98 7.78
N ASN B 264 -9.09 -26.90 6.89
CA ASN B 264 -9.90 -28.09 6.65
C ASN B 264 -10.16 -28.84 7.95
N LEU B 265 -9.09 -29.06 8.71
CA LEU B 265 -9.20 -29.75 9.98
C LEU B 265 -10.19 -29.05 10.89
N ALA B 266 -10.10 -27.72 10.93
CA ALA B 266 -11.01 -26.92 11.74
C ALA B 266 -12.44 -27.09 11.28
N ILE B 267 -12.61 -27.27 9.96
CA ILE B 267 -13.93 -27.53 9.40
C ILE B 267 -14.43 -28.91 9.83
N THR B 268 -13.63 -29.94 9.54
CA THR B 268 -14.02 -31.31 9.84
C THR B 268 -14.12 -31.56 11.34
N LEU B 269 -13.92 -30.52 12.14
CA LEU B 269 -14.07 -30.62 13.59
C LEU B 269 -15.13 -29.66 14.10
N SER B 270 -16.05 -29.25 13.24
CA SER B 270 -17.11 -28.33 13.62
C SER B 270 -18.41 -29.06 13.91
N GLU C 4 26.00 -7.71 -25.74
CA GLU C 4 25.90 -9.16 -25.40
C GLU C 4 24.85 -9.39 -24.33
N LEU C 5 23.66 -9.83 -24.76
CA LEU C 5 22.51 -9.98 -23.87
C LEU C 5 22.35 -11.42 -23.40
N GLY C 6 22.67 -12.37 -24.27
CA GLY C 6 22.54 -13.78 -23.94
C GLY C 6 21.12 -14.28 -24.07
N ASN C 7 20.65 -15.00 -23.07
CA ASN C 7 19.32 -15.60 -23.10
C ASN C 7 18.27 -14.66 -22.50
N ALA C 8 17.78 -13.74 -23.32
CA ALA C 8 16.78 -12.77 -22.87
C ALA C 8 15.65 -12.67 -23.87
N ASN C 9 14.59 -11.96 -23.49
CA ASN C 9 13.43 -11.79 -24.35
C ASN C 9 13.73 -10.79 -25.47
N PHE C 10 13.12 -11.01 -26.63
CA PHE C 10 13.43 -10.22 -27.81
C PHE C 10 13.14 -8.73 -27.58
N GLU C 11 12.27 -8.43 -26.61
CA GLU C 11 12.01 -7.05 -26.24
C GLU C 11 13.34 -6.32 -26.05
N ASN C 12 14.27 -6.98 -25.38
CA ASN C 12 15.57 -6.39 -25.10
C ASN C 12 16.39 -6.17 -26.37
N PHE C 13 16.36 -7.14 -27.27
CA PHE C 13 17.10 -7.06 -28.52
C PHE C 13 16.60 -5.91 -29.40
N ILE C 14 15.29 -5.70 -29.38
CA ILE C 14 14.70 -4.58 -30.10
C ILE C 14 15.12 -3.26 -29.44
N GLY C 15 15.06 -3.24 -28.10
CA GLY C 15 15.37 -2.04 -27.35
C GLY C 15 16.85 -1.73 -27.33
N ALA C 16 17.67 -2.76 -27.53
CA ALA C 16 19.12 -2.61 -27.52
C ALA C 16 19.66 -2.32 -28.91
N THR C 17 18.80 -2.36 -29.92
CA THR C 17 19.22 -2.14 -31.30
C THR C 17 18.40 -1.04 -31.97
N GLU C 18 17.17 -1.37 -32.39
CA GLU C 18 16.31 -0.41 -33.05
C GLU C 18 15.88 0.70 -32.08
N GLY C 19 15.49 0.31 -30.88
CA GLY C 19 14.90 1.25 -29.93
C GLY C 19 13.39 1.29 -30.08
N PHE C 20 12.70 1.81 -29.07
CA PHE C 20 11.25 1.89 -29.10
C PHE C 20 10.78 3.32 -29.31
N SER C 21 9.87 3.50 -30.27
CA SER C 21 9.31 4.82 -30.53
C SER C 21 8.47 5.25 -29.35
N GLU C 22 8.29 6.55 -29.19
CA GLU C 22 7.45 7.07 -28.13
C GLU C 22 6.17 6.25 -28.00
N ILE C 23 5.45 6.08 -29.11
CA ILE C 23 4.19 5.36 -29.09
C ILE C 23 4.37 3.92 -28.65
N ALA C 24 5.27 3.20 -29.32
CA ALA C 24 5.50 1.80 -28.99
C ALA C 24 5.76 1.65 -27.50
N TYR C 25 6.59 2.53 -26.96
CA TYR C 25 6.97 2.45 -25.54
C TYR C 25 5.82 2.85 -24.64
N GLN C 26 5.22 4.01 -24.93
CA GLN C 26 4.13 4.52 -24.10
C GLN C 26 2.94 3.57 -24.07
N PHE C 27 2.59 2.99 -25.22
CA PHE C 27 1.47 2.06 -25.27
C PHE C 27 1.74 0.83 -24.41
N THR C 28 2.85 0.16 -24.67
CA THR C 28 3.25 -0.98 -23.86
C THR C 28 3.19 -0.62 -22.39
N SER C 29 3.74 0.54 -22.05
CA SER C 29 3.74 1.03 -20.67
C SER C 29 2.31 1.16 -20.16
N HIS C 30 1.45 1.80 -20.94
CA HIS C 30 0.06 2.01 -20.55
C HIS C 30 -0.67 0.69 -20.38
N ILE C 31 -0.59 -0.15 -21.40
CA ILE C 31 -1.36 -1.39 -21.40
C ILE C 31 -0.95 -2.27 -20.23
N LEU C 32 0.34 -2.28 -19.90
CA LEU C 32 0.83 -3.07 -18.78
C LEU C 32 0.29 -2.53 -17.46
N THR C 33 0.13 -1.20 -17.38
CA THR C 33 -0.44 -0.57 -16.21
C THR C 33 -1.92 -0.93 -16.11
N LEU C 34 -2.65 -0.72 -17.20
CA LEU C 34 -4.05 -1.10 -17.27
C LEU C 34 -4.23 -2.52 -16.74
N GLY C 35 -3.30 -3.40 -17.12
CA GLY C 35 -3.35 -4.79 -16.70
C GLY C 35 -3.50 -4.95 -15.19
N TYR C 36 -2.53 -4.44 -14.45
CA TYR C 36 -2.54 -4.62 -12.99
C TYR C 36 -3.60 -3.74 -12.31
N ALA C 37 -4.05 -2.71 -13.00
CA ALA C 37 -5.12 -1.86 -12.47
C ALA C 37 -6.43 -2.65 -12.47
N VAL C 38 -6.71 -3.29 -13.60
CA VAL C 38 -7.90 -4.12 -13.71
C VAL C 38 -7.92 -5.19 -12.62
N MET C 39 -6.74 -5.72 -12.30
CA MET C 39 -6.63 -6.80 -11.31
C MET C 39 -7.07 -6.35 -9.92
N LEU C 40 -6.69 -5.14 -9.53
CA LEU C 40 -7.06 -4.63 -8.22
C LEU C 40 -8.54 -4.28 -8.21
N ALA C 41 -9.05 -3.81 -9.33
CA ALA C 41 -10.47 -3.50 -9.44
C ALA C 41 -11.29 -4.78 -9.34
N GLY C 42 -10.86 -5.81 -10.06
CA GLY C 42 -11.53 -7.10 -10.03
C GLY C 42 -11.61 -7.66 -8.63
N LEU C 43 -10.50 -7.55 -7.90
CA LEU C 43 -10.46 -7.99 -6.50
C LEU C 43 -11.66 -7.45 -5.72
N LEU C 44 -11.83 -6.12 -5.74
CA LEU C 44 -12.94 -5.49 -5.05
C LEU C 44 -14.28 -6.11 -5.44
N TYR C 45 -14.50 -6.25 -6.73
CA TYR C 45 -15.75 -6.79 -7.22
C TYR C 45 -16.06 -8.15 -6.61
N PHE C 46 -15.07 -9.03 -6.62
CA PHE C 46 -15.27 -10.39 -6.13
C PHE C 46 -15.42 -10.44 -4.61
N ILE C 47 -14.92 -9.43 -3.92
CA ILE C 47 -15.09 -9.35 -2.47
C ILE C 47 -16.47 -8.82 -2.11
N LEU C 48 -16.86 -7.73 -2.75
CA LEU C 48 -18.12 -7.06 -2.45
C LEU C 48 -19.35 -7.83 -2.94
N THR C 49 -19.14 -8.89 -3.71
CA THR C 49 -20.25 -9.67 -4.26
C THR C 49 -20.28 -11.10 -3.75
N ILE C 50 -19.47 -11.40 -2.74
CA ILE C 50 -19.44 -12.75 -2.18
C ILE C 50 -20.82 -13.16 -1.68
N LYS C 51 -21.53 -12.21 -1.06
CA LYS C 51 -22.79 -12.50 -0.40
C LYS C 51 -23.98 -12.54 -1.37
N ASN C 52 -23.69 -12.51 -2.67
CA ASN C 52 -24.75 -12.57 -3.69
C ASN C 52 -24.93 -13.99 -4.20
N VAL C 53 -24.42 -14.97 -3.44
CA VAL C 53 -24.59 -16.37 -3.79
C VAL C 53 -24.66 -17.23 -2.54
N ASP C 54 -25.19 -18.44 -2.68
CA ASP C 54 -25.30 -19.37 -1.56
C ASP C 54 -23.92 -19.75 -1.03
N LYS C 55 -23.85 -20.05 0.27
CA LYS C 55 -22.59 -20.32 0.95
C LYS C 55 -21.72 -21.35 0.21
N LYS C 56 -22.34 -22.38 -0.34
CA LYS C 56 -21.60 -23.48 -0.96
C LYS C 56 -20.81 -23.05 -2.18
N PHE C 57 -21.26 -22.00 -2.86
CA PHE C 57 -20.58 -21.50 -4.07
C PHE C 57 -19.48 -20.51 -3.74
N GLN C 58 -19.69 -19.73 -2.68
CA GLN C 58 -18.80 -18.62 -2.34
C GLN C 58 -17.31 -18.92 -2.49
N MET C 59 -16.92 -20.18 -2.35
CA MET C 59 -15.51 -20.54 -2.50
C MET C 59 -14.96 -20.00 -3.81
N SER C 60 -15.77 -20.06 -4.87
CA SER C 60 -15.33 -19.57 -6.18
C SER C 60 -14.94 -18.10 -6.10
N ASN C 61 -15.86 -17.26 -5.59
CA ASN C 61 -15.57 -15.84 -5.41
C ASN C 61 -14.23 -15.63 -4.72
N ILE C 62 -14.04 -16.32 -3.60
CA ILE C 62 -12.82 -16.19 -2.81
C ILE C 62 -11.60 -16.53 -3.65
N LEU C 63 -11.66 -17.64 -4.37
CA LEU C 63 -10.57 -18.06 -5.23
C LEU C 63 -10.32 -17.06 -6.35
N SER C 64 -11.39 -16.46 -6.88
CA SER C 64 -11.25 -15.41 -7.87
C SER C 64 -10.48 -14.23 -7.26
N ALA C 65 -10.81 -13.90 -6.02
CA ALA C 65 -10.18 -12.79 -5.31
C ALA C 65 -8.71 -13.07 -5.07
N VAL C 66 -8.40 -14.28 -4.63
CA VAL C 66 -7.02 -14.71 -4.45
C VAL C 66 -6.21 -14.45 -5.71
N VAL C 67 -6.72 -14.96 -6.84
CA VAL C 67 -6.05 -14.77 -8.13
C VAL C 67 -5.84 -13.30 -8.43
N MET C 68 -6.86 -12.48 -8.16
CA MET C 68 -6.76 -11.04 -8.41
C MET C 68 -5.54 -10.49 -7.69
N VAL C 69 -5.40 -10.84 -6.42
CA VAL C 69 -4.28 -10.35 -5.62
C VAL C 69 -2.95 -10.75 -6.25
N SER C 70 -2.72 -12.06 -6.36
CA SER C 70 -1.53 -12.56 -7.00
C SER C 70 -1.27 -11.77 -8.29
N ALA C 71 -2.22 -11.83 -9.22
CA ALA C 71 -2.08 -11.16 -10.51
C ALA C 71 -1.66 -9.70 -10.35
N PHE C 72 -2.40 -8.97 -9.53
CA PHE C 72 -2.11 -7.56 -9.30
C PHE C 72 -0.62 -7.33 -9.08
N LEU C 73 -0.08 -7.97 -8.04
CA LEU C 73 1.30 -7.77 -7.65
C LEU C 73 2.25 -8.04 -8.81
N LEU C 74 2.18 -9.25 -9.35
CA LEU C 74 3.10 -9.66 -10.40
C LEU C 74 2.96 -8.84 -11.68
N LEU C 75 1.73 -8.45 -12.03
CA LEU C 75 1.53 -7.56 -13.15
C LEU C 75 2.16 -6.21 -12.84
N TYR C 76 1.98 -5.75 -11.61
CA TYR C 76 2.61 -4.50 -11.19
C TYR C 76 4.11 -4.58 -11.39
N ALA C 77 4.72 -5.63 -10.87
CA ALA C 77 6.15 -5.85 -11.04
C ALA C 77 6.50 -5.82 -12.53
N GLN C 78 5.71 -6.51 -13.33
CA GLN C 78 5.95 -6.55 -14.77
C GLN C 78 5.94 -5.14 -15.36
N ALA C 79 5.00 -4.30 -14.91
CA ALA C 79 4.92 -2.93 -15.40
C ALA C 79 6.17 -2.14 -15.05
N GLN C 80 6.58 -2.22 -13.79
CA GLN C 80 7.77 -1.51 -13.31
C GLN C 80 9.03 -2.04 -13.99
N ASN C 81 9.00 -3.31 -14.37
CA ASN C 81 10.12 -3.89 -15.09
C ASN C 81 10.25 -3.30 -16.48
N TRP C 82 9.12 -3.13 -17.16
CA TRP C 82 9.11 -2.55 -18.49
C TRP C 82 9.60 -1.10 -18.46
N THR C 83 9.05 -0.30 -17.55
CA THR C 83 9.37 1.12 -17.50
C THR C 83 10.83 1.37 -17.12
N SER C 84 11.32 0.59 -16.16
CA SER C 84 12.67 0.78 -15.65
C SER C 84 13.74 0.27 -16.63
N SER C 85 13.37 -0.68 -17.48
CA SER C 85 14.32 -1.33 -18.38
C SER C 85 14.63 -0.53 -19.65
N PHE C 86 13.80 0.46 -19.97
CA PHE C 86 14.00 1.22 -21.21
C PHE C 86 13.94 2.72 -20.97
N THR C 87 14.99 3.42 -21.39
CA THR C 87 15.11 4.86 -21.16
C THR C 87 15.12 5.64 -22.46
N PHE C 88 14.54 6.83 -22.42
CA PHE C 88 14.46 7.70 -23.57
C PHE C 88 15.83 8.25 -23.95
N ASN C 89 16.15 8.21 -25.23
CA ASN C 89 17.36 8.84 -25.75
C ASN C 89 16.98 10.11 -26.50
N GLU C 90 17.22 11.25 -25.86
CA GLU C 90 16.76 12.54 -26.35
C GLU C 90 17.37 12.94 -27.70
N GLU C 91 18.52 12.36 -28.03
CA GLU C 91 19.25 12.74 -29.24
C GLU C 91 18.70 12.03 -30.48
N VAL C 92 18.11 10.86 -30.31
CA VAL C 92 17.51 10.15 -31.43
C VAL C 92 16.00 9.97 -31.24
N GLY C 93 15.51 10.33 -30.05
CA GLY C 93 14.07 10.35 -29.79
C GLY C 93 13.41 9.00 -29.65
N ARG C 94 14.16 8.00 -29.17
CA ARG C 94 13.63 6.66 -28.99
C ARG C 94 14.06 6.07 -27.64
N TYR C 95 13.37 5.03 -27.22
CA TYR C 95 13.64 4.38 -25.94
C TYR C 95 14.53 3.17 -26.11
N PHE C 96 15.71 3.19 -25.50
CA PHE C 96 16.66 2.10 -25.62
C PHE C 96 16.89 1.40 -24.29
N LEU C 97 17.37 0.17 -24.36
CA LEU C 97 17.63 -0.63 -23.18
C LEU C 97 18.55 0.09 -22.19
N ASP C 98 18.12 0.15 -20.94
CA ASP C 98 18.92 0.72 -19.87
C ASP C 98 19.39 -0.40 -18.95
N PRO C 99 20.66 -0.82 -19.12
CA PRO C 99 21.22 -1.97 -18.41
C PRO C 99 21.00 -1.92 -16.90
N SER C 100 21.11 -0.73 -16.32
CA SER C 100 21.02 -0.57 -14.86
C SER C 100 19.61 -0.86 -14.33
N GLY C 101 18.63 -0.91 -15.23
CA GLY C 101 17.25 -1.19 -14.85
C GLY C 101 16.89 -2.65 -15.03
N ASP C 102 17.91 -3.51 -15.16
CA ASP C 102 17.70 -4.93 -15.40
C ASP C 102 17.13 -5.16 -16.78
N LEU C 103 17.41 -6.33 -17.34
CA LEU C 103 16.80 -6.71 -18.62
C LEU C 103 15.32 -6.96 -18.40
N PHE C 104 14.52 -6.73 -19.43
CA PHE C 104 13.10 -7.04 -19.34
C PHE C 104 12.88 -8.53 -19.51
N ASN C 105 11.87 -9.04 -18.82
CA ASN C 105 11.51 -10.45 -18.93
C ASN C 105 10.06 -10.67 -18.57
N ASN C 106 9.37 -11.44 -19.40
CA ASN C 106 7.98 -11.79 -19.14
C ASN C 106 7.87 -12.83 -18.03
N GLY C 107 9.01 -13.39 -17.63
CA GLY C 107 9.05 -14.40 -16.59
C GLY C 107 8.17 -14.10 -15.40
N TYR C 108 8.09 -12.83 -15.00
CA TYR C 108 7.24 -12.44 -13.90
C TYR C 108 5.81 -12.93 -14.13
N ARG C 109 5.29 -12.64 -15.31
CA ARG C 109 3.94 -13.04 -15.69
C ARG C 109 3.79 -14.56 -15.66
N TYR C 110 4.75 -15.26 -16.26
CA TYR C 110 4.68 -16.72 -16.34
C TYR C 110 4.53 -17.33 -14.94
N LEU C 111 5.36 -16.88 -14.00
CA LEU C 111 5.30 -17.39 -12.64
C LEU C 111 3.97 -17.01 -11.98
N ASN C 112 3.43 -15.86 -12.40
CA ASN C 112 2.09 -15.49 -11.99
C ASN C 112 1.09 -16.59 -12.34
N TRP C 113 1.21 -17.12 -13.56
CA TRP C 113 0.33 -18.19 -14.02
C TRP C 113 0.50 -19.43 -13.15
N LEU C 114 1.73 -19.68 -12.71
CA LEU C 114 2.03 -20.87 -11.93
C LEU C 114 1.09 -21.01 -10.73
N ILE C 115 0.48 -19.91 -10.30
CA ILE C 115 -0.50 -19.95 -9.25
C ILE C 115 -1.90 -19.93 -9.82
N ASP C 116 -2.17 -18.91 -10.63
CA ASP C 116 -3.51 -18.62 -11.09
C ASP C 116 -4.13 -19.77 -11.89
N VAL C 117 -3.35 -20.36 -12.77
CA VAL C 117 -3.81 -21.49 -13.57
C VAL C 117 -4.48 -22.56 -12.71
N PRO C 118 -3.75 -23.08 -11.71
CA PRO C 118 -4.34 -24.02 -10.76
C PRO C 118 -5.64 -23.50 -10.15
N MET C 119 -5.62 -22.30 -9.60
CA MET C 119 -6.79 -21.71 -8.97
C MET C 119 -7.96 -21.62 -9.94
N LEU C 120 -7.69 -21.16 -11.15
CA LEU C 120 -8.74 -20.92 -12.15
C LEU C 120 -9.42 -22.22 -12.61
N LEU C 121 -8.62 -23.25 -12.84
CA LEU C 121 -9.16 -24.55 -13.26
C LEU C 121 -9.87 -25.23 -12.09
N PHE C 122 -9.44 -24.89 -10.88
CA PHE C 122 -9.96 -25.49 -9.66
C PHE C 122 -11.31 -24.88 -9.28
N GLN C 123 -11.39 -23.56 -9.33
CA GLN C 123 -12.54 -22.83 -8.81
C GLN C 123 -13.85 -23.19 -9.50
N ILE C 124 -13.78 -23.63 -10.75
CA ILE C 124 -14.98 -23.99 -11.47
C ILE C 124 -15.67 -25.19 -10.82
N LEU C 125 -14.90 -25.96 -10.06
CA LEU C 125 -15.40 -27.16 -9.40
C LEU C 125 -16.23 -26.84 -8.16
N PHE C 126 -16.32 -25.56 -7.80
CA PHE C 126 -17.10 -25.15 -6.65
C PHE C 126 -18.42 -24.54 -7.08
N VAL C 127 -18.69 -24.58 -8.38
CA VAL C 127 -19.95 -24.10 -8.92
C VAL C 127 -20.70 -25.24 -9.59
N VAL C 128 -20.05 -25.90 -10.55
CA VAL C 128 -20.68 -27.00 -11.27
C VAL C 128 -20.59 -28.30 -10.47
N SER C 129 -21.34 -29.30 -10.91
CA SER C 129 -21.29 -30.63 -10.32
C SER C 129 -20.95 -31.64 -11.41
N LEU C 130 -19.91 -32.43 -11.17
CA LEU C 130 -19.52 -33.48 -12.09
C LEU C 130 -20.59 -34.57 -12.10
N THR C 131 -20.37 -35.62 -12.90
CA THR C 131 -21.32 -36.73 -12.96
C THR C 131 -20.62 -38.07 -12.86
N THR C 132 -19.56 -38.24 -13.64
CA THR C 132 -18.82 -39.50 -13.65
C THR C 132 -17.35 -39.33 -13.26
N SER C 133 -16.90 -38.09 -13.14
CA SER C 133 -15.52 -37.82 -12.73
C SER C 133 -15.49 -37.35 -11.28
N LYS C 134 -14.44 -37.74 -10.56
CA LYS C 134 -14.31 -37.37 -9.15
C LYS C 134 -13.71 -35.98 -8.97
N PHE C 135 -14.21 -35.25 -7.98
CA PHE C 135 -13.71 -33.92 -7.68
C PHE C 135 -12.19 -33.87 -7.62
N SER C 136 -11.60 -34.86 -6.97
CA SER C 136 -10.16 -34.89 -6.75
C SER C 136 -9.37 -35.20 -8.02
N SER C 137 -9.71 -36.30 -8.69
CA SER C 137 -8.99 -36.71 -9.90
C SER C 137 -8.85 -35.54 -10.87
N VAL C 138 -9.96 -34.89 -11.19
CA VAL C 138 -9.96 -33.76 -12.10
C VAL C 138 -9.06 -32.64 -11.62
N ARG C 139 -9.03 -32.43 -10.30
CA ARG C 139 -8.21 -31.37 -9.71
C ARG C 139 -6.71 -31.66 -9.84
N ASN C 140 -6.34 -32.93 -9.74
CA ASN C 140 -4.95 -33.32 -9.85
C ASN C 140 -4.46 -33.33 -11.30
N GLN C 141 -5.34 -33.71 -12.22
CA GLN C 141 -5.02 -33.66 -13.63
C GLN C 141 -4.76 -32.22 -14.05
N PHE C 142 -5.65 -31.31 -13.64
CA PHE C 142 -5.45 -29.89 -13.86
C PHE C 142 -4.11 -29.44 -13.32
N TRP C 143 -3.90 -29.69 -12.02
CA TRP C 143 -2.74 -29.17 -11.33
C TRP C 143 -1.42 -29.69 -11.88
N PHE C 144 -1.31 -31.01 -12.06
CA PHE C 144 -0.07 -31.57 -12.60
C PHE C 144 0.21 -30.99 -13.99
N SER C 145 -0.82 -30.96 -14.82
CA SER C 145 -0.65 -30.46 -16.20
C SER C 145 -0.44 -28.95 -16.22
N GLY C 146 -1.25 -28.23 -15.45
CA GLY C 146 -1.15 -26.78 -15.38
C GLY C 146 0.24 -26.32 -14.99
N ALA C 147 0.82 -27.01 -14.02
CA ALA C 147 2.18 -26.70 -13.56
C ALA C 147 3.19 -26.95 -14.67
N MET C 148 3.17 -28.16 -15.22
CA MET C 148 4.09 -28.53 -16.29
C MET C 148 4.01 -27.53 -17.44
N MET C 149 2.80 -27.23 -17.88
CA MET C 149 2.59 -26.30 -18.98
C MET C 149 3.34 -24.99 -18.75
N ILE C 150 3.24 -24.47 -17.53
CA ILE C 150 3.85 -23.19 -17.18
C ILE C 150 5.37 -23.30 -17.08
N ILE C 151 5.84 -24.33 -16.39
CA ILE C 151 7.27 -24.50 -16.20
C ILE C 151 7.96 -24.77 -17.52
N THR C 152 7.39 -25.66 -18.32
CA THR C 152 7.95 -25.99 -19.63
C THR C 152 8.05 -24.74 -20.49
N GLY C 153 6.98 -23.93 -20.47
CA GLY C 153 6.94 -22.70 -21.25
C GLY C 153 7.83 -21.62 -20.67
N TYR C 154 7.85 -21.53 -19.35
CA TYR C 154 8.71 -20.59 -18.65
C TYR C 154 10.16 -20.78 -19.09
N ILE C 155 10.59 -22.03 -19.13
CA ILE C 155 11.93 -22.36 -19.59
C ILE C 155 12.15 -21.85 -21.01
N GLY C 156 11.29 -22.31 -21.93
CA GLY C 156 11.46 -22.03 -23.35
C GLY C 156 11.56 -20.56 -23.69
N GLN C 157 10.73 -19.74 -23.05
CA GLN C 157 10.64 -18.32 -23.37
C GLN C 157 11.97 -17.58 -23.11
N PHE C 158 12.86 -18.22 -22.36
CA PHE C 158 14.19 -17.66 -22.13
C PHE C 158 15.05 -17.73 -23.39
N TYR C 159 14.69 -18.63 -24.30
CA TYR C 159 15.50 -18.89 -25.47
C TYR C 159 14.82 -18.41 -26.75
N GLU C 160 13.79 -17.58 -26.61
CA GLU C 160 13.00 -17.15 -27.76
C GLU C 160 13.81 -16.37 -28.80
N VAL C 161 15.09 -16.17 -28.51
CA VAL C 161 16.00 -15.48 -29.44
C VAL C 161 17.30 -16.26 -29.56
N SER C 162 17.96 -16.46 -28.42
CA SER C 162 19.23 -17.16 -28.36
C SER C 162 19.16 -18.55 -28.99
N ASN C 163 18.01 -19.22 -28.86
CA ASN C 163 17.88 -20.58 -29.37
C ASN C 163 16.47 -20.93 -29.82
N LEU C 164 16.22 -20.77 -31.11
CA LEU C 164 14.90 -21.05 -31.69
C LEU C 164 14.48 -22.49 -31.44
N THR C 165 15.42 -23.41 -31.49
CA THR C 165 15.13 -24.83 -31.34
C THR C 165 14.54 -25.12 -29.96
N ALA C 166 15.31 -24.83 -28.91
CA ALA C 166 14.87 -25.08 -27.54
C ALA C 166 13.55 -24.34 -27.27
N PHE C 167 13.43 -23.14 -27.83
CA PHE C 167 12.23 -22.35 -27.72
C PHE C 167 11.00 -23.10 -28.23
N LEU C 168 11.11 -23.65 -29.44
CA LEU C 168 10.01 -24.41 -30.03
C LEU C 168 9.82 -25.74 -29.29
N VAL C 169 10.91 -26.43 -29.01
CA VAL C 169 10.85 -27.73 -28.37
C VAL C 169 10.08 -27.66 -27.05
N TRP C 170 10.44 -26.72 -26.20
CA TRP C 170 9.76 -26.56 -24.92
C TRP C 170 8.33 -26.08 -25.12
N GLY C 171 8.12 -25.16 -26.04
CA GLY C 171 6.79 -24.67 -26.36
C GLY C 171 5.89 -25.81 -26.77
N ALA C 172 6.41 -26.71 -27.60
CA ALA C 172 5.66 -27.89 -28.04
C ALA C 172 5.30 -28.75 -26.84
N ILE C 173 6.32 -29.17 -26.10
CA ILE C 173 6.12 -29.97 -24.89
C ILE C 173 5.06 -29.32 -24.00
N SER C 174 5.14 -28.00 -23.88
CA SER C 174 4.17 -27.24 -23.08
C SER C 174 2.76 -27.38 -23.66
N SER C 175 2.64 -27.25 -24.97
CA SER C 175 1.35 -27.34 -25.66
C SER C 175 0.65 -28.67 -25.36
N ALA C 176 1.40 -29.77 -25.47
CA ALA C 176 0.85 -31.09 -25.20
C ALA C 176 0.03 -31.05 -23.91
N PHE C 177 0.58 -30.43 -22.87
CA PHE C 177 -0.12 -30.30 -21.61
C PHE C 177 -1.33 -29.36 -21.73
N PHE C 178 -1.19 -28.35 -22.60
CA PHE C 178 -2.27 -27.41 -22.85
C PHE C 178 -3.50 -28.12 -23.41
N PHE C 179 -3.28 -28.95 -24.43
CA PHE C 179 -4.38 -29.71 -25.03
C PHE C 179 -5.05 -30.56 -23.96
N HIS C 180 -4.25 -31.22 -23.14
CA HIS C 180 -4.80 -32.08 -22.08
C HIS C 180 -5.76 -31.30 -21.20
N ILE C 181 -5.43 -30.04 -20.91
CA ILE C 181 -6.26 -29.20 -20.05
C ILE C 181 -7.54 -28.81 -20.76
N LEU C 182 -7.46 -28.63 -22.07
CA LEU C 182 -8.65 -28.35 -22.87
C LEU C 182 -9.57 -29.58 -22.85
N TRP C 183 -8.96 -30.75 -22.98
CA TRP C 183 -9.70 -32.01 -22.97
C TRP C 183 -10.44 -32.18 -21.64
N VAL C 184 -9.73 -32.02 -20.54
CA VAL C 184 -10.31 -32.18 -19.22
C VAL C 184 -11.36 -31.11 -18.95
N MET C 185 -11.03 -29.86 -19.24
CA MET C 185 -11.96 -28.76 -19.02
C MET C 185 -13.21 -28.92 -19.90
N LYS C 186 -13.07 -29.53 -21.06
CA LYS C 186 -14.21 -29.82 -21.91
C LYS C 186 -15.12 -30.83 -21.22
N LYS C 187 -14.53 -31.90 -20.70
CA LYS C 187 -15.28 -32.92 -19.98
C LYS C 187 -15.94 -32.34 -18.73
N VAL C 188 -15.32 -31.30 -18.17
CA VAL C 188 -15.80 -30.68 -16.94
C VAL C 188 -17.03 -29.80 -17.17
N ILE C 189 -17.13 -29.21 -18.35
CA ILE C 189 -18.25 -28.33 -18.66
C ILE C 189 -19.46 -29.13 -19.12
N ASN C 190 -19.22 -30.18 -19.90
CA ASN C 190 -20.29 -31.05 -20.34
C ASN C 190 -21.03 -31.65 -19.15
N GLU C 191 -20.25 -32.24 -18.24
CA GLU C 191 -20.81 -32.80 -17.02
C GLU C 191 -21.42 -31.70 -16.16
N GLY C 192 -20.90 -30.48 -16.31
CA GLY C 192 -21.40 -29.34 -15.57
C GLY C 192 -22.82 -28.99 -15.99
N LYS C 193 -23.08 -29.08 -17.29
CA LYS C 193 -24.40 -28.74 -17.83
C LYS C 193 -25.47 -29.75 -17.37
N GLU C 194 -25.05 -30.97 -17.08
CA GLU C 194 -25.98 -32.01 -16.65
C GLU C 194 -26.63 -31.62 -15.32
N GLY C 195 -27.92 -31.32 -15.36
CA GLY C 195 -28.70 -31.10 -14.15
C GLY C 195 -28.80 -29.65 -13.71
N ILE C 196 -28.78 -28.73 -14.67
CA ILE C 196 -28.97 -27.32 -14.36
C ILE C 196 -29.82 -26.64 -15.44
N SER C 197 -30.58 -25.62 -15.05
CA SER C 197 -31.47 -24.92 -15.96
C SER C 197 -30.74 -24.54 -17.24
N PRO C 198 -31.48 -24.55 -18.37
CA PRO C 198 -30.90 -24.15 -19.65
C PRO C 198 -30.21 -22.79 -19.56
N ALA C 199 -30.71 -21.94 -18.66
CA ALA C 199 -30.09 -20.63 -18.43
C ALA C 199 -28.66 -20.81 -17.94
N GLY C 200 -28.47 -21.68 -16.96
CA GLY C 200 -27.14 -21.99 -16.45
C GLY C 200 -26.29 -22.67 -17.50
N GLN C 201 -26.91 -23.54 -18.30
CA GLN C 201 -26.21 -24.21 -19.38
C GLN C 201 -25.59 -23.22 -20.34
N LYS C 202 -26.34 -22.15 -20.63
CA LYS C 202 -25.91 -21.17 -21.63
C LYS C 202 -24.66 -20.42 -21.15
N ILE C 203 -24.62 -20.11 -19.86
CA ILE C 203 -23.46 -19.43 -19.30
C ILE C 203 -22.23 -20.33 -19.34
N LEU C 204 -22.40 -21.61 -19.02
CA LEU C 204 -21.32 -22.57 -19.11
C LEU C 204 -20.79 -22.66 -20.54
N SER C 205 -21.67 -22.56 -21.52
CA SER C 205 -21.25 -22.56 -22.92
C SER C 205 -20.33 -21.37 -23.19
N ASN C 206 -20.81 -20.17 -22.86
CA ASN C 206 -20.01 -18.96 -23.02
C ASN C 206 -18.64 -19.12 -22.37
N ILE C 207 -18.66 -19.52 -21.10
CA ILE C 207 -17.44 -19.75 -20.35
C ILE C 207 -16.45 -20.62 -21.13
N TRP C 208 -16.95 -21.70 -21.73
CA TRP C 208 -16.10 -22.59 -22.52
C TRP C 208 -15.44 -21.84 -23.66
N ILE C 209 -16.22 -21.02 -24.37
CA ILE C 209 -15.68 -20.25 -25.49
C ILE C 209 -14.65 -19.24 -25.00
N LEU C 210 -15.00 -18.52 -23.94
CA LEU C 210 -14.08 -17.56 -23.33
C LEU C 210 -12.79 -18.25 -22.93
N PHE C 211 -12.93 -19.28 -22.11
CA PHE C 211 -11.79 -20.10 -21.72
C PHE C 211 -10.98 -20.47 -22.95
N LEU C 212 -11.62 -21.12 -23.92
CA LEU C 212 -10.95 -21.62 -25.11
C LEU C 212 -10.20 -20.51 -25.84
N ILE C 213 -10.90 -19.44 -26.17
CA ILE C 213 -10.30 -18.33 -26.91
C ILE C 213 -9.16 -17.67 -26.16
N SER C 214 -9.46 -17.18 -24.94
CA SER C 214 -8.48 -16.43 -24.16
C SER C 214 -7.24 -17.26 -23.85
N TRP C 215 -7.43 -18.53 -23.52
CA TRP C 215 -6.30 -19.40 -23.18
C TRP C 215 -5.43 -19.71 -24.40
N THR C 216 -6.02 -19.64 -25.59
CA THR C 216 -5.28 -19.86 -26.82
C THR C 216 -4.33 -18.69 -27.08
N LEU C 217 -4.74 -17.49 -26.66
CA LEU C 217 -3.96 -16.29 -26.91
C LEU C 217 -2.52 -16.44 -26.42
N TYR C 218 -2.35 -17.09 -25.28
CA TYR C 218 -1.04 -17.15 -24.63
C TYR C 218 0.05 -17.71 -25.52
N PRO C 219 -0.14 -18.94 -26.03
CA PRO C 219 0.84 -19.48 -26.97
C PRO C 219 0.98 -18.60 -28.22
N GLY C 220 -0.09 -17.87 -28.55
CA GLY C 220 -0.04 -16.91 -29.64
C GLY C 220 0.96 -15.82 -29.34
N ALA C 221 0.92 -15.33 -28.10
CA ALA C 221 1.89 -14.34 -27.63
C ALA C 221 3.28 -14.96 -27.58
N TYR C 222 3.40 -16.06 -26.85
CA TYR C 222 4.64 -16.83 -26.80
C TYR C 222 5.40 -16.72 -28.13
N LEU C 223 4.70 -16.98 -29.22
CA LEU C 223 5.30 -16.99 -30.56
C LEU C 223 5.33 -15.60 -31.20
N MET C 224 4.43 -14.73 -30.77
CA MET C 224 4.19 -13.44 -31.44
C MET C 224 5.28 -13.04 -32.45
N PRO C 225 6.51 -12.79 -31.97
CA PRO C 225 7.60 -12.34 -32.83
C PRO C 225 7.68 -13.07 -34.18
N TYR C 226 7.43 -14.36 -34.20
CA TYR C 226 7.59 -15.18 -35.40
C TYR C 226 6.27 -15.52 -36.08
N LEU C 227 5.25 -14.69 -35.89
CA LEU C 227 3.94 -14.97 -36.48
C LEU C 227 3.83 -14.39 -37.90
N THR C 228 4.92 -13.80 -38.39
CA THR C 228 4.97 -13.27 -39.75
C THR C 228 6.38 -13.38 -40.33
N GLY C 229 7.09 -14.45 -39.98
CA GLY C 229 8.46 -14.66 -40.44
C GLY C 229 9.36 -13.50 -40.03
N PHE C 233 6.53 -8.41 -40.46
CA PHE C 233 6.43 -7.10 -39.81
C PHE C 233 6.03 -7.23 -38.34
N LEU C 234 6.51 -8.30 -37.70
CA LEU C 234 6.23 -8.54 -36.28
C LEU C 234 7.50 -8.75 -35.46
N TYR C 235 8.65 -8.86 -36.12
CA TYR C 235 9.92 -8.94 -35.41
C TYR C 235 10.47 -7.53 -35.21
N SER C 236 9.61 -6.65 -34.71
CA SER C 236 9.97 -5.26 -34.48
C SER C 236 9.29 -4.77 -33.20
N GLU C 237 9.25 -3.45 -33.00
CA GLU C 237 8.59 -2.90 -31.83
C GLU C 237 7.10 -3.20 -31.87
N ASP C 238 6.56 -3.30 -33.07
CA ASP C 238 5.15 -3.66 -33.26
C ASP C 238 4.87 -5.03 -32.64
N GLY C 239 5.79 -5.97 -32.86
CA GLY C 239 5.65 -7.31 -32.30
C GLY C 239 5.63 -7.27 -30.78
N VAL C 240 6.38 -6.34 -30.20
CA VAL C 240 6.41 -6.18 -28.75
C VAL C 240 5.09 -5.63 -28.25
N MET C 241 4.61 -4.57 -28.89
CA MET C 241 3.32 -4.00 -28.58
C MET C 241 2.25 -5.10 -28.63
N ALA C 242 2.23 -5.82 -29.75
CA ALA C 242 1.26 -6.88 -29.96
C ALA C 242 1.27 -7.87 -28.81
N ARG C 243 2.45 -8.42 -28.51
CA ARG C 243 2.60 -9.42 -27.46
C ARG C 243 2.05 -8.94 -26.12
N GLN C 244 2.38 -7.72 -25.73
CA GLN C 244 1.98 -7.20 -24.43
C GLN C 244 0.49 -6.89 -24.39
N LEU C 245 -0.07 -6.47 -25.52
CA LEU C 245 -1.52 -6.25 -25.59
C LEU C 245 -2.24 -7.56 -25.41
N VAL C 246 -1.87 -8.54 -26.23
CA VAL C 246 -2.46 -9.87 -26.15
C VAL C 246 -2.42 -10.40 -24.72
N TYR C 247 -1.23 -10.44 -24.14
CA TYR C 247 -1.08 -10.90 -22.76
C TYR C 247 -2.10 -10.24 -21.85
N THR C 248 -2.19 -8.92 -21.90
CA THR C 248 -3.09 -8.18 -21.02
C THR C 248 -4.54 -8.54 -21.29
N ILE C 249 -4.94 -8.50 -22.55
CA ILE C 249 -6.29 -8.91 -22.93
C ILE C 249 -6.56 -10.29 -22.34
N ALA C 250 -5.69 -11.24 -22.66
CA ALA C 250 -5.83 -12.61 -22.19
C ALA C 250 -6.05 -12.67 -20.68
N ASP C 251 -5.13 -12.06 -19.92
CA ASP C 251 -5.18 -12.10 -18.47
C ASP C 251 -6.49 -11.52 -17.92
N VAL C 252 -6.91 -10.38 -18.45
CA VAL C 252 -8.19 -9.81 -18.07
C VAL C 252 -9.29 -10.84 -18.32
N SER C 253 -9.29 -11.41 -19.51
CA SER C 253 -10.33 -12.34 -19.94
C SER C 253 -10.34 -13.63 -19.14
N SER C 254 -9.18 -14.29 -19.05
CA SER C 254 -9.10 -15.61 -18.42
C SER C 254 -9.27 -15.56 -16.90
N LYR C 255 -9.18 -14.36 -16.31
CA LYR C 255 -9.31 -14.33 -14.85
C LYR C 255 -10.50 -13.47 -14.40
O LYR C 255 -11.26 -13.90 -13.53
CB LYR C 255 -8.04 -13.75 -14.21
CG LYR C 255 -6.80 -14.52 -14.63
CD LYR C 255 -5.55 -13.90 -14.03
CE LYR C 255 -4.42 -13.84 -15.06
NZ LYR C 255 -3.73 -15.14 -15.08
C1 LYR C 255 -4.13 -16.10 -15.90
C2 LYR C 255 -3.21 -16.75 -16.72
C3 LYR C 255 -3.47 -17.88 -17.50
C4 LYR C 255 -4.87 -18.48 -17.52
C5 LYR C 255 -2.45 -18.44 -18.29
C6 LYR C 255 -2.57 -19.55 -19.12
C7 LYR C 255 -1.36 -19.78 -19.80
C80 LYR C 255 -1.20 -20.66 -20.87
C8 LYR C 255 -2.39 -21.45 -21.40
C9 LYR C 255 0.10 -20.81 -21.48
C10 LYR C 255 0.28 -21.65 -22.54
C11 LYR C 255 1.58 -21.81 -23.16
C12 LYR C 255 1.70 -22.67 -24.21
C13 LYR C 255 0.47 -23.44 -24.69
C14 LYR C 255 3.02 -22.92 -24.95
C15 LYR C 255 3.94 -21.73 -24.76
C16 LYR C 255 4.10 -21.45 -23.26
C17 LYR C 255 2.78 -21.01 -22.62
C18 LYR C 255 2.87 -21.23 -21.12
C19 LYR C 255 2.50 -19.53 -22.93
N VAL C 256 -10.62 -12.28 -14.94
CA VAL C 256 -11.68 -11.36 -14.53
C VAL C 256 -13.03 -11.74 -15.14
N ILE C 257 -13.15 -11.64 -16.46
CA ILE C 257 -14.39 -11.98 -17.14
C ILE C 257 -14.79 -13.40 -16.74
N TYR C 258 -13.86 -14.32 -16.93
CA TYR C 258 -14.02 -15.70 -16.49
C TYR C 258 -14.69 -15.75 -15.12
N GLY C 259 -14.06 -15.09 -14.15
CA GLY C 259 -14.57 -15.07 -12.78
C GLY C 259 -15.96 -14.49 -12.67
N VAL C 260 -16.23 -13.44 -13.43
CA VAL C 260 -17.54 -12.81 -13.42
C VAL C 260 -18.60 -13.82 -13.88
N LEU C 261 -18.35 -14.47 -15.01
CA LEU C 261 -19.30 -15.43 -15.56
C LEU C 261 -19.60 -16.54 -14.56
N LEU C 262 -18.60 -16.96 -13.78
CA LEU C 262 -18.81 -17.97 -12.75
C LEU C 262 -19.67 -17.43 -11.62
N GLY C 263 -19.43 -16.18 -11.23
CA GLY C 263 -20.24 -15.53 -10.21
C GLY C 263 -21.70 -15.42 -10.64
N ASN C 264 -21.91 -15.34 -11.94
CA ASN C 264 -23.26 -15.28 -12.49
C ASN C 264 -23.89 -16.66 -12.52
N LEU C 265 -23.08 -17.67 -12.84
CA LEU C 265 -23.56 -19.05 -12.84
C LEU C 265 -23.88 -19.48 -11.42
N ALA C 266 -23.22 -18.86 -10.44
CA ALA C 266 -23.49 -19.12 -9.04
C ALA C 266 -24.85 -18.55 -8.65
N ILE C 267 -25.18 -17.38 -9.19
CA ILE C 267 -26.46 -16.74 -8.91
C ILE C 267 -27.63 -17.54 -9.51
N THR C 268 -27.48 -17.94 -10.77
CA THR C 268 -28.53 -18.72 -11.43
C THR C 268 -28.77 -20.03 -10.69
N LEU C 269 -27.71 -20.60 -10.11
CA LEU C 269 -27.81 -21.88 -9.40
C LEU C 269 -28.11 -21.70 -7.92
N SER C 270 -28.55 -20.50 -7.53
CA SER C 270 -28.89 -20.23 -6.14
C SER C 270 -30.40 -20.10 -5.96
N GLU D 4 14.37 16.03 -30.63
CA GLU D 4 13.75 14.94 -31.42
C GLU D 4 12.77 14.14 -30.56
N LEU D 5 11.59 14.71 -30.33
CA LEU D 5 10.60 14.09 -29.46
C LEU D 5 9.76 13.05 -30.22
N GLY D 6 9.12 13.49 -31.29
CA GLY D 6 8.30 12.61 -32.11
C GLY D 6 6.82 12.76 -31.82
N ASN D 7 6.12 11.63 -31.75
CA ASN D 7 4.69 11.64 -31.50
C ASN D 7 4.39 11.72 -30.00
N ALA D 8 4.53 12.92 -29.44
CA ALA D 8 4.41 13.09 -27.99
C ALA D 8 3.49 14.25 -27.64
N ASN D 9 2.94 14.22 -26.42
CA ASN D 9 2.03 15.26 -25.98
C ASN D 9 2.73 16.60 -25.93
N PHE D 10 1.95 17.68 -26.05
CA PHE D 10 2.53 19.01 -26.16
C PHE D 10 3.10 19.51 -24.84
N GLU D 11 2.84 18.78 -23.76
CA GLU D 11 3.46 19.09 -22.48
C GLU D 11 4.98 19.03 -22.61
N ASN D 12 5.46 18.08 -23.41
CA ASN D 12 6.89 17.88 -23.60
C ASN D 12 7.55 18.96 -24.45
N PHE D 13 6.82 19.44 -25.47
CA PHE D 13 7.35 20.47 -26.33
C PHE D 13 7.48 21.78 -25.57
N ILE D 14 6.50 22.06 -24.72
CA ILE D 14 6.57 23.21 -23.84
C ILE D 14 7.71 23.01 -22.83
N GLY D 15 7.85 21.78 -22.36
CA GLY D 15 8.85 21.46 -21.36
C GLY D 15 10.26 21.40 -21.92
N ALA D 16 10.37 21.16 -23.21
CA ALA D 16 11.68 21.02 -23.85
C ALA D 16 12.13 22.32 -24.48
N THR D 17 11.40 23.40 -24.23
CA THR D 17 11.73 24.70 -24.82
C THR D 17 11.61 25.82 -23.79
N GLU D 18 10.38 26.22 -23.48
CA GLU D 18 10.14 27.30 -22.53
C GLU D 18 10.35 26.82 -21.10
N GLY D 19 10.01 25.56 -20.85
CA GLY D 19 10.02 25.02 -19.50
C GLY D 19 8.80 25.50 -18.72
N PHE D 20 8.56 24.91 -17.56
CA PHE D 20 7.45 25.31 -16.73
C PHE D 20 7.93 26.14 -15.54
N SER D 21 7.20 27.20 -15.22
CA SER D 21 7.49 28.01 -14.06
C SER D 21 7.07 27.26 -12.81
N GLU D 22 7.60 27.68 -11.67
CA GLU D 22 7.25 27.04 -10.40
C GLU D 22 5.74 26.82 -10.32
N ILE D 23 4.98 27.91 -10.38
CA ILE D 23 3.53 27.84 -10.27
C ILE D 23 2.93 26.83 -11.25
N ALA D 24 3.44 26.81 -12.48
CA ALA D 24 2.90 25.92 -13.51
C ALA D 24 3.16 24.46 -13.16
N TYR D 25 4.39 24.14 -12.79
CA TYR D 25 4.76 22.77 -12.49
C TYR D 25 4.18 22.29 -11.17
N GLN D 26 4.14 23.17 -10.18
CA GLN D 26 3.63 22.83 -8.86
C GLN D 26 2.12 22.59 -8.90
N PHE D 27 1.38 23.56 -9.43
CA PHE D 27 -0.07 23.44 -9.52
C PHE D 27 -0.46 22.17 -10.28
N THR D 28 0.11 21.99 -11.46
CA THR D 28 -0.15 20.79 -12.25
C THR D 28 0.17 19.54 -11.45
N SER D 29 1.24 19.60 -10.67
CA SER D 29 1.66 18.49 -9.83
C SER D 29 0.67 18.29 -8.68
N HIS D 30 0.25 19.39 -8.07
CA HIS D 30 -0.70 19.32 -6.97
C HIS D 30 -2.05 18.81 -7.47
N ILE D 31 -2.59 19.47 -8.49
CA ILE D 31 -3.91 19.13 -9.02
C ILE D 31 -3.97 17.65 -9.41
N LEU D 32 -2.88 17.14 -9.99
CA LEU D 32 -2.82 15.73 -10.37
C LEU D 32 -2.85 14.81 -9.16
N THR D 33 -2.20 15.25 -8.07
CA THR D 33 -2.20 14.50 -6.83
C THR D 33 -3.61 14.47 -6.27
N LEU D 34 -4.19 15.66 -6.09
CA LEU D 34 -5.58 15.79 -5.66
C LEU D 34 -6.41 14.77 -6.41
N GLY D 35 -6.18 14.70 -7.71
CA GLY D 35 -6.91 13.79 -8.59
C GLY D 35 -7.05 12.40 -8.02
N TYR D 36 -5.92 11.72 -7.87
CA TYR D 36 -5.95 10.34 -7.39
C TYR D 36 -6.31 10.26 -5.90
N ALA D 37 -6.12 11.35 -5.17
CA ALA D 37 -6.50 11.39 -3.76
C ALA D 37 -8.03 11.25 -3.66
N VAL D 38 -8.73 12.03 -4.48
CA VAL D 38 -10.19 12.00 -4.49
C VAL D 38 -10.72 10.60 -4.80
N MET D 39 -10.05 9.89 -5.70
CA MET D 39 -10.49 8.55 -6.10
C MET D 39 -10.49 7.57 -4.95
N LEU D 40 -9.37 7.50 -4.22
CA LEU D 40 -9.28 6.60 -3.08
C LEU D 40 -10.29 6.99 -2.02
N ALA D 41 -10.37 8.30 -1.74
CA ALA D 41 -11.37 8.80 -0.80
C ALA D 41 -12.75 8.29 -1.19
N GLY D 42 -13.10 8.47 -2.46
CA GLY D 42 -14.39 8.00 -2.96
C GLY D 42 -14.56 6.51 -2.76
N LEU D 43 -13.54 5.73 -3.09
CA LEU D 43 -13.58 4.28 -2.92
C LEU D 43 -14.15 3.93 -1.56
N LEU D 44 -13.66 4.62 -0.54
CA LEU D 44 -14.08 4.37 0.83
C LEU D 44 -15.54 4.72 1.01
N TYR D 45 -15.97 5.82 0.42
CA TYR D 45 -17.36 6.26 0.52
C TYR D 45 -18.31 5.21 -0.01
N PHE D 46 -18.04 4.71 -1.20
CA PHE D 46 -18.94 3.79 -1.87
C PHE D 46 -18.94 2.41 -1.22
N ILE D 47 -17.84 2.05 -0.57
CA ILE D 47 -17.77 0.79 0.14
C ILE D 47 -18.54 0.87 1.46
N LEU D 48 -18.56 2.05 2.07
CA LEU D 48 -19.19 2.23 3.37
C LEU D 48 -20.69 2.45 3.26
N THR D 49 -21.13 3.08 2.18
CA THR D 49 -22.54 3.40 2.02
C THR D 49 -23.34 2.26 1.38
N ILE D 50 -22.66 1.16 1.05
CA ILE D 50 -23.32 0.05 0.37
C ILE D 50 -24.68 -0.27 0.99
N LYS D 51 -24.73 -0.30 2.33
CA LYS D 51 -26.00 -0.54 3.02
C LYS D 51 -27.04 0.48 2.59
N ASN D 52 -26.92 1.71 3.09
CA ASN D 52 -27.80 2.80 2.70
C ASN D 52 -28.17 2.69 1.22
N LYS D 55 -30.68 -3.80 -1.83
CA LYS D 55 -29.84 -4.91 -2.27
C LYS D 55 -29.77 -4.99 -3.78
N LYS D 56 -30.89 -4.72 -4.44
CA LYS D 56 -30.95 -4.75 -5.90
C LYS D 56 -30.11 -3.61 -6.50
N PHE D 57 -30.00 -2.51 -5.76
CA PHE D 57 -29.29 -1.33 -6.24
C PHE D 57 -27.79 -1.37 -5.95
N GLN D 58 -27.38 -2.20 -5.01
CA GLN D 58 -26.01 -2.15 -4.48
C GLN D 58 -24.93 -2.44 -5.53
N MET D 59 -25.30 -3.03 -6.65
CA MET D 59 -24.35 -3.24 -7.73
C MET D 59 -23.84 -1.90 -8.24
N SER D 60 -24.63 -0.85 -8.03
CA SER D 60 -24.22 0.51 -8.39
C SER D 60 -23.02 0.94 -7.54
N ASN D 61 -23.19 0.91 -6.23
CA ASN D 61 -22.12 1.25 -5.31
C ASN D 61 -20.85 0.43 -5.57
N ILE D 62 -21.03 -0.84 -5.90
CA ILE D 62 -19.91 -1.71 -6.21
C ILE D 62 -19.14 -1.22 -7.43
N LEU D 63 -19.87 -0.92 -8.50
CA LEU D 63 -19.24 -0.44 -9.72
C LEU D 63 -18.51 0.88 -9.50
N SER D 64 -19.15 1.80 -8.78
CA SER D 64 -18.48 3.05 -8.42
C SER D 64 -17.14 2.76 -7.76
N ALA D 65 -17.14 1.80 -6.85
CA ALA D 65 -15.92 1.40 -6.15
C ALA D 65 -14.89 0.85 -7.12
N VAL D 66 -15.35 0.05 -8.08
CA VAL D 66 -14.48 -0.52 -9.10
C VAL D 66 -13.84 0.58 -9.95
N VAL D 67 -14.61 1.62 -10.25
CA VAL D 67 -14.08 2.77 -10.96
C VAL D 67 -13.04 3.47 -10.09
N MET D 68 -13.39 3.73 -8.84
CA MET D 68 -12.49 4.42 -7.91
C MET D 68 -11.11 3.76 -7.89
N VAL D 69 -11.08 2.45 -7.73
CA VAL D 69 -9.83 1.72 -7.63
C VAL D 69 -8.95 1.97 -8.85
N SER D 70 -9.44 1.59 -10.02
CA SER D 70 -8.69 1.80 -11.25
C SER D 70 -8.27 3.26 -11.36
N ALA D 71 -9.23 4.17 -11.20
CA ALA D 71 -8.95 5.59 -11.29
C ALA D 71 -7.74 5.95 -10.44
N PHE D 72 -7.79 5.59 -9.17
CA PHE D 72 -6.70 5.87 -8.24
C PHE D 72 -5.36 5.37 -8.77
N LEU D 73 -5.32 4.11 -9.16
CA LEU D 73 -4.08 3.47 -9.60
C LEU D 73 -3.48 4.18 -10.79
N LEU D 74 -4.33 4.61 -11.71
CA LEU D 74 -3.86 5.20 -12.96
C LEU D 74 -3.59 6.70 -12.79
N LEU D 75 -4.54 7.41 -12.20
CA LEU D 75 -4.35 8.84 -11.95
C LEU D 75 -3.11 9.05 -11.11
N TYR D 76 -2.79 8.07 -10.28
CA TYR D 76 -1.57 8.12 -9.50
C TYR D 76 -0.36 8.01 -10.43
N ALA D 77 -0.36 6.96 -11.26
CA ALA D 77 0.69 6.77 -12.24
C ALA D 77 0.92 8.03 -13.06
N GLN D 78 -0.17 8.68 -13.47
CA GLN D 78 -0.06 9.92 -14.21
C GLN D 78 0.75 10.94 -13.43
N ALA D 79 0.35 11.19 -12.19
CA ALA D 79 1.01 12.18 -11.35
C ALA D 79 2.51 11.94 -11.27
N GLN D 80 2.89 10.68 -11.05
CA GLN D 80 4.30 10.32 -10.94
C GLN D 80 5.00 10.50 -12.28
N ASN D 81 4.27 10.21 -13.36
CA ASN D 81 4.77 10.43 -14.70
C ASN D 81 5.04 11.92 -14.95
N TRP D 82 4.16 12.77 -14.43
CA TRP D 82 4.35 14.22 -14.57
C TRP D 82 5.58 14.67 -13.81
N THR D 83 5.66 14.30 -12.53
CA THR D 83 6.71 14.82 -11.66
C THR D 83 8.09 14.30 -12.03
N SER D 84 8.16 13.09 -12.59
CA SER D 84 9.45 12.49 -12.94
C SER D 84 9.92 12.84 -14.34
N SER D 85 9.08 13.55 -15.10
CA SER D 85 9.41 13.88 -16.48
C SER D 85 9.90 15.31 -16.62
N PHE D 86 9.76 16.09 -15.55
CA PHE D 86 10.18 17.49 -15.58
C PHE D 86 10.94 17.86 -14.32
N THR D 87 12.14 18.40 -14.51
CA THR D 87 13.05 18.68 -13.41
C THR D 87 13.40 20.15 -13.35
N PHE D 88 13.52 20.67 -12.14
CA PHE D 88 13.85 22.08 -11.91
C PHE D 88 15.29 22.39 -12.28
N ASN D 89 15.47 23.45 -13.07
CA ASN D 89 16.81 23.89 -13.44
C ASN D 89 17.24 25.10 -12.62
N GLU D 90 18.21 24.87 -11.75
CA GLU D 90 18.63 25.88 -10.78
C GLU D 90 19.13 27.17 -11.43
N GLU D 91 19.67 27.07 -12.64
CA GLU D 91 20.24 28.24 -13.33
C GLU D 91 19.16 29.21 -13.81
N VAL D 92 18.11 28.68 -14.40
CA VAL D 92 17.06 29.51 -14.98
C VAL D 92 15.78 29.49 -14.13
N GLY D 93 15.70 28.55 -13.19
CA GLY D 93 14.59 28.49 -12.26
C GLY D 93 13.28 28.09 -12.92
N ARG D 94 13.35 27.07 -13.77
CA ARG D 94 12.17 26.55 -14.44
C ARG D 94 12.29 25.05 -14.61
N TYR D 95 11.15 24.37 -14.69
CA TYR D 95 11.14 22.92 -14.84
C TYR D 95 11.18 22.54 -16.31
N PHE D 96 12.25 21.85 -16.71
CA PHE D 96 12.41 21.42 -18.08
C PHE D 96 12.33 19.91 -18.19
N LEU D 97 12.06 19.43 -19.40
CA LEU D 97 11.93 18.00 -19.64
C LEU D 97 13.17 17.25 -19.16
N ASP D 98 12.95 16.19 -18.40
CA ASP D 98 14.03 15.29 -18.02
C ASP D 98 13.80 13.96 -18.71
N PRO D 99 14.64 13.64 -19.71
CA PRO D 99 14.48 12.44 -20.53
C PRO D 99 14.47 11.15 -19.73
N SER D 100 15.42 11.00 -18.82
CA SER D 100 15.59 9.76 -18.07
C SER D 100 14.30 9.28 -17.41
N GLY D 101 13.39 10.20 -17.11
CA GLY D 101 12.13 9.84 -16.47
C GLY D 101 10.98 9.64 -17.46
N ASP D 102 11.32 9.33 -18.71
CA ASP D 102 10.32 9.12 -19.76
C ASP D 102 9.56 10.40 -20.08
N LEU D 103 9.10 10.51 -21.32
CA LEU D 103 8.31 11.66 -21.73
C LEU D 103 6.94 11.62 -21.08
N PHE D 104 6.35 12.77 -20.85
CA PHE D 104 5.02 12.80 -20.28
C PHE D 104 4.03 12.30 -21.31
N ASN D 105 2.89 11.83 -20.84
CA ASN D 105 1.84 11.37 -21.74
C ASN D 105 0.54 11.14 -21.00
N ASN D 106 -0.55 11.63 -21.58
CA ASN D 106 -1.86 11.50 -20.96
C ASN D 106 -2.47 10.12 -21.24
N GLY D 107 -1.69 9.24 -21.84
CA GLY D 107 -2.14 7.89 -22.17
C GLY D 107 -2.64 7.09 -20.97
N TYR D 108 -2.12 7.39 -19.79
CA TYR D 108 -2.54 6.68 -18.58
C TYR D 108 -4.01 6.94 -18.32
N ARG D 109 -4.37 8.23 -18.28
CA ARG D 109 -5.74 8.67 -18.18
C ARG D 109 -6.64 7.89 -19.13
N TYR D 110 -6.33 8.00 -20.41
CA TYR D 110 -7.14 7.45 -21.49
C TYR D 110 -7.49 5.99 -21.26
N LEU D 111 -6.48 5.17 -20.96
CA LEU D 111 -6.72 3.76 -20.72
C LEU D 111 -7.55 3.54 -19.45
N ASN D 112 -7.38 4.42 -18.48
CA ASN D 112 -8.25 4.45 -17.32
C ASN D 112 -9.70 4.51 -17.79
N TRP D 113 -9.92 5.29 -18.85
CA TRP D 113 -11.25 5.47 -19.41
C TRP D 113 -11.79 4.18 -20.04
N LEU D 114 -10.92 3.41 -20.69
CA LEU D 114 -11.33 2.10 -21.21
C LEU D 114 -12.12 1.35 -20.15
N ILE D 115 -11.66 1.41 -18.92
CA ILE D 115 -12.34 0.77 -17.81
C ILE D 115 -13.54 1.59 -17.35
N ASP D 116 -13.28 2.81 -16.92
CA ASP D 116 -14.26 3.61 -16.20
C ASP D 116 -15.49 3.98 -17.04
N VAL D 117 -15.28 4.29 -18.31
CA VAL D 117 -16.38 4.70 -19.17
C VAL D 117 -17.50 3.65 -19.25
N PRO D 118 -17.15 2.41 -19.63
CA PRO D 118 -18.14 1.33 -19.61
C PRO D 118 -18.82 1.19 -18.25
N MET D 119 -18.04 1.13 -17.18
CA MET D 119 -18.58 0.94 -15.83
C MET D 119 -19.54 2.06 -15.45
N LEU D 120 -19.11 3.30 -15.63
CA LEU D 120 -19.92 4.46 -15.26
C LEU D 120 -21.27 4.45 -16.00
N LEU D 121 -21.24 4.07 -17.26
CA LEU D 121 -22.46 4.03 -18.08
C LEU D 121 -23.32 2.85 -17.66
N PHE D 122 -22.72 1.67 -17.68
CA PHE D 122 -23.41 0.43 -17.40
C PHE D 122 -24.03 0.38 -16.00
N GLN D 123 -23.55 1.21 -15.09
CA GLN D 123 -23.98 1.13 -13.69
C GLN D 123 -25.32 1.81 -13.43
N ILE D 124 -25.60 2.90 -14.13
CA ILE D 124 -26.85 3.62 -13.94
C ILE D 124 -28.02 2.68 -14.21
N LEU D 125 -27.76 1.65 -15.01
CA LEU D 125 -28.79 0.69 -15.37
C LEU D 125 -29.18 -0.20 -14.19
N PHE D 126 -28.51 -0.04 -13.07
CA PHE D 126 -28.82 -0.81 -11.88
C PHE D 126 -29.62 0.00 -10.87
N VAL D 127 -29.94 1.25 -11.24
CA VAL D 127 -30.73 2.11 -10.38
C VAL D 127 -32.06 2.45 -11.05
N VAL D 128 -31.98 2.99 -12.26
CA VAL D 128 -33.19 3.32 -13.00
C VAL D 128 -33.74 2.09 -13.70
N SER D 129 -35.03 2.14 -14.03
CA SER D 129 -35.69 1.06 -14.74
C SER D 129 -36.14 1.53 -16.12
N LEU D 130 -35.69 0.83 -17.15
CA LEU D 130 -36.04 1.19 -18.52
C LEU D 130 -37.50 0.88 -18.83
N THR D 131 -38.09 1.66 -19.74
CA THR D 131 -39.45 1.39 -20.19
C THR D 131 -39.38 0.44 -21.39
N THR D 132 -39.45 1.00 -22.60
CA THR D 132 -39.50 0.20 -23.82
C THR D 132 -38.14 -0.33 -24.24
N SER D 133 -37.06 0.36 -23.86
CA SER D 133 -35.71 -0.06 -24.24
C SER D 133 -35.30 -1.35 -23.55
N LYS D 134 -34.35 -2.05 -24.15
CA LYS D 134 -33.90 -3.35 -23.66
C LYS D 134 -32.54 -3.26 -22.97
N PHE D 135 -32.50 -3.69 -21.70
CA PHE D 135 -31.29 -3.57 -20.88
C PHE D 135 -30.01 -3.93 -21.63
N SER D 136 -29.92 -5.16 -22.11
CA SER D 136 -28.70 -5.67 -22.72
C SER D 136 -28.30 -4.90 -23.98
N SER D 137 -29.30 -4.36 -24.68
CA SER D 137 -29.04 -3.57 -25.89
C SER D 137 -28.44 -2.22 -25.53
N VAL D 138 -29.08 -1.52 -24.59
CA VAL D 138 -28.58 -0.24 -24.12
C VAL D 138 -27.16 -0.40 -23.58
N ARG D 139 -26.88 -1.57 -23.03
CA ARG D 139 -25.54 -1.86 -22.50
C ARG D 139 -24.52 -1.98 -23.63
N ASN D 140 -24.78 -2.89 -24.56
CA ASN D 140 -23.86 -3.12 -25.68
C ASN D 140 -23.51 -1.83 -26.42
N GLN D 141 -24.50 -0.99 -26.68
CA GLN D 141 -24.25 0.29 -27.33
C GLN D 141 -23.26 1.08 -26.48
N PHE D 142 -23.58 1.24 -25.20
CA PHE D 142 -22.71 1.96 -24.27
C PHE D 142 -21.28 1.45 -24.32
N TRP D 143 -21.13 0.14 -24.40
CA TRP D 143 -19.80 -0.48 -24.39
C TRP D 143 -19.08 -0.34 -25.71
N PHE D 144 -19.71 -0.73 -26.81
CA PHE D 144 -19.07 -0.62 -28.11
C PHE D 144 -18.66 0.83 -28.38
N SER D 145 -19.62 1.74 -28.26
CA SER D 145 -19.34 3.15 -28.45
C SER D 145 -18.27 3.58 -27.47
N GLY D 146 -18.51 3.35 -26.18
CA GLY D 146 -17.57 3.70 -25.13
C GLY D 146 -16.14 3.34 -25.50
N ALA D 147 -15.92 2.07 -25.81
CA ALA D 147 -14.59 1.58 -26.16
C ALA D 147 -14.05 2.35 -27.36
N MET D 148 -14.81 2.35 -28.45
CA MET D 148 -14.37 3.00 -29.67
C MET D 148 -14.02 4.47 -29.44
N MET D 149 -14.85 5.17 -28.68
CA MET D 149 -14.62 6.59 -28.41
C MET D 149 -13.23 6.80 -27.82
N ILE D 150 -12.85 5.90 -26.93
CA ILE D 150 -11.58 6.01 -26.21
C ILE D 150 -10.40 5.55 -27.05
N ILE D 151 -10.50 4.37 -27.63
CA ILE D 151 -9.43 3.83 -28.45
C ILE D 151 -9.02 4.80 -29.56
N THR D 152 -10.01 5.38 -30.23
CA THR D 152 -9.75 6.31 -31.34
C THR D 152 -9.10 7.59 -30.84
N GLY D 153 -9.64 8.17 -29.77
CA GLY D 153 -9.08 9.39 -29.19
C GLY D 153 -7.70 9.16 -28.58
N TYR D 154 -7.49 7.95 -28.07
CA TYR D 154 -6.21 7.55 -27.54
C TYR D 154 -5.17 7.63 -28.64
N ILE D 155 -5.52 7.13 -29.80
CA ILE D 155 -4.63 7.16 -30.97
C ILE D 155 -4.33 8.59 -31.39
N GLY D 156 -5.38 9.40 -31.49
CA GLY D 156 -5.25 10.76 -31.99
C GLY D 156 -4.33 11.64 -31.16
N GLN D 157 -4.37 11.46 -29.84
CA GLN D 157 -3.66 12.35 -28.93
C GLN D 157 -2.14 12.17 -28.99
N PHE D 158 -1.70 11.08 -29.60
CA PHE D 158 -0.28 10.88 -29.88
C PHE D 158 0.19 11.82 -30.98
N TYR D 159 -0.77 12.39 -31.72
CA TYR D 159 -0.44 13.23 -32.86
C TYR D 159 -0.87 14.67 -32.63
N GLU D 160 -1.24 15.00 -31.40
CA GLU D 160 -1.73 16.33 -31.09
C GLU D 160 -0.69 17.41 -31.42
N VAL D 161 0.50 16.99 -31.84
CA VAL D 161 1.56 17.93 -32.22
C VAL D 161 2.30 17.54 -33.49
N SER D 162 2.60 16.25 -33.62
CA SER D 162 3.34 15.76 -34.77
C SER D 162 2.52 15.80 -36.05
N ASN D 163 1.20 15.78 -35.91
CA ASN D 163 0.32 15.73 -37.06
C ASN D 163 -1.09 16.23 -36.74
N LEU D 164 -1.31 17.53 -36.93
CA LEU D 164 -2.57 18.16 -36.57
C LEU D 164 -3.77 17.55 -37.30
N THR D 165 -3.52 16.94 -38.45
CA THR D 165 -4.60 16.36 -39.25
C THR D 165 -5.14 15.09 -38.61
N ALA D 166 -4.31 14.06 -38.52
CA ALA D 166 -4.71 12.78 -37.93
C ALA D 166 -5.31 13.00 -36.55
N PHE D 167 -4.70 13.90 -35.80
CA PHE D 167 -5.22 14.35 -34.52
C PHE D 167 -6.73 14.64 -34.64
N LEU D 168 -7.07 15.56 -35.54
CA LEU D 168 -8.46 15.98 -35.75
C LEU D 168 -9.33 14.89 -36.37
N VAL D 169 -8.75 14.09 -37.25
CA VAL D 169 -9.48 13.00 -37.88
C VAL D 169 -9.99 12.03 -36.83
N TRP D 170 -9.06 11.42 -36.09
CA TRP D 170 -9.42 10.53 -35.00
C TRP D 170 -10.30 11.24 -33.99
N GLY D 171 -9.90 12.47 -33.65
CA GLY D 171 -10.69 13.30 -32.74
C GLY D 171 -12.14 13.36 -33.19
N ALA D 172 -12.34 13.74 -34.45
CA ALA D 172 -13.68 13.83 -35.01
C ALA D 172 -14.40 12.49 -34.92
N ILE D 173 -13.78 11.45 -35.48
CA ILE D 173 -14.32 10.10 -35.41
C ILE D 173 -14.77 9.78 -33.98
N SER D 174 -13.86 9.94 -33.03
CA SER D 174 -14.16 9.71 -31.63
C SER D 174 -15.41 10.48 -31.20
N SER D 175 -15.49 11.75 -31.60
CA SER D 175 -16.59 12.62 -31.22
C SER D 175 -17.92 12.09 -31.72
N ALA D 176 -17.90 11.30 -32.79
CA ALA D 176 -19.11 10.67 -33.30
C ALA D 176 -19.65 9.72 -32.23
N PHE D 177 -18.81 8.79 -31.81
CA PHE D 177 -19.18 7.85 -30.76
C PHE D 177 -19.63 8.58 -29.50
N PHE D 178 -19.03 9.74 -29.25
CA PHE D 178 -19.41 10.56 -28.10
C PHE D 178 -20.88 10.96 -28.18
N PHE D 179 -21.26 11.65 -29.26
CA PHE D 179 -22.64 12.09 -29.43
C PHE D 179 -23.58 10.89 -29.38
N HIS D 180 -23.18 9.78 -30.00
CA HIS D 180 -23.97 8.57 -29.92
C HIS D 180 -24.29 8.22 -28.47
N ILE D 181 -23.25 8.05 -27.68
CA ILE D 181 -23.39 7.70 -26.27
C ILE D 181 -24.32 8.68 -25.58
N LEU D 182 -24.08 9.97 -25.79
CA LEU D 182 -24.94 11.00 -25.23
C LEU D 182 -26.41 10.74 -25.56
N TRP D 183 -26.66 10.30 -26.80
CA TRP D 183 -28.00 9.99 -27.28
C TRP D 183 -28.63 8.87 -26.44
N VAL D 184 -27.94 7.73 -26.37
CA VAL D 184 -28.42 6.59 -25.63
C VAL D 184 -28.67 6.95 -24.16
N MET D 185 -27.69 7.63 -23.55
CA MET D 185 -27.78 8.00 -22.14
C MET D 185 -28.99 8.90 -21.88
N LYS D 186 -29.33 9.75 -22.85
CA LYS D 186 -30.54 10.57 -22.75
C LYS D 186 -31.77 9.65 -22.78
N LYS D 187 -31.74 8.67 -23.66
CA LYS D 187 -32.85 7.70 -23.76
C LYS D 187 -33.02 6.94 -22.44
N VAL D 188 -31.95 6.85 -21.66
CA VAL D 188 -31.99 6.14 -20.39
C VAL D 188 -32.49 7.05 -19.27
N ILE D 189 -31.99 8.28 -19.23
CA ILE D 189 -32.41 9.23 -18.22
C ILE D 189 -33.92 9.42 -18.29
N ASN D 190 -34.43 9.60 -19.51
CA ASN D 190 -35.86 9.81 -19.72
C ASN D 190 -36.69 8.60 -19.27
N GLU D 191 -36.34 7.43 -19.79
CA GLU D 191 -37.07 6.21 -19.45
C GLU D 191 -36.97 5.91 -17.96
N GLY D 192 -35.92 6.43 -17.33
CA GLY D 192 -35.74 6.26 -15.89
C GLY D 192 -36.67 7.16 -15.11
N LYS D 193 -36.78 8.41 -15.56
CA LYS D 193 -37.65 9.39 -14.92
C LYS D 193 -39.09 8.89 -14.84
N GLU D 194 -39.46 8.00 -15.76
CA GLU D 194 -40.82 7.47 -15.82
C GLU D 194 -41.11 6.54 -14.65
N GLY D 195 -42.03 6.96 -13.79
CA GLY D 195 -42.47 6.14 -12.67
C GLY D 195 -41.62 6.29 -11.43
N ILE D 196 -41.44 7.52 -10.97
CA ILE D 196 -40.72 7.78 -9.73
C ILE D 196 -41.03 9.19 -9.21
N SER D 197 -40.94 9.37 -7.89
CA SER D 197 -41.31 10.63 -7.26
C SER D 197 -40.65 11.83 -7.94
N PRO D 198 -41.22 13.03 -7.73
CA PRO D 198 -40.61 14.27 -8.23
C PRO D 198 -39.18 14.43 -7.74
N ALA D 199 -38.86 13.79 -6.62
CA ALA D 199 -37.51 13.80 -6.08
C ALA D 199 -36.59 12.96 -6.96
N GLY D 200 -36.99 11.71 -7.21
CA GLY D 200 -36.23 10.81 -8.06
C GLY D 200 -35.92 11.42 -9.42
N GLN D 201 -36.89 12.15 -9.96
CA GLN D 201 -36.72 12.85 -11.22
C GLN D 201 -35.68 13.96 -11.07
N LYS D 202 -35.97 14.90 -10.18
CA LYS D 202 -35.07 16.02 -9.93
C LYS D 202 -33.63 15.55 -9.87
N ILE D 203 -33.41 14.40 -9.25
CA ILE D 203 -32.07 13.83 -9.15
C ILE D 203 -31.52 13.44 -10.52
N LEU D 204 -32.28 12.66 -11.26
CA LEU D 204 -31.86 12.24 -12.60
C LEU D 204 -31.61 13.42 -13.51
N SER D 205 -32.36 14.50 -13.31
CA SER D 205 -32.16 15.72 -14.09
C SER D 205 -30.79 16.30 -13.77
N ASN D 206 -30.47 16.39 -12.49
CA ASN D 206 -29.17 16.87 -12.05
C ASN D 206 -28.06 15.96 -12.53
N ILE D 207 -28.34 14.67 -12.64
CA ILE D 207 -27.38 13.73 -13.17
C ILE D 207 -27.14 13.98 -14.65
N TRP D 208 -28.21 14.28 -15.37
CA TRP D 208 -28.09 14.56 -16.80
C TRP D 208 -27.20 15.77 -17.05
N ILE D 209 -27.49 16.88 -16.38
CA ILE D 209 -26.70 18.09 -16.54
C ILE D 209 -25.23 17.81 -16.23
N LEU D 210 -24.99 17.12 -15.12
CA LEU D 210 -23.64 16.76 -14.72
C LEU D 210 -22.97 15.93 -15.81
N PHE D 211 -23.60 14.80 -16.15
CA PHE D 211 -23.06 13.91 -17.16
C PHE D 211 -22.82 14.64 -18.48
N LEU D 212 -23.72 15.54 -18.84
CA LEU D 212 -23.58 16.28 -20.08
C LEU D 212 -22.36 17.20 -20.01
N ILE D 213 -22.32 18.05 -18.99
CA ILE D 213 -21.25 19.02 -18.85
C ILE D 213 -19.89 18.36 -18.63
N SER D 214 -19.84 17.44 -17.68
CA SER D 214 -18.57 16.80 -17.30
C SER D 214 -17.94 16.03 -18.45
N TRP D 215 -18.77 15.33 -19.22
CA TRP D 215 -18.28 14.50 -20.32
C TRP D 215 -17.84 15.33 -21.51
N THR D 216 -18.30 16.58 -21.57
CA THR D 216 -17.93 17.49 -22.64
C THR D 216 -16.57 18.15 -22.35
N LEU D 217 -16.16 18.11 -21.09
CA LEU D 217 -14.88 18.70 -20.68
C LEU D 217 -13.71 17.94 -21.28
N TYR D 218 -13.87 16.63 -21.43
CA TYR D 218 -12.79 15.80 -21.96
C TYR D 218 -12.35 16.23 -23.36
N PRO D 219 -13.29 16.29 -24.31
CA PRO D 219 -12.92 16.75 -25.65
C PRO D 219 -12.41 18.18 -25.66
N GLY D 220 -12.83 18.99 -24.69
CA GLY D 220 -12.31 20.34 -24.54
C GLY D 220 -10.84 20.30 -24.19
N ALA D 221 -10.49 19.39 -23.28
CA ALA D 221 -9.10 19.17 -22.88
C ALA D 221 -8.28 18.64 -24.06
N TYR D 222 -8.89 17.74 -24.83
CA TYR D 222 -8.26 17.18 -26.02
C TYR D 222 -7.68 18.28 -26.91
N LEU D 223 -8.46 19.34 -27.10
CA LEU D 223 -8.06 20.45 -27.98
C LEU D 223 -7.48 21.61 -27.18
N MET D 224 -7.32 21.43 -25.88
CA MET D 224 -6.94 22.53 -24.98
C MET D 224 -5.79 23.38 -25.52
N PRO D 225 -4.75 22.73 -26.05
CA PRO D 225 -3.63 23.50 -26.61
C PRO D 225 -4.08 24.46 -27.71
N TYR D 226 -5.02 24.01 -28.54
CA TYR D 226 -5.47 24.78 -29.69
C TYR D 226 -6.83 25.41 -29.46
N LEU D 227 -7.07 25.95 -28.27
CA LEU D 227 -8.34 26.61 -27.98
C LEU D 227 -8.21 28.13 -27.99
N THR D 228 -7.09 28.61 -28.53
CA THR D 228 -6.88 30.05 -28.71
C THR D 228 -5.95 30.28 -29.91
N GLY D 229 -5.93 29.32 -30.83
CA GLY D 229 -5.06 29.40 -32.00
C GLY D 229 -3.60 29.38 -31.61
N ASP D 231 -0.14 29.53 -32.42
CA ASP D 231 0.48 29.98 -31.17
C ASP D 231 -0.38 31.04 -30.48
N GLY D 232 -1.28 30.59 -29.61
CA GLY D 232 -2.14 31.50 -28.86
C GLY D 232 -1.78 31.53 -27.39
N PHE D 233 -2.75 31.90 -26.57
CA PHE D 233 -2.57 32.00 -25.12
C PHE D 233 -2.47 30.60 -24.48
N LEU D 234 -3.13 29.63 -25.10
CA LEU D 234 -3.19 28.27 -24.54
C LEU D 234 -2.24 27.30 -25.21
N TYR D 235 -1.30 27.81 -26.00
CA TYR D 235 -0.20 26.98 -26.48
C TYR D 235 1.05 27.34 -25.68
N SER D 236 0.92 27.23 -24.36
CA SER D 236 1.98 27.56 -23.44
C SER D 236 1.79 26.71 -22.18
N GLU D 237 2.48 27.05 -21.11
CA GLU D 237 2.33 26.32 -19.86
C GLU D 237 0.90 26.44 -19.35
N ASP D 238 0.32 27.62 -19.55
CA ASP D 238 -1.07 27.87 -19.13
C ASP D 238 -2.01 26.88 -19.80
N GLY D 239 -1.65 26.42 -20.99
CA GLY D 239 -2.44 25.42 -21.69
C GLY D 239 -2.33 24.07 -21.02
N VAL D 240 -1.14 23.76 -20.50
CA VAL D 240 -0.91 22.52 -19.80
C VAL D 240 -1.67 22.49 -18.48
N MET D 241 -1.51 23.56 -17.69
CA MET D 241 -2.26 23.71 -16.47
C MET D 241 -3.73 23.46 -16.77
N ALA D 242 -4.29 24.28 -17.65
CA ALA D 242 -5.71 24.21 -18.01
C ALA D 242 -6.13 22.79 -18.32
N ARG D 243 -5.44 22.16 -19.27
CA ARG D 243 -5.78 20.80 -19.68
C ARG D 243 -5.89 19.88 -18.47
N GLN D 244 -4.87 19.91 -17.62
CA GLN D 244 -4.81 19.00 -16.47
C GLN D 244 -5.81 19.38 -15.39
N LEU D 245 -6.07 20.67 -15.21
CA LEU D 245 -7.12 21.10 -14.31
C LEU D 245 -8.45 20.54 -14.77
N VAL D 246 -8.71 20.68 -16.07
CA VAL D 246 -9.95 20.21 -16.66
C VAL D 246 -10.09 18.70 -16.51
N TYR D 247 -9.04 17.96 -16.87
CA TYR D 247 -9.07 16.50 -16.77
C TYR D 247 -9.40 16.03 -15.36
N THR D 248 -8.85 16.71 -14.36
CA THR D 248 -9.10 16.35 -12.97
C THR D 248 -10.52 16.72 -12.57
N ILE D 249 -10.94 17.93 -12.91
CA ILE D 249 -12.30 18.39 -12.63
C ILE D 249 -13.33 17.44 -13.24
N ALA D 250 -13.07 17.00 -14.46
CA ALA D 250 -13.97 16.06 -15.14
C ALA D 250 -14.01 14.73 -14.41
N ASP D 251 -12.85 14.10 -14.23
CA ASP D 251 -12.77 12.78 -13.60
C ASP D 251 -13.44 12.74 -12.24
N VAL D 252 -13.35 13.83 -11.50
CA VAL D 252 -14.00 13.93 -10.18
C VAL D 252 -15.52 13.98 -10.35
N SER D 253 -15.96 14.73 -11.36
CA SER D 253 -17.39 14.92 -11.61
C SER D 253 -18.02 13.67 -12.22
N SER D 254 -17.37 13.15 -13.26
CA SER D 254 -17.92 12.02 -14.01
C SER D 254 -17.83 10.72 -13.24
N LYR D 255 -17.01 10.72 -12.19
CA LYR D 255 -16.98 9.38 -11.55
C LYR D 255 -17.49 9.46 -10.10
O LYR D 255 -18.30 8.63 -9.69
CB LYR D 255 -15.55 8.85 -11.50
CG LYR D 255 -15.03 8.46 -12.88
CD LYR D 255 -13.51 8.36 -12.88
CE LYR D 255 -12.90 9.11 -14.07
NZ LYR D 255 -13.11 8.37 -15.31
C1 LYR D 255 -14.10 8.71 -16.14
C2 LYR D 255 -13.81 9.04 -17.45
C3 LYR D 255 -14.73 9.45 -18.43
C4 LYR D 255 -16.22 9.54 -18.07
C5 LYR D 255 -14.28 9.77 -19.73
C6 LYR D 255 -15.07 10.17 -20.79
C7 LYR D 255 -14.28 10.51 -21.91
C80 LYR D 255 -14.71 11.21 -23.02
C8 LYR D 255 -16.16 11.70 -23.11
C9 LYR D 255 -13.80 11.48 -24.11
C10 LYR D 255 -14.21 12.18 -25.20
C11 LYR D 255 -13.31 12.45 -26.31
C12 LYR D 255 -13.76 13.15 -27.38
C13 LYR D 255 -15.22 13.62 -27.39
C14 LYR D 255 -12.91 13.52 -28.60
C15 LYR D 255 -11.44 13.52 -28.20
C16 LYR D 255 -11.10 12.18 -27.55
C17 LYR D 255 -11.84 11.97 -26.23
C18 LYR D 255 -11.87 10.48 -25.90
C19 LYR D 255 -11.19 12.76 -25.11
N VAL D 256 -16.99 10.42 -9.33
CA VAL D 256 -17.37 10.54 -7.93
C VAL D 256 -18.74 11.20 -7.76
N ILE D 257 -18.82 12.50 -7.98
CA ILE D 257 -20.09 13.20 -7.84
C ILE D 257 -21.19 12.41 -8.52
N TYR D 258 -20.90 11.94 -9.73
CA TYR D 258 -21.81 11.09 -10.49
C TYR D 258 -22.28 9.90 -9.65
N GLY D 259 -21.33 9.08 -9.21
CA GLY D 259 -21.64 7.91 -8.40
C GLY D 259 -22.38 8.25 -7.11
N VAL D 260 -22.11 9.43 -6.57
CA VAL D 260 -22.78 9.86 -5.36
C VAL D 260 -24.24 10.14 -5.66
N LEU D 261 -24.52 10.80 -6.78
CA LEU D 261 -25.89 11.11 -7.17
C LEU D 261 -26.67 9.84 -7.48
N LEU D 262 -25.98 8.82 -7.98
CA LEU D 262 -26.61 7.53 -8.24
C LEU D 262 -26.92 6.81 -6.93
N GLY D 263 -26.17 7.12 -5.89
CA GLY D 263 -26.40 6.56 -4.57
C GLY D 263 -27.58 7.22 -3.89
N ASN D 264 -27.76 8.52 -4.15
CA ASN D 264 -28.89 9.27 -3.62
C ASN D 264 -30.19 8.86 -4.31
N LEU D 265 -30.14 8.68 -5.62
CA LEU D 265 -31.28 8.19 -6.36
C LEU D 265 -31.61 6.78 -5.91
N ALA D 266 -30.58 6.03 -5.52
CA ALA D 266 -30.75 4.67 -5.02
C ALA D 266 -31.36 4.66 -3.63
N ILE D 267 -31.48 5.85 -3.02
CA ILE D 267 -32.14 5.98 -1.73
C ILE D 267 -33.61 6.34 -1.92
N THR D 268 -33.86 7.42 -2.66
CA THR D 268 -35.23 7.79 -2.99
C THR D 268 -35.96 6.60 -3.60
N LEU D 269 -35.19 5.62 -4.06
CA LEU D 269 -35.75 4.36 -4.54
C LEU D 269 -35.35 3.20 -3.62
N GLN E 3 20.30 30.80 -5.70
CA GLN E 3 19.72 30.37 -7.00
C GLN E 3 18.51 31.23 -7.35
N GLU E 4 17.98 31.01 -8.56
CA GLU E 4 16.78 31.72 -8.99
C GLU E 4 15.54 30.84 -8.82
N LEU E 5 14.76 31.15 -7.79
CA LEU E 5 13.64 30.30 -7.40
C LEU E 5 12.32 30.81 -7.95
N GLY E 6 12.13 32.13 -7.89
CA GLY E 6 10.91 32.73 -8.40
C GLY E 6 9.78 32.71 -7.39
N ASN E 7 8.62 32.21 -7.81
CA ASN E 7 7.45 32.14 -6.93
C ASN E 7 7.43 30.85 -6.12
N ALA E 8 8.45 30.65 -5.30
CA ALA E 8 8.54 29.45 -4.48
C ALA E 8 8.34 29.80 -3.01
N ASN E 9 8.07 28.78 -2.20
CA ASN E 9 7.83 28.98 -0.78
C ASN E 9 9.10 29.37 -0.02
N PHE E 10 8.90 30.08 1.08
CA PHE E 10 9.99 30.66 1.87
C PHE E 10 10.94 29.61 2.43
N GLU E 11 10.50 28.35 2.45
CA GLU E 11 11.37 27.26 2.88
C GLU E 11 12.58 27.14 1.94
N ASN E 12 12.32 27.24 0.64
CA ASN E 12 13.34 27.06 -0.37
C ASN E 12 14.45 28.12 -0.32
N PHE E 13 14.11 29.32 0.14
CA PHE E 13 15.09 30.40 0.23
C PHE E 13 15.99 30.19 1.44
N ILE E 14 15.40 29.74 2.54
CA ILE E 14 16.17 29.36 3.71
C ILE E 14 17.08 28.21 3.32
N GLY E 15 16.52 27.22 2.64
CA GLY E 15 17.27 26.04 2.24
C GLY E 15 18.27 26.30 1.13
N ALA E 16 18.18 27.46 0.51
CA ALA E 16 19.09 27.83 -0.58
C ALA E 16 20.13 28.83 -0.10
N THR E 17 20.02 29.29 1.13
CA THR E 17 21.00 30.20 1.70
C THR E 17 21.60 29.61 2.98
N GLU E 18 21.03 29.94 4.13
CA GLU E 18 21.51 29.38 5.40
C GLU E 18 21.56 27.86 5.35
N GLY E 19 20.48 27.25 4.85
CA GLY E 19 20.34 25.81 4.91
C GLY E 19 19.62 25.42 6.18
N PHE E 20 19.48 24.13 6.42
CA PHE E 20 18.78 23.66 7.60
C PHE E 20 19.72 22.86 8.49
N SER E 21 19.68 23.15 9.80
CA SER E 21 20.45 22.40 10.77
C SER E 21 19.80 21.05 11.01
N GLU E 22 20.61 20.05 11.37
CA GLU E 22 20.11 18.71 11.63
C GLU E 22 18.78 18.73 12.38
N ILE E 23 18.74 19.41 13.53
CA ILE E 23 17.51 19.48 14.31
C ILE E 23 16.36 20.02 13.45
N ALA E 24 16.57 21.18 12.84
CA ALA E 24 15.53 21.84 12.05
C ALA E 24 15.01 20.92 10.94
N TYR E 25 15.92 20.31 10.20
CA TYR E 25 15.54 19.43 9.11
C TYR E 25 14.90 18.15 9.61
N GLN E 26 15.49 17.57 10.65
CA GLN E 26 14.99 16.31 11.19
C GLN E 26 13.62 16.47 11.85
N PHE E 27 13.47 17.52 12.66
CA PHE E 27 12.19 17.77 13.31
C PHE E 27 11.09 17.94 12.26
N THR E 28 11.36 18.78 11.28
CA THR E 28 10.39 19.04 10.21
C THR E 28 10.05 17.75 9.49
N SER E 29 11.07 16.98 9.14
CA SER E 29 10.86 15.67 8.54
C SER E 29 9.97 14.81 9.43
N HIS E 30 10.28 14.78 10.73
CA HIS E 30 9.53 13.94 11.67
C HIS E 30 8.08 14.37 11.78
N ILE E 31 7.87 15.63 12.11
CA ILE E 31 6.52 16.15 12.34
C ILE E 31 5.64 15.95 11.11
N LEU E 32 6.22 16.14 9.93
CA LEU E 32 5.48 15.93 8.68
C LEU E 32 5.11 14.46 8.50
N THR E 33 5.92 13.58 9.05
CA THR E 33 5.66 12.14 8.98
C THR E 33 4.56 11.76 9.97
N LEU E 34 4.71 12.23 11.21
CA LEU E 34 3.68 12.09 12.22
C LEU E 34 2.34 12.51 11.64
N GLY E 35 2.31 13.67 11.02
CA GLY E 35 1.11 14.21 10.41
C GLY E 35 0.31 13.19 9.61
N TYR E 36 0.94 12.59 8.61
CA TYR E 36 0.24 11.67 7.73
C TYR E 36 0.02 10.30 8.38
N ALA E 37 0.83 9.99 9.38
CA ALA E 37 0.64 8.77 10.15
C ALA E 37 -0.66 8.85 10.94
N VAL E 38 -0.82 9.96 11.65
CA VAL E 38 -2.05 10.22 12.40
C VAL E 38 -3.28 10.02 11.52
N MET E 39 -3.22 10.55 10.30
CA MET E 39 -4.37 10.50 9.38
C MET E 39 -4.85 9.09 9.10
N LEU E 40 -3.92 8.20 8.77
CA LEU E 40 -4.26 6.82 8.45
C LEU E 40 -4.75 6.09 9.69
N ALA E 41 -4.19 6.44 10.84
CA ALA E 41 -4.62 5.88 12.11
C ALA E 41 -6.06 6.30 12.36
N GLY E 42 -6.29 7.61 12.38
CA GLY E 42 -7.62 8.15 12.55
C GLY E 42 -8.63 7.43 11.67
N LEU E 43 -8.24 7.15 10.44
CA LEU E 43 -9.12 6.43 9.52
C LEU E 43 -9.61 5.15 10.17
N LEU E 44 -8.67 4.32 10.61
CA LEU E 44 -9.02 3.05 11.22
C LEU E 44 -10.07 3.26 12.31
N TYR E 45 -9.83 4.25 13.15
CA TYR E 45 -10.76 4.58 14.23
C TYR E 45 -12.16 4.80 13.69
N PHE E 46 -12.31 5.75 12.77
CA PHE E 46 -13.62 6.13 12.26
C PHE E 46 -14.35 4.97 11.59
N ILE E 47 -13.60 4.09 10.93
CA ILE E 47 -14.20 2.92 10.30
C ILE E 47 -14.72 1.96 11.36
N LEU E 48 -13.90 1.65 12.34
CA LEU E 48 -14.24 0.65 13.35
C LEU E 48 -15.31 1.11 14.35
N THR E 49 -15.44 2.42 14.54
CA THR E 49 -16.46 2.94 15.45
C THR E 49 -17.73 3.37 14.71
N ILE E 50 -18.03 2.73 13.58
CA ILE E 50 -19.19 3.11 12.78
C ILE E 50 -20.49 2.65 13.43
N LYS E 51 -20.49 1.42 13.96
CA LYS E 51 -21.68 0.86 14.57
C LYS E 51 -21.87 1.32 16.02
N ASN E 52 -21.10 2.32 16.44
CA ASN E 52 -21.24 2.89 17.77
C ASN E 52 -22.25 4.03 17.78
N VAL E 53 -22.99 4.17 16.68
CA VAL E 53 -23.98 5.24 16.56
C VAL E 53 -25.13 4.82 15.64
N ASP E 54 -26.30 5.42 15.84
CA ASP E 54 -27.47 5.14 15.02
C ASP E 54 -27.14 5.22 13.53
N LYS E 55 -28.07 4.77 12.70
CA LYS E 55 -27.86 4.74 11.25
C LYS E 55 -27.93 6.14 10.64
N LYS E 56 -28.69 7.04 11.26
CA LYS E 56 -28.87 8.38 10.72
C LYS E 56 -27.63 9.25 10.90
N PHE E 57 -26.77 8.87 11.84
CA PHE E 57 -25.58 9.66 12.15
C PHE E 57 -24.32 9.11 11.51
N GLN E 58 -24.44 8.00 10.79
CA GLN E 58 -23.28 7.28 10.28
C GLN E 58 -22.64 7.92 9.05
N MET E 59 -23.28 8.95 8.51
CA MET E 59 -22.68 9.69 7.40
C MET E 59 -21.51 10.53 7.93
N SER E 60 -21.62 10.95 9.19
CA SER E 60 -20.55 11.70 9.83
C SER E 60 -19.26 10.89 9.86
N ASN E 61 -19.30 9.73 10.50
CA ASN E 61 -18.15 8.84 10.54
C ASN E 61 -17.59 8.58 9.14
N ILE E 62 -18.50 8.31 8.20
CA ILE E 62 -18.10 8.02 6.83
C ILE E 62 -17.30 9.17 6.20
N LEU E 63 -17.80 10.40 6.38
CA LEU E 63 -17.10 11.57 5.87
C LEU E 63 -15.75 11.77 6.56
N SER E 64 -15.70 11.48 7.87
CA SER E 64 -14.45 11.56 8.61
C SER E 64 -13.42 10.61 8.01
N ALA E 65 -13.87 9.40 7.71
CA ALA E 65 -13.00 8.38 7.13
C ALA E 65 -12.49 8.83 5.77
N VAL E 66 -13.37 9.44 4.98
CA VAL E 66 -13.00 9.97 3.67
C VAL E 66 -11.91 11.04 3.81
N VAL E 67 -12.14 12.03 4.67
CA VAL E 67 -11.15 13.05 4.93
C VAL E 67 -9.80 12.42 5.31
N MET E 68 -9.86 11.44 6.20
CA MET E 68 -8.64 10.78 6.64
C MET E 68 -7.82 10.32 5.45
N VAL E 69 -8.42 9.49 4.59
CA VAL E 69 -7.72 8.99 3.42
C VAL E 69 -7.16 10.15 2.62
N SER E 70 -8.02 11.13 2.33
CA SER E 70 -7.63 12.34 1.63
C SER E 70 -6.35 12.91 2.24
N ALA E 71 -6.37 13.19 3.53
CA ALA E 71 -5.24 13.80 4.21
C ALA E 71 -4.00 12.91 4.16
N PHE E 72 -4.18 11.63 4.43
CA PHE E 72 -3.06 10.69 4.42
C PHE E 72 -2.26 10.83 3.12
N LEU E 73 -2.94 10.68 1.99
CA LEU E 73 -2.28 10.69 0.69
C LEU E 73 -1.53 11.99 0.41
N LEU E 74 -2.19 13.12 0.65
CA LEU E 74 -1.58 14.40 0.36
C LEU E 74 -0.51 14.74 1.39
N LEU E 75 -0.81 14.52 2.67
CA LEU E 75 0.19 14.76 3.70
C LEU E 75 1.39 13.86 3.49
N TYR E 76 1.16 12.65 2.99
CA TYR E 76 2.27 11.77 2.64
C TYR E 76 3.12 12.42 1.56
N ALA E 77 2.45 12.93 0.53
CA ALA E 77 3.14 13.61 -0.56
C ALA E 77 3.89 14.82 -0.04
N GLN E 78 3.24 15.57 0.85
CA GLN E 78 3.85 16.77 1.43
C GLN E 78 5.11 16.42 2.21
N ALA E 79 5.11 15.24 2.82
CA ALA E 79 6.27 14.78 3.58
C ALA E 79 7.42 14.44 2.66
N GLN E 80 7.16 13.57 1.68
CA GLN E 80 8.18 13.16 0.72
C GLN E 80 8.67 14.36 -0.09
N ASN E 81 7.85 15.40 -0.17
CA ASN E 81 8.26 16.64 -0.80
C ASN E 81 9.34 17.33 0.02
N TRP E 82 9.23 17.21 1.33
CA TRP E 82 10.23 17.78 2.22
C TRP E 82 11.56 17.04 2.12
N THR E 83 11.52 15.74 2.39
CA THR E 83 12.75 14.95 2.47
C THR E 83 13.55 14.95 1.18
N SER E 84 12.87 15.08 0.05
CA SER E 84 13.52 14.99 -1.25
C SER E 84 13.99 16.35 -1.78
N SER E 85 13.52 17.43 -1.17
CA SER E 85 13.87 18.77 -1.63
C SER E 85 15.04 19.37 -0.87
N PHE E 86 15.61 18.61 0.06
CA PHE E 86 16.74 19.08 0.84
C PHE E 86 17.72 17.96 1.18
N THR E 87 18.99 18.21 0.92
CA THR E 87 20.01 17.19 1.10
C THR E 87 21.10 17.68 2.04
N PHE E 88 21.71 16.73 2.75
CA PHE E 88 22.77 17.03 3.71
C PHE E 88 24.06 17.39 2.99
N ASN E 89 24.69 18.47 3.43
CA ASN E 89 26.01 18.87 2.92
C ASN E 89 27.07 18.49 3.93
N GLU E 90 27.90 17.51 3.58
CA GLU E 90 28.87 16.96 4.53
C GLU E 90 29.93 17.97 4.97
N GLU E 91 30.21 18.96 4.13
CA GLU E 91 31.22 19.96 4.43
C GLU E 91 30.81 20.90 5.57
N VAL E 92 29.57 21.35 5.56
CA VAL E 92 29.09 22.26 6.60
C VAL E 92 28.05 21.60 7.52
N GLY E 93 27.65 20.39 7.19
CA GLY E 93 26.71 19.64 8.01
C GLY E 93 25.35 20.28 8.12
N ARG E 94 24.84 20.78 7.01
CA ARG E 94 23.52 21.39 6.97
C ARG E 94 22.78 20.96 5.71
N TYR E 95 21.45 20.98 5.77
CA TYR E 95 20.64 20.58 4.64
C TYR E 95 20.35 21.76 3.72
N PHE E 96 20.66 21.60 2.43
CA PHE E 96 20.48 22.66 1.45
C PHE E 96 19.57 22.24 0.32
N LEU E 97 18.96 23.22 -0.34
CA LEU E 97 18.04 22.95 -1.44
C LEU E 97 18.66 22.02 -2.47
N ASP E 98 17.96 20.93 -2.76
CA ASP E 98 18.37 20.00 -3.81
C ASP E 98 17.47 20.19 -5.02
N PRO E 99 17.96 20.94 -6.02
CA PRO E 99 17.17 21.32 -7.19
C PRO E 99 16.41 20.15 -7.81
N SER E 100 17.12 19.06 -8.09
CA SER E 100 16.56 17.93 -8.82
C SER E 100 15.30 17.36 -8.15
N GLY E 101 15.26 17.38 -6.82
CA GLY E 101 14.13 16.83 -6.08
C GLY E 101 12.90 17.72 -6.08
N ASP E 102 12.86 18.68 -7.00
CA ASP E 102 11.77 19.64 -7.11
C ASP E 102 11.78 20.60 -5.92
N LEU E 103 11.35 21.84 -6.14
CA LEU E 103 11.26 22.80 -5.06
C LEU E 103 10.19 22.37 -4.07
N PHE E 104 10.31 22.84 -2.83
CA PHE E 104 9.32 22.53 -1.82
C PHE E 104 8.16 23.49 -1.93
N ASN E 105 6.95 22.97 -1.83
CA ASN E 105 5.77 23.80 -1.86
C ASN E 105 4.69 23.20 -0.98
N ASN E 106 4.04 24.06 -0.19
CA ASN E 106 2.99 23.61 0.70
C ASN E 106 1.68 23.39 -0.06
N GLY E 107 1.76 23.47 -1.39
CA GLY E 107 0.59 23.30 -2.24
C GLY E 107 -0.14 21.99 -2.00
N TYR E 108 0.60 20.89 -1.87
CA TYR E 108 -0.01 19.59 -1.63
C TYR E 108 -1.01 19.66 -0.48
N ARG E 109 -0.60 20.33 0.60
CA ARG E 109 -1.44 20.47 1.78
C ARG E 109 -2.65 21.35 1.49
N TYR E 110 -2.39 22.54 0.95
CA TYR E 110 -3.46 23.47 0.61
C TYR E 110 -4.57 22.77 -0.16
N LEU E 111 -4.20 22.00 -1.19
CA LEU E 111 -5.18 21.29 -2.00
C LEU E 111 -5.82 20.15 -1.23
N ASN E 112 -5.13 19.65 -0.21
CA ASN E 112 -5.74 18.68 0.68
C ASN E 112 -6.98 19.28 1.31
N TRP E 113 -6.90 20.57 1.63
CA TRP E 113 -8.02 21.26 2.27
C TRP E 113 -9.18 21.41 1.31
N LEU E 114 -8.88 21.72 0.05
CA LEU E 114 -9.91 21.97 -0.94
C LEU E 114 -10.96 20.85 -0.94
N ILE E 115 -10.54 19.64 -0.64
CA ILE E 115 -11.47 18.52 -0.55
C ILE E 115 -12.12 18.49 0.82
N ASP E 116 -11.29 18.66 1.85
CA ASP E 116 -11.71 18.40 3.23
C ASP E 116 -12.53 19.52 3.87
N VAL E 117 -12.09 20.76 3.69
CA VAL E 117 -12.81 21.89 4.29
C VAL E 117 -14.32 21.72 4.12
N PRO E 118 -14.76 21.37 2.90
CA PRO E 118 -16.18 21.07 2.67
C PRO E 118 -16.66 19.86 3.48
N MET E 119 -15.89 18.77 3.46
CA MET E 119 -16.27 17.55 4.17
C MET E 119 -16.48 17.80 5.67
N LEU E 120 -15.61 18.62 6.25
CA LEU E 120 -15.63 18.89 7.69
C LEU E 120 -16.79 19.79 8.08
N LEU E 121 -17.02 20.83 7.28
CA LEU E 121 -18.10 21.77 7.53
C LEU E 121 -19.44 21.10 7.29
N PHE E 122 -19.42 20.05 6.47
CA PHE E 122 -20.64 19.39 6.02
C PHE E 122 -21.07 18.29 6.97
N GLN E 123 -20.10 17.49 7.44
CA GLN E 123 -20.41 16.31 8.23
C GLN E 123 -21.13 16.62 9.55
N ILE E 124 -20.84 17.77 10.14
CA ILE E 124 -21.51 18.17 11.38
C ILE E 124 -23.02 18.30 11.14
N LEU E 125 -23.39 18.59 9.90
CA LEU E 125 -24.79 18.76 9.54
C LEU E 125 -25.53 17.42 9.51
N PHE E 126 -24.80 16.32 9.66
CA PHE E 126 -25.40 15.00 9.72
C PHE E 126 -25.54 14.52 11.15
N VAL E 127 -25.25 15.41 12.10
CA VAL E 127 -25.39 15.10 13.51
C VAL E 127 -26.40 16.04 14.14
N VAL E 128 -26.13 17.34 14.06
CA VAL E 128 -27.02 18.34 14.60
C VAL E 128 -28.27 18.52 13.76
N SER E 129 -29.18 19.37 14.23
CA SER E 129 -30.36 19.76 13.46
C SER E 129 -30.56 21.26 13.63
N LEU E 130 -30.89 21.94 12.52
CA LEU E 130 -30.98 23.39 12.52
C LEU E 130 -32.36 23.86 12.98
N THR E 131 -32.56 25.18 13.02
CA THR E 131 -33.83 25.75 13.48
C THR E 131 -34.34 26.84 12.54
N THR E 132 -33.54 27.87 12.31
CA THR E 132 -33.95 28.97 11.43
C THR E 132 -33.19 28.97 10.11
N SER E 133 -32.19 28.09 10.01
CA SER E 133 -31.36 28.04 8.81
C SER E 133 -31.69 26.82 7.96
N LYS E 134 -31.72 27.00 6.65
CA LYS E 134 -31.93 25.90 5.73
C LYS E 134 -30.68 25.03 5.69
N PHE E 135 -30.88 23.72 5.58
CA PHE E 135 -29.76 22.79 5.47
C PHE E 135 -28.88 23.14 4.27
N SER E 136 -29.46 23.11 3.08
CA SER E 136 -28.73 23.40 1.86
C SER E 136 -28.14 24.81 1.89
N SER E 137 -28.92 25.76 2.38
CA SER E 137 -28.48 27.15 2.49
C SER E 137 -27.14 27.23 3.22
N VAL E 138 -27.07 26.57 4.38
CA VAL E 138 -25.84 26.50 5.15
C VAL E 138 -24.77 25.73 4.37
N ARG E 139 -25.13 24.53 3.94
CA ARG E 139 -24.23 23.68 3.16
C ARG E 139 -23.55 24.44 2.03
N ASN E 140 -24.36 25.19 1.27
CA ASN E 140 -23.84 25.96 0.15
C ASN E 140 -22.87 27.05 0.60
N GLN E 141 -23.29 27.86 1.55
CA GLN E 141 -22.45 28.93 2.06
C GLN E 141 -21.10 28.38 2.52
N PHE E 142 -21.13 27.23 3.18
CA PHE E 142 -19.89 26.56 3.58
C PHE E 142 -19.03 26.24 2.37
N TRP E 143 -19.62 25.51 1.42
CA TRP E 143 -18.91 25.04 0.25
C TRP E 143 -18.36 26.19 -0.57
N PHE E 144 -19.12 27.27 -0.71
CA PHE E 144 -18.67 28.39 -1.50
C PHE E 144 -17.55 29.11 -0.77
N SER E 145 -17.82 29.53 0.46
CA SER E 145 -16.81 30.23 1.24
C SER E 145 -15.61 29.33 1.50
N GLY E 146 -15.85 28.03 1.62
CA GLY E 146 -14.78 27.06 1.85
C GLY E 146 -13.79 27.04 0.70
N ALA E 147 -14.29 26.87 -0.52
CA ALA E 147 -13.44 26.82 -1.70
C ALA E 147 -12.72 28.15 -1.91
N MET E 148 -13.51 29.23 -1.96
CA MET E 148 -12.96 30.57 -2.17
C MET E 148 -11.85 30.88 -1.18
N MET E 149 -12.03 30.46 0.07
CA MET E 149 -11.04 30.70 1.11
C MET E 149 -9.71 30.03 0.74
N ILE E 150 -9.79 28.77 0.34
CA ILE E 150 -8.61 28.00 0.00
C ILE E 150 -7.98 28.46 -1.32
N ILE E 151 -8.80 28.55 -2.36
CA ILE E 151 -8.30 28.90 -3.69
C ILE E 151 -7.56 30.23 -3.67
N THR E 152 -8.05 31.18 -2.89
CA THR E 152 -7.42 32.50 -2.79
C THR E 152 -6.15 32.44 -1.94
N GLY E 153 -6.16 31.60 -0.92
CA GLY E 153 -4.97 31.41 -0.08
C GLY E 153 -3.92 30.61 -0.83
N TYR E 154 -4.38 29.63 -1.61
CA TYR E 154 -3.50 28.80 -2.42
C TYR E 154 -2.70 29.66 -3.38
N ILE E 155 -3.36 30.66 -3.94
CA ILE E 155 -2.71 31.58 -4.85
C ILE E 155 -1.63 32.37 -4.10
N GLY E 156 -2.07 33.09 -3.07
CA GLY E 156 -1.20 34.02 -2.36
C GLY E 156 0.08 33.41 -1.81
N GLN E 157 0.00 32.16 -1.36
CA GLN E 157 1.16 31.50 -0.75
C GLN E 157 2.26 31.21 -1.77
N PHE E 158 1.96 31.44 -3.04
CA PHE E 158 2.97 31.35 -4.09
C PHE E 158 3.85 32.60 -4.08
N TYR E 159 3.33 33.67 -3.48
CA TYR E 159 4.01 34.95 -3.53
C TYR E 159 4.50 35.38 -2.16
N GLU E 160 4.52 34.46 -1.21
CA GLU E 160 4.93 34.79 0.15
C GLU E 160 6.32 35.40 0.21
N VAL E 161 7.17 35.02 -0.75
CA VAL E 161 8.52 35.58 -0.82
C VAL E 161 8.67 36.51 -2.01
N SER E 162 8.19 36.08 -3.17
CA SER E 162 8.41 36.81 -4.41
C SER E 162 7.61 38.11 -4.51
N ASN E 163 6.57 38.27 -3.68
CA ASN E 163 5.75 39.47 -3.73
C ASN E 163 4.78 39.56 -2.56
N LEU E 164 5.16 40.32 -1.54
CA LEU E 164 4.38 40.39 -0.30
C LEU E 164 3.00 41.00 -0.49
N THR E 165 2.90 42.02 -1.33
CA THR E 165 1.63 42.71 -1.50
C THR E 165 0.56 41.74 -2.01
N ALA E 166 0.90 40.96 -3.03
CA ALA E 166 -0.01 39.95 -3.55
C ALA E 166 -0.29 38.91 -2.47
N PHE E 167 0.78 38.49 -1.80
CA PHE E 167 0.67 37.58 -0.67
C PHE E 167 -0.43 38.04 0.30
N LEU E 168 -0.27 39.23 0.85
CA LEU E 168 -1.21 39.76 1.83
C LEU E 168 -2.59 40.01 1.24
N VAL E 169 -2.64 40.53 0.02
CA VAL E 169 -3.92 40.81 -0.63
C VAL E 169 -4.76 39.55 -0.73
N TRP E 170 -4.25 38.56 -1.46
CA TRP E 170 -4.95 37.28 -1.60
C TRP E 170 -5.24 36.68 -0.23
N GLY E 171 -4.26 36.74 0.67
CA GLY E 171 -4.44 36.26 2.03
C GLY E 171 -5.62 36.93 2.71
N ALA E 172 -5.68 38.25 2.60
CA ALA E 172 -6.78 39.02 3.18
C ALA E 172 -8.11 38.57 2.57
N ILE E 173 -8.20 38.65 1.25
CA ILE E 173 -9.41 38.22 0.55
C ILE E 173 -9.87 36.88 1.09
N SER E 174 -8.92 35.98 1.34
CA SER E 174 -9.23 34.67 1.89
C SER E 174 -9.78 34.80 3.32
N SER E 175 -9.12 35.63 4.12
CA SER E 175 -9.53 35.88 5.49
C SER E 175 -11.01 36.25 5.56
N ALA E 176 -11.45 37.08 4.62
CA ALA E 176 -12.86 37.49 4.56
C ALA E 176 -13.76 36.26 4.54
N PHE E 177 -13.50 35.35 3.61
CA PHE E 177 -14.27 34.11 3.53
C PHE E 177 -14.12 33.32 4.81
N PHE E 178 -13.00 33.49 5.51
CA PHE E 178 -12.74 32.81 6.76
C PHE E 178 -13.73 33.25 7.85
N PHE E 179 -13.87 34.55 8.02
CA PHE E 179 -14.81 35.08 9.00
C PHE E 179 -16.22 34.59 8.69
N HIS E 180 -16.59 34.62 7.41
CA HIS E 180 -17.93 34.19 7.01
C HIS E 180 -18.19 32.74 7.42
N ILE E 181 -17.19 31.88 7.28
CA ILE E 181 -17.35 30.47 7.63
C ILE E 181 -17.50 30.30 9.13
N LEU E 182 -16.80 31.13 9.89
CA LEU E 182 -16.91 31.13 11.34
C LEU E 182 -18.29 31.61 11.75
N TRP E 183 -18.69 32.76 11.22
CA TRP E 183 -20.00 33.33 11.44
C TRP E 183 -21.08 32.26 11.27
N VAL E 184 -20.97 31.49 10.20
CA VAL E 184 -21.96 30.47 9.86
C VAL E 184 -21.87 29.26 10.79
N MET E 185 -20.66 28.79 11.05
CA MET E 185 -20.48 27.60 11.89
C MET E 185 -20.91 27.86 13.34
N LYS E 186 -20.75 29.10 13.79
CA LYS E 186 -21.21 29.48 15.12
C LYS E 186 -22.74 29.49 15.11
N LYS E 187 -23.31 30.04 14.05
CA LYS E 187 -24.74 30.06 13.85
C LYS E 187 -25.30 28.65 13.79
N VAL E 188 -24.45 27.70 13.41
CA VAL E 188 -24.85 26.31 13.23
C VAL E 188 -24.75 25.49 14.52
N ILE E 189 -23.84 25.90 15.41
CA ILE E 189 -23.67 25.19 16.68
C ILE E 189 -24.71 25.64 17.68
N ASN E 190 -25.14 26.90 17.58
CA ASN E 190 -26.24 27.40 18.38
C ASN E 190 -27.51 26.63 18.08
N GLU E 191 -27.97 26.70 16.83
CA GLU E 191 -29.15 25.99 16.40
C GLU E 191 -29.02 24.48 16.68
N GLY E 192 -27.80 23.97 16.58
CA GLY E 192 -27.55 22.56 16.84
C GLY E 192 -27.70 22.21 18.31
N LYS E 193 -27.33 23.15 19.18
CA LYS E 193 -27.45 22.95 20.61
C LYS E 193 -28.90 22.95 21.06
N GLU E 194 -29.73 23.75 20.37
CA GLU E 194 -31.15 23.80 20.66
C GLU E 194 -31.79 22.44 20.44
N GLY E 195 -32.52 21.96 21.43
CA GLY E 195 -33.30 20.73 21.29
C GLY E 195 -32.51 19.44 21.47
N ILE E 196 -31.36 19.52 22.13
CA ILE E 196 -30.58 18.31 22.42
C ILE E 196 -30.29 18.20 23.91
N SER E 197 -29.64 17.11 24.31
CA SER E 197 -29.42 16.81 25.72
C SER E 197 -28.29 17.66 26.31
N PRO E 198 -27.88 17.37 27.55
CA PRO E 198 -26.82 18.11 28.21
C PRO E 198 -25.43 17.61 27.81
N ALA E 199 -25.32 16.30 27.58
CA ALA E 199 -24.06 15.70 27.15
C ALA E 199 -23.63 16.27 25.79
N GLY E 200 -24.54 16.23 24.82
CA GLY E 200 -24.28 16.81 23.51
C GLY E 200 -24.00 18.29 23.60
N GLN E 201 -24.81 18.99 24.40
CA GLN E 201 -24.64 20.42 24.59
C GLN E 201 -23.20 20.77 24.96
N LYS E 202 -22.59 19.95 25.80
CA LYS E 202 -21.22 20.19 26.26
C LYS E 202 -20.21 19.92 25.14
N ILE E 203 -20.38 18.79 24.45
CA ILE E 203 -19.47 18.42 23.37
C ILE E 203 -19.38 19.50 22.30
N LEU E 204 -20.52 19.96 21.81
CA LEU E 204 -20.55 20.96 20.75
C LEU E 204 -19.85 22.23 21.20
N SER E 205 -19.98 22.56 22.49
CA SER E 205 -19.28 23.70 23.06
C SER E 205 -17.78 23.46 22.97
N ASN E 206 -17.36 22.21 23.16
CA ASN E 206 -15.96 21.82 23.00
C ASN E 206 -15.57 21.80 21.52
N ILE E 207 -16.45 21.27 20.69
CA ILE E 207 -16.22 21.26 19.25
C ILE E 207 -16.01 22.67 18.71
N TRP E 208 -16.68 23.65 19.32
CA TRP E 208 -16.54 25.04 18.90
C TRP E 208 -15.12 25.57 19.16
N ILE E 209 -14.72 25.65 20.43
CA ILE E 209 -13.39 26.16 20.75
C ILE E 209 -12.32 25.45 19.93
N LEU E 210 -12.43 24.12 19.85
CA LEU E 210 -11.52 23.36 19.03
C LEU E 210 -11.51 23.93 17.62
N PHE E 211 -12.66 23.82 16.96
CA PHE E 211 -12.82 24.34 15.61
C PHE E 211 -12.26 25.76 15.50
N LEU E 212 -12.41 26.54 16.57
CA LEU E 212 -11.98 27.93 16.54
C LEU E 212 -10.46 28.07 16.61
N ILE E 213 -9.85 27.44 17.61
CA ILE E 213 -8.41 27.55 17.80
C ILE E 213 -7.65 26.94 16.63
N SER E 214 -8.09 25.77 16.19
CA SER E 214 -7.40 25.03 15.14
C SER E 214 -7.49 25.72 13.78
N TRP E 215 -8.62 26.35 13.50
CA TRP E 215 -8.82 27.02 12.21
C TRP E 215 -8.10 28.36 12.15
N THR E 216 -7.86 28.96 13.32
CA THR E 216 -7.13 30.22 13.39
C THR E 216 -5.64 29.96 13.19
N LEU E 217 -5.17 28.77 13.58
CA LEU E 217 -3.77 28.41 13.41
C LEU E 217 -3.32 28.56 11.96
N TYR E 218 -4.18 28.17 11.04
CA TYR E 218 -3.84 28.17 9.62
C TYR E 218 -3.34 29.52 9.12
N PRO E 219 -4.16 30.57 9.27
CA PRO E 219 -3.69 31.91 8.92
C PRO E 219 -2.42 32.29 9.69
N GLY E 220 -2.28 31.73 10.88
CA GLY E 220 -1.07 31.94 11.68
C GLY E 220 0.15 31.38 10.97
N ALA E 221 0.03 30.16 10.47
CA ALA E 221 1.11 29.51 9.73
C ALA E 221 1.35 30.20 8.40
N TYR E 222 0.26 30.67 7.78
CA TYR E 222 0.33 31.41 6.52
C TYR E 222 1.32 32.57 6.62
N LEU E 223 1.27 33.29 7.74
CA LEU E 223 2.11 34.46 7.95
C LEU E 223 3.40 34.15 8.71
N MET E 224 3.49 32.93 9.26
CA MET E 224 4.55 32.57 10.21
C MET E 224 5.83 33.42 10.05
N PRO E 225 6.52 33.28 8.92
CA PRO E 225 7.80 33.97 8.69
C PRO E 225 7.81 35.44 9.09
N TYR E 226 6.72 36.15 8.83
CA TYR E 226 6.67 37.60 9.05
C TYR E 226 6.06 38.00 10.39
N LEU E 227 6.05 37.09 11.36
CA LEU E 227 5.36 37.35 12.62
C LEU E 227 6.26 37.96 13.70
N THR E 228 7.49 38.31 13.33
CA THR E 228 8.39 39.05 14.21
C THR E 228 9.20 40.05 13.39
N GLY E 229 8.54 40.73 12.46
CA GLY E 229 9.19 41.72 11.62
C GLY E 229 10.38 41.13 10.87
N ASP E 231 13.18 40.91 8.61
CA ASP E 231 14.13 39.86 8.97
C ASP E 231 14.16 39.66 10.49
N GLY E 232 13.04 39.25 11.05
CA GLY E 232 12.93 39.03 12.49
C GLY E 232 13.50 37.69 12.92
N PHE E 233 13.00 37.16 14.02
CA PHE E 233 13.47 35.88 14.56
C PHE E 233 12.89 34.69 13.81
N LEU E 234 11.69 34.85 13.27
CA LEU E 234 10.99 33.76 12.60
C LEU E 234 11.23 33.76 11.09
N TYR E 235 12.10 34.65 10.61
CA TYR E 235 12.51 34.62 9.22
C TYR E 235 13.77 33.78 9.09
N SER E 236 13.67 32.54 9.56
CA SER E 236 14.81 31.62 9.60
C SER E 236 14.30 30.19 9.57
N GLU E 237 15.18 29.23 9.84
CA GLU E 237 14.78 27.83 9.87
C GLU E 237 13.77 27.58 10.99
N ASP E 238 13.85 28.41 12.03
CA ASP E 238 12.90 28.32 13.14
C ASP E 238 11.49 28.63 12.64
N GLY E 239 11.39 29.62 11.75
CA GLY E 239 10.11 29.97 11.14
C GLY E 239 9.51 28.79 10.39
N VAL E 240 10.37 28.03 9.71
CA VAL E 240 9.95 26.84 8.99
C VAL E 240 9.43 25.79 9.96
N MET E 241 10.25 25.45 10.94
CA MET E 241 9.88 24.47 11.95
C MET E 241 8.53 24.81 12.56
N ALA E 242 8.41 26.05 13.02
CA ALA E 242 7.16 26.52 13.60
C ALA E 242 6.00 26.26 12.66
N ARG E 243 6.05 26.86 11.47
CA ARG E 243 4.99 26.69 10.49
C ARG E 243 4.57 25.23 10.36
N GLN E 244 5.50 24.37 9.96
CA GLN E 244 5.17 22.97 9.72
C GLN E 244 4.55 22.31 10.94
N LEU E 245 5.08 22.63 12.12
CA LEU E 245 4.52 22.12 13.36
C LEU E 245 3.06 22.57 13.48
N VAL E 246 2.86 23.88 13.35
CA VAL E 246 1.52 24.47 13.47
C VAL E 246 0.53 23.80 12.53
N TYR E 247 0.89 23.68 11.25
CA TYR E 247 0.04 23.01 10.28
C TYR E 247 -0.35 21.64 10.81
N THR E 248 0.63 20.81 11.13
CA THR E 248 0.38 19.44 11.56
C THR E 248 -0.55 19.38 12.77
N ILE E 249 -0.24 20.14 13.81
CA ILE E 249 -1.12 20.18 14.97
C ILE E 249 -2.54 20.48 14.49
N ALA E 250 -2.70 21.60 13.78
CA ALA E 250 -4.00 21.99 13.27
C ALA E 250 -4.66 20.85 12.50
N ASP E 251 -4.05 20.45 11.39
CA ASP E 251 -4.60 19.38 10.56
C ASP E 251 -5.07 18.19 11.39
N VAL E 252 -4.28 17.81 12.39
CA VAL E 252 -4.70 16.74 13.29
C VAL E 252 -5.99 17.15 13.99
N SER E 253 -5.94 18.30 14.67
CA SER E 253 -7.06 18.79 15.44
C SER E 253 -8.31 18.94 14.57
N SER E 254 -8.18 19.72 13.51
CA SER E 254 -9.34 20.08 12.69
C SER E 254 -10.03 18.85 12.10
N LYR E 255 -9.31 17.73 12.03
CA LYR E 255 -10.01 16.63 11.35
C LYR E 255 -10.15 15.40 12.27
O LYR E 255 -11.17 14.70 12.21
CB LYR E 255 -9.23 16.19 10.12
CG LYR E 255 -8.73 17.38 9.30
CD LYR E 255 -8.16 16.91 7.95
CE LYR E 255 -7.08 17.88 7.45
NZ LYR E 255 -7.70 18.93 6.64
C1 LYR E 255 -8.31 19.95 7.23
C2 LYR E 255 -7.96 21.24 6.87
C3 LYR E 255 -8.59 22.43 7.29
C4 LYR E 255 -9.78 22.36 8.25
C5 LYR E 255 -8.10 23.67 6.82
C6 LYR E 255 -8.63 24.92 7.16
C7 LYR E 255 -7.87 25.94 6.53
C80 LYR E 255 -8.00 27.31 6.77
C8 LYR E 255 -9.01 27.82 7.79
C9 LYR E 255 -7.17 28.24 6.05
C10 LYR E 255 -7.28 29.57 6.29
C11 LYR E 255 -6.46 30.54 5.58
C12 LYR E 255 -6.61 31.86 5.84
C13 LYR E 255 -7.64 32.30 6.87
C14 LYR E 255 -5.80 32.97 5.17
C15 LYR E 255 -4.51 32.39 4.61
C16 LYR E 255 -4.84 31.18 3.73
C17 LYR E 255 -5.44 30.03 4.54
C18 LYR E 255 -6.18 29.08 3.59
C19 LYR E 255 -4.34 29.28 5.29
N VAL E 256 -9.15 15.13 13.09
CA VAL E 256 -9.18 13.95 13.95
C VAL E 256 -9.88 14.20 15.27
N ILE E 257 -9.36 15.13 16.07
CA ILE E 257 -10.03 15.49 17.32
C ILE E 257 -11.46 15.92 16.99
N TYR E 258 -11.58 16.81 16.01
CA TYR E 258 -12.87 17.27 15.50
C TYR E 258 -13.75 16.08 15.12
N GLY E 259 -13.19 15.17 14.31
CA GLY E 259 -13.91 13.99 13.87
C GLY E 259 -14.34 13.12 15.03
N VAL E 260 -13.47 12.99 16.02
CA VAL E 260 -13.78 12.19 17.20
C VAL E 260 -14.92 12.81 17.98
N LEU E 261 -14.82 14.11 18.26
CA LEU E 261 -15.87 14.81 19.01
C LEU E 261 -17.24 14.60 18.36
N LEU E 262 -17.30 14.76 17.05
CA LEU E 262 -18.54 14.53 16.32
C LEU E 262 -18.98 13.08 16.42
N GLY E 263 -18.04 12.16 16.19
CA GLY E 263 -18.31 10.73 16.29
C GLY E 263 -18.76 10.34 17.68
N ASN E 264 -18.19 10.99 18.69
CA ASN E 264 -18.61 10.79 20.07
C ASN E 264 -20.01 11.33 20.29
N LEU E 265 -20.26 12.54 19.78
CA LEU E 265 -21.56 13.16 19.90
C LEU E 265 -22.66 12.32 19.26
N ALA E 266 -22.30 11.59 18.20
CA ALA E 266 -23.24 10.71 17.54
C ALA E 266 -23.59 9.52 18.43
N ILE E 267 -22.62 9.10 19.24
CA ILE E 267 -22.84 8.00 20.18
C ILE E 267 -23.86 8.40 21.24
N THR E 268 -23.64 9.54 21.88
CA THR E 268 -24.51 10.00 22.96
C THR E 268 -25.95 10.12 22.48
N LEU E 269 -26.21 9.74 21.23
CA LEU E 269 -27.55 9.83 20.66
C LEU E 269 -28.07 8.45 20.26
NA NA F . 22.11 1.20 2.68
C1 LFA G . -10.62 7.96 21.91
C2 LFA G . -9.57 7.49 20.93
C3 LFA G . -9.22 8.58 19.91
C4 LFA G . -8.50 8.00 18.69
C5 LFA G . -8.10 9.10 17.71
C6 LFA G . -6.91 8.70 16.85
C7 LFA G . -5.82 9.77 16.89
C8 LFA G . -4.43 9.16 16.74
C1 LFA H . -2.41 -14.80 20.66
C2 LFA H . -1.83 -14.48 19.30
C3 LFA H . -1.04 -13.17 19.32
C4 LFA H . -0.51 -12.81 17.94
C5 LFA H . -0.16 -11.33 17.84
C6 LFA H . 0.63 -11.02 16.57
C7 LFA H . 1.88 -10.21 16.88
C8 LFA H . 3.15 -10.92 16.42
NA NA I . 19.12 -5.36 -10.08
C1 LFA J . -9.74 -26.28 -0.02
C2 LFA J . -8.75 -25.80 -1.08
C3 LFA J . -8.49 -24.30 -0.95
C4 LFA J . -7.18 -23.88 -1.62
C5 LFA J . -6.88 -22.40 -1.37
C6 LFA J . -5.48 -21.99 -1.86
C7 LFA J . -5.04 -20.68 -1.21
C8 LFA J . -3.76 -20.11 -1.83
C1 LFA K . -1.23 -5.58 3.29
C2 LFA K . -2.30 -4.99 4.18
C3 LFA K . -2.76 -5.99 5.23
C4 LFA K . -3.00 -5.32 6.57
C5 LFA K . -4.37 -5.66 7.15
C6 LFA K . -5.41 -4.61 6.76
C7 LFA K . -6.74 -4.83 7.49
C8 LFA K . -7.53 -5.96 6.86
C9 LFA K . -8.98 -5.93 7.33
C10 LFA K . -9.58 -7.34 7.39
C11 LFA K . -10.96 -7.33 8.03
C12 LFA K . -11.71 -8.64 7.77
C13 LFA K . -13.06 -8.65 8.49
C14 LFA K . -13.92 -9.80 7.99
C1 LFA L . -3.31 -3.69 -1.73
C2 LFA L . -4.10 -4.97 -1.59
C3 LFA L . -4.64 -5.13 -0.18
C4 LFA L . -5.72 -6.21 -0.12
C5 LFA L . -5.17 -7.52 0.44
C6 LFA L . -6.13 -8.18 1.41
C7 LFA L . -6.57 -7.23 2.53
C8 LFA L . -7.72 -7.82 3.34
C9 LFA L . -9.01 -7.00 3.19
C10 LFA L . -10.18 -7.89 2.80
C11 LFA L . -11.34 -7.74 3.78
C12 LFA L . -12.39 -8.82 3.56
C13 LFA L . -13.75 -8.39 4.11
C14 LFA L . -14.76 -9.54 4.08
NA NA M . 12.06 4.39 -18.37
C1 LFA N . -22.77 -8.33 -14.19
C2 LFA N . -21.45 -7.99 -14.87
C3 LFA N . -20.69 -6.93 -14.10
C4 LFA N . -19.26 -6.76 -14.63
C5 LFA N . -18.36 -6.03 -13.63
C6 LFA N . -16.91 -6.48 -13.75
C7 LFA N . -15.99 -5.72 -12.80
C8 LFA N . -14.52 -6.13 -12.98
C1 LFA O . -6.60 -0.13 -2.05
C2 LFA O . -7.58 -1.08 -2.72
C3 LFA O . -8.33 -1.91 -1.70
C4 LFA O . -8.92 -3.17 -2.33
C5 LFA O . -9.14 -4.27 -1.29
C6 LFA O . -9.85 -3.76 -0.05
C7 LFA O . -11.23 -4.39 0.10
C8 LFA O . -11.82 -4.11 1.48
C9 LFA O . -13.32 -3.80 1.40
C10 LFA O . -14.16 -5.00 1.78
C11 LFA O . -15.46 -4.57 2.45
C12 LFA O . -16.48 -5.71 2.50
NA NA P . 10.35 16.65 -10.98
C1 LFA Q . -24.74 13.07 0.42
C2 LFA Q . -23.45 13.87 0.25
C3 LFA Q . -22.24 13.06 0.68
C4 LFA Q . -20.94 13.61 0.07
C5 LFA Q . -19.90 12.51 -0.07
C6 LFA Q . -18.71 12.93 -0.93
C7 LFA Q . -17.71 11.78 -1.11
C8 LFA Q . -16.34 12.27 -1.55
C1 LFA R . -5.74 3.35 2.61
C2 LFA R . -6.76 2.49 1.90
C3 LFA R . -8.10 2.50 2.64
C4 LFA R . -9.26 2.18 1.69
C5 LFA R . -9.59 0.68 1.69
C6 LFA R . -10.32 0.27 2.97
C7 LFA R . -11.52 -0.61 2.66
C8 LFA R . -12.02 -1.33 3.92
C9 LFA R . -13.20 -0.61 4.54
C10 LFA R . -14.48 -1.46 4.48
C11 LFA R . -14.63 -2.34 5.72
C12 LFA R . -16.09 -2.47 6.15
C13 LFA R . -16.37 -1.69 7.43
C14 LFA R . -17.61 -2.22 8.15
NA NA S . 16.86 14.69 1.77
C1 LFA T . -1.90 -0.20 5.85
C2 LFA T . -3.21 -0.82 6.31
C3 LFA T . -4.03 0.15 7.15
C4 LFA T . -5.28 0.63 6.41
C5 LFA T . -6.52 0.58 7.29
C6 LFA T . -7.69 -0.09 6.56
C7 LFA T . -8.90 -0.25 7.46
C8 LFA T . -9.61 -1.58 7.24
C9 LFA T . -10.52 -1.92 8.42
C10 LFA T . -11.30 -3.20 8.18
C11 LFA T . -12.62 -3.20 8.96
C12 LFA T . -13.15 -4.61 9.20
C13 LFA T . -14.34 -4.61 10.17
C14 LFA T . -14.34 -5.84 11.06
#